data_7JTR
#
_entry.id   7JTR
#
_cell.length_a   95.200
_cell.length_b   91.700
_cell.length_c   174.630
_cell.angle_alpha   90.000
_cell.angle_beta   91.440
_cell.angle_gamma   90.000
#
_symmetry.space_group_name_H-M   'P 1 21 1'
#
loop_
_entity.id
_entity.type
_entity.pdbx_description
1 polymer 'Maltose/maltodextrin-binding periplasmic protein'
2 polymer 'single-chain Fv antibody fragment (scFv)'
3 branched alpha-D-glucopyranose-(1-4)-alpha-D-glucopyranose
4 non-polymer 'CHLORIDE ION'
5 water water
#
loop_
_entity_poly.entity_id
_entity_poly.type
_entity_poly.pdbx_seq_one_letter_code
_entity_poly.pdbx_strand_id
1 'polypeptide(L)'
;KIEEGKLVIWINGDKGYNGLAEVGKKFEKDTGIKVTVEHPDKLEEKFPQVAATGDGPDIIFWAHDRFGGYAQSGLLAEIT
PDKAFQDKLYPFTWDAVRYNGKLIAYPIAVEALSLIYNKDLLPNPPKTWEEIPALDKELKAKGKSALMFNLQEPYFTWPL
IAADGGYAFKYENGKYDIKDVGVDNAGAKAGLTFLVDLIKNKHMNADTDYSIAEAAFNKGETAMTINGPWAWSNIDTSKV
NYGVTVLPTFKGQPSKPFVGVLSAGINAASPNKELAKEFLENYLLTDEGLEAVNKDKPLGAVALKSYEEELVKDPRIAAT
MENAQKGEIMPNIPQMSAFWYAVRTAVINAASGRQTVDEALKDAQTRIT
;
A,C,E,G
2 'polypeptide(L)'
;MQVQLQQPGSELVRPGASVKLSCKASGYTFTNSWMHWVKQRPGQGLEWIGNIFPGNGNTNYDENFKSKATLTVDTSSNTA
YMQLSSLTSEDSAVYYCTRGLFAYWGQGTLVTVSAGGGGSGGGGSGGGGSDIVMTQSPSSLAMSVGQKVTMSCKSSQSLL
INNNQKNYLAWYQQKPGQSPKLLVYFASTRESGVPDRFIGSGSGTDFTLTISSVQAEDLADYFCQQHFTAPYTFGGGTKL
EIKREHHHHHH
;
B,D,F,H
#
# COMPACT_ATOMS: atom_id res chain seq x y z
N LYS A 1 31.78 42.41 42.88
CA LYS A 1 30.67 42.14 41.98
C LYS A 1 29.89 40.92 41.58
N ILE A 2 30.58 39.84 41.33
CA ILE A 2 29.98 38.53 41.45
C ILE A 2 30.24 38.13 42.89
N GLU A 3 29.18 37.65 43.54
CA GLU A 3 29.23 37.42 44.97
C GLU A 3 29.98 36.13 45.28
N GLU A 4 30.79 36.20 46.34
CA GLU A 4 31.66 35.11 46.79
C GLU A 4 30.91 34.13 47.67
N GLY A 5 31.02 32.85 47.35
CA GLY A 5 30.58 31.79 48.24
C GLY A 5 29.32 31.07 47.83
N LYS A 6 28.80 31.37 46.64
CA LYS A 6 27.63 30.74 46.05
C LYS A 6 27.85 30.61 44.55
N LEU A 7 27.15 29.64 43.94
CA LEU A 7 27.18 29.38 42.50
C LEU A 7 25.88 29.82 41.85
N VAL A 8 25.98 30.71 40.87
CA VAL A 8 24.86 31.09 40.02
C VAL A 8 25.06 30.45 38.66
N ILE A 9 24.05 29.72 38.19
CA ILE A 9 24.15 28.97 36.95
C ILE A 9 23.07 29.46 36.02
N TRP A 10 23.45 29.74 34.77
CA TRP A 10 22.54 30.07 33.69
C TRP A 10 22.47 28.90 32.74
N ILE A 11 21.25 28.52 32.35
CA ILE A 11 21.02 27.50 31.34
C ILE A 11 19.74 27.89 30.62
N ASN A 12 19.65 27.52 29.34
CA ASN A 12 18.52 27.93 28.52
C ASN A 12 17.24 27.21 28.94
N GLY A 13 16.11 27.91 28.76
CA GLY A 13 14.80 27.47 29.23
C GLY A 13 14.23 26.22 28.55
N ASP A 14 14.84 25.71 27.47
CA ASP A 14 14.36 24.46 26.89
C ASP A 14 15.08 23.24 27.44
N LYS A 15 16.16 23.44 28.18
CA LYS A 15 16.88 22.33 28.80
C LYS A 15 16.34 22.04 30.21
N GLY A 16 16.79 20.93 30.78
CA GLY A 16 16.27 20.49 32.06
C GLY A 16 16.82 21.24 33.26
N TYR A 17 16.42 22.50 33.44
CA TYR A 17 17.00 23.28 34.52
C TYR A 17 16.50 22.80 35.88
N ASN A 18 15.27 22.24 35.93
CA ASN A 18 14.81 21.65 37.19
C ASN A 18 15.70 20.49 37.62
N GLY A 19 16.02 19.59 36.69
CA GLY A 19 16.92 18.49 37.02
C GLY A 19 18.31 18.98 37.35
N LEU A 20 18.76 20.05 36.71
CA LEU A 20 20.05 20.64 37.07
C LEU A 20 20.02 21.20 38.49
N ALA A 21 18.90 21.82 38.88
CA ALA A 21 18.76 22.32 40.23
C ALA A 21 18.70 21.19 41.24
N GLU A 22 18.31 19.98 40.83
CA GLU A 22 18.36 18.87 41.77
C GLU A 22 19.79 18.45 42.01
N VAL A 23 20.64 18.61 40.99
CA VAL A 23 22.07 18.37 41.16
C VAL A 23 22.67 19.45 42.04
N GLY A 24 22.19 20.68 41.91
CA GLY A 24 22.66 21.75 42.76
C GLY A 24 22.21 21.64 44.20
N LYS A 25 21.09 20.97 44.48
CA LYS A 25 20.67 20.75 45.86
C LYS A 25 21.40 19.59 46.50
N LYS A 26 21.79 18.58 45.71
CA LYS A 26 22.74 17.62 46.26
C LYS A 26 24.06 18.30 46.55
N PHE A 27 24.49 19.20 45.67
CA PHE A 27 25.73 19.92 45.92
C PHE A 27 25.63 20.80 47.16
N GLU A 28 24.50 21.47 47.36
CA GLU A 28 24.38 22.41 48.47
C GLU A 28 24.33 21.67 49.81
N LYS A 29 23.49 20.62 49.89
CA LYS A 29 23.48 19.78 51.08
C LYS A 29 24.89 19.32 51.46
N ASP A 30 25.71 18.98 50.47
CA ASP A 30 27.02 18.38 50.72
C ASP A 30 28.06 19.40 51.13
N THR A 31 27.95 20.62 50.61
CA THR A 31 29.01 21.60 50.75
C THR A 31 28.58 22.82 51.54
N GLY A 32 27.28 23.05 51.70
CA GLY A 32 26.83 24.27 52.29
C GLY A 32 26.80 25.45 51.36
N ILE A 33 27.13 25.27 50.09
CA ILE A 33 27.26 26.35 49.12
C ILE A 33 25.94 26.46 48.38
N LYS A 34 25.35 27.65 48.37
CA LYS A 34 24.03 27.80 47.79
C LYS A 34 24.15 27.88 46.27
N VAL A 35 23.34 27.09 45.57
CA VAL A 35 23.36 27.00 44.11
C VAL A 35 22.00 27.45 43.61
N THR A 36 21.98 28.46 42.76
CA THR A 36 20.75 28.92 42.15
C THR A 36 20.88 28.78 40.63
N VAL A 37 20.04 27.92 40.04
CA VAL A 37 20.01 27.70 38.60
C VAL A 37 18.95 28.61 38.03
N GLU A 38 19.29 29.38 36.99
CA GLU A 38 18.31 30.26 36.35
C GLU A 38 18.38 30.16 34.83
N HIS A 39 17.29 30.58 34.21
CA HIS A 39 17.13 30.55 32.75
C HIS A 39 16.58 31.87 32.23
N PRO A 40 17.39 32.92 32.20
CA PRO A 40 16.93 34.18 31.61
C PRO A 40 16.77 34.08 30.11
N ASP A 41 15.86 34.88 29.57
CA ASP A 41 15.70 34.96 28.12
C ASP A 41 16.94 35.55 27.47
N LYS A 42 17.21 35.15 26.22
CA LYS A 42 18.31 35.70 25.44
C LYS A 42 19.63 35.60 26.22
N LEU A 43 19.79 34.53 26.99
CA LEU A 43 20.94 34.47 27.90
C LEU A 43 22.25 34.40 27.14
N GLU A 44 22.24 33.84 25.92
CA GLU A 44 23.47 33.81 25.11
C GLU A 44 23.93 35.23 24.81
N GLU A 45 23.00 36.18 24.79
CA GLU A 45 23.31 37.57 24.50
C GLU A 45 23.50 38.41 25.76
N LYS A 46 22.83 38.07 26.86
CA LYS A 46 23.04 38.84 28.08
C LYS A 46 24.40 38.53 28.70
N PHE A 47 24.88 37.29 28.53
CA PHE A 47 26.15 36.93 29.13
C PHE A 47 27.30 37.81 28.69
N PRO A 48 27.57 38.01 27.39
CA PRO A 48 28.75 38.81 27.01
C PRO A 48 28.67 40.25 27.46
N GLN A 49 27.46 40.82 27.54
CA GLN A 49 27.34 42.18 28.05
C GLN A 49 27.68 42.26 29.53
N VAL A 50 26.92 41.54 30.37
CA VAL A 50 27.11 41.65 31.81
C VAL A 50 28.47 41.13 32.22
N ALA A 51 28.90 39.98 31.67
CA ALA A 51 30.18 39.41 32.08
C ALA A 51 31.36 40.29 31.68
N ALA A 52 31.16 41.20 30.71
CA ALA A 52 32.19 42.15 30.34
C ALA A 52 32.39 43.19 31.43
N THR A 53 31.29 43.63 32.05
CA THR A 53 31.51 44.42 33.27
C THR A 53 31.91 43.56 34.43
N GLY A 54 32.14 42.30 34.09
CA GLY A 54 32.55 41.25 35.02
C GLY A 54 31.40 40.59 35.76
N ASP A 55 30.18 40.69 35.25
CA ASP A 55 29.00 40.28 36.02
C ASP A 55 28.48 38.94 35.50
N GLY A 56 27.21 38.66 35.74
CA GLY A 56 26.62 37.44 35.24
C GLY A 56 26.85 36.24 36.11
N PRO A 57 26.55 35.07 35.57
CA PRO A 57 26.61 33.85 36.37
C PRO A 57 28.03 33.35 36.53
N ASP A 58 28.20 32.43 37.48
CA ASP A 58 29.46 31.73 37.63
C ASP A 58 29.65 30.69 36.54
N ILE A 59 28.54 30.08 36.10
CA ILE A 59 28.54 29.04 35.07
C ILE A 59 27.45 29.33 34.05
N ILE A 60 27.81 29.26 32.76
CA ILE A 60 26.88 29.43 31.65
C ILE A 60 26.82 28.16 30.83
N PHE A 61 25.61 27.67 30.59
CA PHE A 61 25.37 26.52 29.74
C PHE A 61 24.89 27.00 28.38
N TRP A 62 25.56 26.54 27.32
CA TRP A 62 25.13 26.81 25.96
C TRP A 62 25.85 25.83 25.05
N ALA A 63 25.42 25.82 23.79
CA ALA A 63 26.15 25.08 22.76
C ALA A 63 27.50 25.73 22.56
N HIS A 64 28.49 24.91 22.27
CA HIS A 64 29.88 25.37 22.22
C HIS A 64 30.10 26.52 21.25
N ASP A 65 29.19 26.75 20.28
CA ASP A 65 29.53 27.68 19.20
C ASP A 65 29.74 29.11 19.71
N ARG A 66 29.06 29.50 20.79
CA ARG A 66 29.11 30.90 21.13
C ARG A 66 30.30 31.15 22.06
N PHE A 67 30.98 30.07 22.45
CA PHE A 67 31.98 30.11 23.51
C PHE A 67 33.33 30.62 23.04
N GLY A 68 33.63 30.54 21.74
CA GLY A 68 34.86 31.10 21.23
C GLY A 68 34.85 32.61 21.22
N GLY A 69 33.70 33.21 20.87
CA GLY A 69 33.57 34.65 21.00
C GLY A 69 33.63 35.11 22.45
N TYR A 70 33.15 34.27 23.38
CA TYR A 70 33.31 34.54 24.81
C TYR A 70 34.77 34.49 25.23
N ALA A 71 35.49 33.46 24.80
CA ALA A 71 36.89 33.31 25.15
C ALA A 71 37.72 34.41 24.50
N GLN A 72 37.43 34.75 23.26
CA GLN A 72 38.17 35.83 22.60
C GLN A 72 38.07 37.12 23.40
N SER A 73 36.88 37.44 23.89
CA SER A 73 36.76 38.59 24.79
C SER A 73 37.36 38.34 26.18
N GLY A 74 37.92 37.17 26.45
CA GLY A 74 38.48 36.89 27.76
C GLY A 74 37.47 36.79 28.87
N LEU A 75 36.25 36.36 28.55
CA LEU A 75 35.16 36.25 29.51
C LEU A 75 35.00 34.85 30.08
N LEU A 76 35.82 33.90 29.64
CA LEU A 76 35.73 32.57 30.18
C LEU A 76 37.07 32.16 30.74
N ALA A 77 37.03 31.48 31.87
CA ALA A 77 38.24 30.99 32.50
C ALA A 77 38.65 29.68 31.87
N GLU A 78 39.95 29.42 31.89
CA GLU A 78 40.50 28.14 31.45
C GLU A 78 40.22 27.07 32.51
N ILE A 79 39.42 26.08 32.13
CA ILE A 79 39.15 24.98 33.04
C ILE A 79 40.39 24.09 33.14
N THR A 80 40.46 23.32 34.22
CA THR A 80 41.69 22.61 34.59
C THR A 80 41.41 21.17 34.98
N PRO A 81 40.80 20.38 34.11
CA PRO A 81 40.57 18.97 34.46
C PRO A 81 41.85 18.16 34.31
N ASP A 82 42.12 17.32 35.29
CA ASP A 82 43.28 16.47 35.12
C ASP A 82 43.00 15.41 34.06
N LYS A 83 44.06 14.68 33.71
CA LYS A 83 43.94 13.66 32.67
C LYS A 83 42.97 12.57 33.06
N ALA A 84 42.85 12.31 34.36
CA ALA A 84 41.91 11.30 34.80
C ALA A 84 40.49 11.71 34.47
N PHE A 85 40.21 13.01 34.58
CA PHE A 85 38.87 13.50 34.30
C PHE A 85 38.58 13.52 32.80
N GLN A 86 39.54 13.95 31.98
CA GLN A 86 39.34 14.03 30.55
C GLN A 86 39.06 12.66 29.95
N ASP A 87 39.67 11.61 30.48
CA ASP A 87 39.45 10.28 29.90
C ASP A 87 38.04 9.77 30.11
N LYS A 88 37.24 10.37 31.00
CA LYS A 88 35.88 9.90 31.08
C LYS A 88 34.96 10.55 30.04
N LEU A 89 35.44 11.50 29.24
CA LEU A 89 34.61 12.18 28.26
C LEU A 89 35.17 11.89 26.88
N TYR A 90 34.29 11.84 25.88
CA TYR A 90 34.72 11.46 24.54
C TYR A 90 35.70 12.51 24.03
N PRO A 91 36.83 12.11 23.44
CA PRO A 91 37.83 13.10 23.00
C PRO A 91 37.29 14.11 21.97
N PHE A 92 36.35 13.72 21.10
CA PHE A 92 35.90 14.74 20.15
C PHE A 92 35.12 15.85 20.84
N THR A 93 34.44 15.58 21.95
CA THR A 93 33.69 16.64 22.62
C THR A 93 34.60 17.67 23.29
N TRP A 94 35.77 17.25 23.78
CA TRP A 94 36.75 18.24 24.25
C TRP A 94 37.15 19.18 23.12
N ASP A 95 37.27 18.66 21.88
CA ASP A 95 37.66 19.51 20.75
C ASP A 95 36.69 20.68 20.56
N ALA A 96 35.40 20.44 20.71
CA ALA A 96 34.46 21.53 20.49
C ALA A 96 34.63 22.66 21.50
N VAL A 97 35.21 22.40 22.66
CA VAL A 97 35.39 23.41 23.71
C VAL A 97 36.84 23.89 23.82
N ARG A 98 37.67 23.62 22.81
CA ARG A 98 39.03 24.16 22.72
C ARG A 98 39.07 25.42 21.87
N TYR A 99 39.77 26.43 22.37
CA TYR A 99 39.92 27.70 21.65
C TYR A 99 41.33 28.20 21.88
N ASN A 100 42.09 28.37 20.79
CA ASN A 100 43.51 28.72 20.87
C ASN A 100 44.25 27.75 21.79
N GLY A 101 44.01 26.46 21.57
CA GLY A 101 44.64 25.39 22.32
C GLY A 101 44.21 25.22 23.76
N LYS A 102 43.26 26.00 24.26
CA LYS A 102 42.88 25.97 25.66
C LYS A 102 41.44 25.48 25.83
N LEU A 103 41.23 24.56 26.77
CA LEU A 103 39.88 24.16 27.12
C LEU A 103 39.18 25.30 27.87
N ILE A 104 38.01 25.70 27.37
CA ILE A 104 37.28 26.86 27.89
C ILE A 104 35.87 26.49 28.38
N ALA A 105 35.59 25.20 28.56
CA ALA A 105 34.27 24.77 28.99
C ALA A 105 34.29 23.26 29.22
N TYR A 106 33.31 22.80 30.00
CA TYR A 106 33.08 21.36 30.16
C TYR A 106 31.99 20.90 29.19
N PRO A 107 32.27 19.97 28.29
CA PRO A 107 31.21 19.47 27.39
C PRO A 107 30.24 18.55 28.12
N ILE A 108 28.95 18.73 27.82
CA ILE A 108 27.87 18.02 28.50
C ILE A 108 27.21 17.00 27.57
N ALA A 109 26.62 17.47 26.45
CA ALA A 109 25.84 16.62 25.55
C ALA A 109 25.94 17.10 24.11
N VAL A 110 25.81 16.16 23.17
CA VAL A 110 25.90 16.46 21.74
C VAL A 110 24.52 16.44 21.09
N GLU A 111 24.14 17.56 20.51
CA GLU A 111 22.78 17.81 20.06
C GLU A 111 22.70 17.87 18.53
N ALA A 112 21.73 17.16 17.97
CA ALA A 112 21.38 17.32 16.57
C ALA A 112 19.86 17.21 16.40
N LEU A 113 19.33 18.00 15.46
CA LEU A 113 17.93 17.86 15.09
C LEU A 113 17.69 16.49 14.48
N SER A 114 16.45 16.03 14.63
CA SER A 114 15.95 14.83 14.01
C SER A 114 14.56 15.13 13.50
N LEU A 115 14.04 14.21 12.69
CA LEU A 115 12.66 14.29 12.26
C LEU A 115 11.83 13.47 13.24
N ILE A 116 10.85 14.12 13.84
CA ILE A 116 9.92 13.49 14.77
C ILE A 116 8.59 13.40 14.07
N TYR A 117 7.96 12.23 14.12
CA TYR A 117 6.71 12.03 13.38
C TYR A 117 5.71 11.25 14.22
N ASN A 118 4.43 11.57 14.00
CA ASN A 118 3.31 10.90 14.65
C ASN A 118 2.94 9.63 13.88
N LYS A 119 3.19 8.47 14.48
CA LYS A 119 2.91 7.22 13.79
C LYS A 119 1.41 6.94 13.63
N ASP A 120 0.56 7.60 14.42
CA ASP A 120 -0.88 7.52 14.20
C ASP A 120 -1.25 8.16 12.86
N LEU A 121 -0.71 9.35 12.60
CA LEU A 121 -1.01 10.06 11.37
C LEU A 121 -0.18 9.57 10.20
N LEU A 122 0.99 9.05 10.47
CA LEU A 122 1.92 8.83 9.38
C LEU A 122 2.87 7.72 9.77
N PRO A 123 2.48 6.46 9.57
CA PRO A 123 3.33 5.34 10.01
C PRO A 123 4.62 5.22 9.22
N ASN A 124 4.70 5.77 8.03
CA ASN A 124 5.91 5.66 7.22
C ASN A 124 6.43 7.05 6.92
N PRO A 125 7.45 7.53 7.62
CA PRO A 125 7.88 8.91 7.42
C PRO A 125 8.49 9.09 6.03
N PRO A 126 8.35 10.28 5.45
CA PRO A 126 8.91 10.50 4.12
C PRO A 126 10.42 10.60 4.17
N LYS A 127 11.07 9.98 3.19
CA LYS A 127 12.52 9.99 3.13
C LYS A 127 13.06 11.20 2.40
N THR A 128 12.20 11.99 1.75
CA THR A 128 12.67 13.15 1.01
C THR A 128 11.82 14.36 1.37
N TRP A 129 12.45 15.53 1.28
CA TRP A 129 11.71 16.78 1.38
C TRP A 129 10.74 16.94 0.21
N GLU A 130 11.08 16.41 -0.97
CA GLU A 130 10.28 16.66 -2.16
C GLU A 130 8.89 16.03 -2.07
N GLU A 131 8.73 14.97 -1.29
CA GLU A 131 7.43 14.32 -1.16
C GLU A 131 6.56 14.97 -0.08
N ILE A 132 7.01 16.07 0.52
CA ILE A 132 6.31 16.66 1.67
C ILE A 132 5.10 17.48 1.21
N PRO A 133 5.18 18.26 0.12
CA PRO A 133 3.96 18.91 -0.42
C PRO A 133 2.77 17.97 -0.63
N ALA A 134 2.98 16.86 -1.34
CA ALA A 134 1.90 15.90 -1.57
C ALA A 134 1.36 15.37 -0.25
N LEU A 135 2.27 15.03 0.65
CA LEU A 135 1.88 14.53 1.96
C LEU A 135 1.00 15.52 2.70
N ASP A 136 1.28 16.81 2.56
CA ASP A 136 0.47 17.81 3.25
C ASP A 136 -0.92 17.88 2.63
N LYS A 137 -0.99 17.78 1.31
CA LYS A 137 -2.28 17.85 0.63
C LYS A 137 -3.18 16.71 1.09
N GLU A 138 -2.63 15.50 1.20
CA GLU A 138 -3.44 14.41 1.70
C GLU A 138 -3.89 14.69 3.14
N LEU A 139 -2.95 15.08 4.01
CA LEU A 139 -3.29 15.29 5.41
C LEU A 139 -4.28 16.43 5.62
N LYS A 140 -4.22 17.48 4.80
CA LYS A 140 -5.17 18.59 5.01
C LYS A 140 -6.59 18.16 4.69
N ALA A 141 -6.77 17.21 3.76
CA ALA A 141 -8.08 16.63 3.51
C ALA A 141 -8.59 15.82 4.69
N LYS A 142 -7.78 15.66 5.75
CA LYS A 142 -8.21 15.04 7.00
C LYS A 142 -8.16 16.01 8.17
N GLY A 143 -8.00 17.31 7.93
CA GLY A 143 -7.89 18.26 9.01
C GLY A 143 -6.56 18.30 9.73
N LYS A 144 -5.51 17.71 9.17
CA LYS A 144 -4.16 17.71 9.72
C LYS A 144 -3.22 18.42 8.77
N SER A 145 -1.93 18.46 9.09
CA SER A 145 -0.91 19.01 8.21
C SER A 145 0.35 18.16 8.30
N ALA A 146 1.25 18.37 7.35
CA ALA A 146 2.39 17.46 7.28
C ALA A 146 3.49 17.85 8.27
N LEU A 147 3.86 19.13 8.33
CA LEU A 147 5.08 19.49 9.02
C LEU A 147 4.94 20.87 9.66
N MET A 148 5.41 20.99 10.90
CA MET A 148 5.42 22.26 11.62
C MET A 148 6.70 22.30 12.45
N PHE A 149 7.59 23.25 12.17
CA PHE A 149 8.77 23.40 13.00
C PHE A 149 9.11 24.87 13.13
N ASN A 150 10.06 25.18 14.01
CA ASN A 150 10.39 26.56 14.39
C ASN A 150 11.15 27.26 13.28
N LEU A 151 10.51 28.23 12.61
CA LEU A 151 11.13 28.97 11.52
C LEU A 151 11.81 30.25 11.95
N GLN A 152 11.69 30.64 13.21
CA GLN A 152 12.29 31.88 13.65
C GLN A 152 13.75 31.71 14.05
N GLU A 153 14.22 30.47 14.15
CA GLU A 153 15.59 30.24 14.53
C GLU A 153 16.32 29.52 13.40
N PRO A 154 17.37 30.12 12.83
CA PRO A 154 18.01 29.49 11.66
C PRO A 154 18.56 28.10 11.94
N TYR A 155 18.81 27.79 13.21
CA TYR A 155 19.24 26.45 13.60
C TYR A 155 18.34 25.38 13.00
N PHE A 156 17.07 25.69 12.86
CA PHE A 156 16.09 24.69 12.46
C PHE A 156 15.96 24.58 10.96
N THR A 157 16.23 25.66 10.24
CA THR A 157 16.17 25.64 8.79
C THR A 157 17.53 25.37 8.16
N TRP A 158 18.60 25.52 8.92
CA TRP A 158 19.93 25.25 8.38
C TRP A 158 20.10 23.85 7.80
N PRO A 159 19.62 22.76 8.42
CA PRO A 159 19.85 21.43 7.82
C PRO A 159 19.40 21.35 6.38
N LEU A 160 18.30 22.01 6.03
CA LEU A 160 17.80 22.01 4.66
C LEU A 160 18.64 22.91 3.77
N ILE A 161 19.00 24.09 4.27
CA ILE A 161 19.79 25.07 3.52
C ILE A 161 21.15 24.51 3.14
N ALA A 162 21.71 23.63 3.97
CA ALA A 162 23.04 23.07 3.71
C ALA A 162 22.98 21.77 2.92
N ALA A 163 21.82 21.12 2.86
CA ALA A 163 21.74 19.81 2.25
C ALA A 163 22.31 19.82 0.82
N ASP A 164 21.94 20.82 0.01
CA ASP A 164 22.37 20.95 -1.39
C ASP A 164 23.65 21.78 -1.55
N GLY A 165 24.39 22.05 -0.47
CA GLY A 165 25.68 22.70 -0.61
C GLY A 165 25.87 24.04 0.08
N GLY A 166 24.89 24.55 0.84
CA GLY A 166 25.16 25.68 1.70
C GLY A 166 26.13 25.30 2.80
N TYR A 167 26.95 26.28 3.21
CA TYR A 167 27.85 26.07 4.33
C TYR A 167 28.12 27.42 4.99
N ALA A 168 28.65 27.37 6.22
CA ALA A 168 28.94 28.58 6.98
C ALA A 168 30.28 29.18 6.58
N PHE A 169 31.36 28.62 7.13
CA PHE A 169 32.72 29.01 6.81
C PHE A 169 33.43 27.78 6.30
N LYS A 170 34.03 27.88 5.10
CA LYS A 170 34.71 26.73 4.53
C LYS A 170 35.89 26.31 5.40
N TYR A 171 35.94 25.00 5.68
CA TYR A 171 36.99 24.39 6.50
C TYR A 171 38.08 23.85 5.57
N GLU A 172 39.22 24.54 5.52
CA GLU A 172 40.31 24.13 4.63
C GLU A 172 41.63 24.24 5.38
N ASN A 173 42.43 23.16 5.36
CA ASN A 173 43.74 23.11 6.02
C ASN A 173 43.69 23.42 7.52
N GLY A 174 42.70 22.84 8.20
CA GLY A 174 42.60 22.93 9.66
C GLY A 174 42.18 24.26 10.27
N LYS A 175 41.60 25.17 9.49
CA LYS A 175 40.94 26.38 9.99
C LYS A 175 39.68 26.64 9.20
N TYR A 176 38.93 27.57 9.75
CA TYR A 176 37.71 28.07 9.15
C TYR A 176 38.09 29.35 8.43
N ASP A 177 38.07 29.30 7.10
CA ASP A 177 38.43 30.47 6.33
C ASP A 177 37.26 31.44 6.39
N ILE A 178 37.48 32.60 7.02
CA ILE A 178 36.38 33.48 7.29
C ILE A 178 36.06 34.44 6.15
N LYS A 179 36.79 34.46 5.00
CA LYS A 179 36.23 35.18 3.86
C LYS A 179 35.40 34.25 2.97
N ASP A 180 35.39 32.94 3.23
CA ASP A 180 34.72 32.01 2.31
C ASP A 180 33.48 31.48 3.03
N VAL A 181 32.36 32.12 2.73
CA VAL A 181 31.07 31.87 3.34
C VAL A 181 30.16 31.27 2.28
N GLY A 182 29.49 30.17 2.60
CA GLY A 182 28.60 29.58 1.62
C GLY A 182 27.13 29.72 1.91
N VAL A 183 26.72 30.91 2.36
CA VAL A 183 25.31 31.16 2.62
C VAL A 183 24.60 31.72 1.40
N ASP A 184 25.33 31.98 0.32
CA ASP A 184 24.73 32.62 -0.84
C ASP A 184 25.13 31.91 -2.13
N ASN A 185 25.46 30.62 -2.05
CA ASN A 185 25.77 29.82 -3.25
C ASN A 185 24.48 29.16 -3.77
N ALA A 186 24.63 28.29 -4.78
CA ALA A 186 23.47 27.66 -5.40
C ALA A 186 22.80 26.66 -4.46
N GLY A 187 23.58 26.00 -3.61
CA GLY A 187 22.99 25.09 -2.64
C GLY A 187 22.09 25.80 -1.66
N ALA A 188 22.55 26.93 -1.13
CA ALA A 188 21.77 27.68 -0.15
C ALA A 188 20.50 28.23 -0.77
N LYS A 189 20.60 28.76 -1.99
CA LYS A 189 19.41 29.27 -2.66
C LYS A 189 18.40 28.17 -2.91
N ALA A 190 18.87 27.00 -3.37
CA ALA A 190 17.96 25.91 -3.65
C ALA A 190 17.22 25.47 -2.39
N GLY A 191 17.95 25.30 -1.28
CA GLY A 191 17.33 24.83 -0.06
C GLY A 191 16.34 25.83 0.50
N LEU A 192 16.74 27.09 0.61
CA LEU A 192 15.83 28.08 1.16
C LEU A 192 14.67 28.35 0.21
N THR A 193 14.90 28.26 -1.11
CA THR A 193 13.80 28.40 -2.08
C THR A 193 12.77 27.31 -1.87
N PHE A 194 13.21 26.07 -1.64
CA PHE A 194 12.25 25.01 -1.35
C PHE A 194 11.38 25.37 -0.16
N LEU A 195 11.99 25.87 0.94
CA LEU A 195 11.23 26.22 2.14
C LEU A 195 10.25 27.34 1.87
N VAL A 196 10.70 28.40 1.19
CA VAL A 196 9.80 29.47 0.78
C VAL A 196 8.66 28.94 -0.09
N ASP A 197 8.95 28.01 -1.01
CA ASP A 197 7.89 27.49 -1.87
C ASP A 197 6.84 26.73 -1.07
N LEU A 198 7.26 26.03 -0.01
CA LEU A 198 6.29 25.33 0.82
C LEU A 198 5.33 26.32 1.45
N ILE A 199 5.86 27.45 1.92
CA ILE A 199 5.01 28.48 2.50
C ILE A 199 4.12 29.08 1.43
N LYS A 200 4.69 29.41 0.27
CA LYS A 200 3.90 30.03 -0.78
C LYS A 200 2.76 29.10 -1.17
N ASN A 201 3.01 27.80 -1.19
CA ASN A 201 2.00 26.81 -1.49
C ASN A 201 1.16 26.41 -0.29
N LYS A 202 1.20 27.15 0.82
CA LYS A 202 0.27 26.98 1.93
C LYS A 202 0.51 25.71 2.74
N HIS A 203 1.66 25.07 2.58
CA HIS A 203 2.02 23.86 3.31
C HIS A 203 2.58 24.18 4.70
N MET A 204 3.26 25.31 4.85
CA MET A 204 3.58 25.82 6.17
C MET A 204 3.22 27.27 6.25
N ASN A 205 3.21 27.78 7.48
CA ASN A 205 2.94 29.18 7.73
C ASN A 205 4.24 29.83 8.18
N ALA A 206 4.55 30.98 7.61
CA ALA A 206 5.86 31.56 7.90
C ALA A 206 5.99 32.05 9.32
N ASP A 207 4.88 32.34 10.03
CA ASP A 207 5.03 32.83 11.40
C ASP A 207 5.33 31.74 12.42
N THR A 208 5.30 30.47 12.04
CA THR A 208 5.39 29.39 13.03
C THR A 208 6.70 29.46 13.81
N ASP A 209 6.59 29.44 15.14
CA ASP A 209 7.76 29.42 16.01
C ASP A 209 7.77 28.13 16.86
N TYR A 210 8.63 28.14 17.89
CA TYR A 210 8.85 26.95 18.69
C TYR A 210 7.60 26.53 19.45
N SER A 211 6.93 27.47 20.12
CA SER A 211 5.74 27.11 20.90
C SER A 211 4.64 26.59 19.98
N ILE A 212 4.41 27.29 18.86
CA ILE A 212 3.35 26.91 17.93
C ILE A 212 3.59 25.50 17.40
N ALA A 213 4.80 25.22 16.94
CA ALA A 213 5.07 23.92 16.36
C ALA A 213 4.97 22.83 17.44
N GLU A 214 5.52 23.09 18.62
CA GLU A 214 5.52 22.09 19.68
C GLU A 214 4.11 21.73 20.11
N ALA A 215 3.22 22.73 20.19
CA ALA A 215 1.83 22.45 20.56
C ALA A 215 1.12 21.70 19.44
N ALA A 216 1.31 22.11 18.18
CA ALA A 216 0.66 21.42 17.07
C ALA A 216 1.04 19.96 17.03
N PHE A 217 2.33 19.66 17.19
CA PHE A 217 2.72 18.24 17.16
C PHE A 217 2.19 17.49 18.37
N ASN A 218 2.25 18.08 19.55
CA ASN A 218 1.90 17.34 20.75
C ASN A 218 0.39 17.22 20.93
N LYS A 219 -0.40 18.06 20.29
CA LYS A 219 -1.86 17.87 20.25
C LYS A 219 -2.30 17.08 19.00
N GLY A 220 -1.36 16.49 18.26
CA GLY A 220 -1.71 15.61 17.17
C GLY A 220 -2.31 16.32 15.98
N GLU A 221 -1.99 17.60 15.78
CA GLU A 221 -2.52 18.35 14.66
C GLU A 221 -1.63 18.30 13.43
N THR A 222 -0.33 18.13 13.62
CA THR A 222 0.63 17.99 12.53
C THR A 222 1.29 16.62 12.60
N ALA A 223 1.72 16.12 11.45
CA ALA A 223 2.26 14.76 11.40
C ALA A 223 3.73 14.71 11.76
N MET A 224 4.45 15.81 11.57
CA MET A 224 5.90 15.78 11.71
C MET A 224 6.39 17.08 12.30
N THR A 225 7.51 16.98 12.98
CA THR A 225 8.19 18.18 13.42
C THR A 225 9.69 17.89 13.34
N ILE A 226 10.49 18.93 13.51
CA ILE A 226 11.93 18.80 13.56
C ILE A 226 12.40 19.39 14.89
N ASN A 227 13.09 18.59 15.69
CA ASN A 227 13.46 19.09 17.01
C ASN A 227 14.54 18.21 17.63
N GLY A 228 15.13 18.74 18.71
CA GLY A 228 16.17 18.08 19.42
C GLY A 228 15.63 17.18 20.51
N PRO A 229 16.51 16.44 21.16
CA PRO A 229 16.08 15.48 22.20
C PRO A 229 15.49 16.13 23.47
N TRP A 230 15.77 17.40 23.73
CA TRP A 230 15.13 18.07 24.86
C TRP A 230 13.62 18.10 24.74
N ALA A 231 13.08 17.95 23.53
CA ALA A 231 11.65 18.03 23.26
C ALA A 231 10.96 16.71 23.47
N TRP A 232 11.70 15.63 23.66
CA TRP A 232 11.08 14.32 23.79
C TRP A 232 10.27 14.21 25.06
N SER A 233 10.62 15.01 26.05
CA SER A 233 10.01 14.88 27.37
C SER A 233 8.53 15.24 27.31
N ASN A 234 8.21 16.33 26.62
CA ASN A 234 6.82 16.78 26.51
C ASN A 234 6.03 15.92 25.51
N ILE A 235 6.70 15.29 24.56
CA ILE A 235 5.98 14.37 23.70
C ILE A 235 5.60 13.13 24.49
N ASP A 236 6.51 12.66 25.34
CA ASP A 236 6.28 11.49 26.16
C ASP A 236 5.08 11.66 27.08
N THR A 237 4.96 12.81 27.75
CA THR A 237 3.83 12.97 28.66
C THR A 237 2.50 13.09 27.92
N SER A 238 2.53 13.31 26.60
CA SER A 238 1.34 13.76 25.87
C SER A 238 0.82 12.80 24.81
N LYS A 239 0.65 11.51 25.12
CA LYS A 239 -0.25 10.67 24.33
C LYS A 239 0.13 10.35 22.85
N VAL A 240 1.02 11.10 22.22
CA VAL A 240 1.35 10.88 20.81
C VAL A 240 2.32 9.71 20.68
N ASN A 241 1.93 8.70 19.91
CA ASN A 241 2.89 7.65 19.52
C ASN A 241 3.84 8.20 18.48
N TYR A 242 5.08 8.44 18.87
CA TYR A 242 5.99 9.16 17.99
C TYR A 242 7.21 8.31 17.70
N GLY A 243 7.85 8.65 16.58
CA GLY A 243 9.11 8.08 16.22
C GLY A 243 10.08 9.21 15.96
N VAL A 244 11.38 8.86 16.00
CA VAL A 244 12.47 9.80 15.81
C VAL A 244 13.39 9.20 14.75
N THR A 245 13.58 9.91 13.63
CA THR A 245 14.22 9.27 12.48
C THR A 245 15.13 10.26 11.75
N VAL A 246 15.75 9.77 10.67
CA VAL A 246 16.68 10.58 9.87
C VAL A 246 15.91 11.74 9.25
N LEU A 247 16.59 12.86 9.08
CA LEU A 247 15.96 13.97 8.39
C LEU A 247 15.80 13.63 6.90
N PRO A 248 14.72 14.09 6.27
CA PRO A 248 14.49 13.74 4.87
C PRO A 248 15.58 14.32 3.99
N THR A 249 15.90 13.60 2.91
CA THR A 249 16.92 14.08 1.98
C THR A 249 16.36 15.22 1.13
N PHE A 250 17.28 16.01 0.57
CA PHE A 250 16.93 17.04 -0.40
C PHE A 250 17.82 16.82 -1.63
N LYS A 251 17.19 16.65 -2.80
CA LYS A 251 17.91 16.43 -4.05
C LYS A 251 18.88 15.26 -3.91
N GLY A 252 18.43 14.19 -3.26
CA GLY A 252 19.27 13.05 -2.93
C GLY A 252 20.25 13.25 -1.78
N GLN A 253 20.42 14.47 -1.27
CA GLN A 253 21.51 14.55 -0.31
C GLN A 253 21.00 14.67 1.14
N PRO A 254 21.75 14.12 2.10
CA PRO A 254 21.29 14.18 3.50
C PRO A 254 21.13 15.61 4.00
N SER A 255 20.08 15.83 4.77
CA SER A 255 20.00 17.06 5.54
C SER A 255 21.17 17.12 6.51
N LYS A 256 21.78 18.30 6.63
CA LYS A 256 23.03 18.45 7.36
C LYS A 256 22.85 19.42 8.53
N PRO A 257 22.35 18.93 9.66
CA PRO A 257 22.17 19.82 10.81
C PRO A 257 23.51 20.21 11.42
N PHE A 258 23.59 21.47 11.84
CA PHE A 258 24.70 21.90 12.68
C PHE A 258 24.65 21.17 14.00
N VAL A 259 25.74 20.50 14.36
CA VAL A 259 25.77 19.75 15.61
C VAL A 259 26.33 20.63 16.72
N GLY A 260 25.59 20.71 17.81
CA GLY A 260 25.97 21.51 18.96
C GLY A 260 26.33 20.64 20.16
N VAL A 261 27.41 21.01 20.84
CA VAL A 261 27.77 20.37 22.09
C VAL A 261 27.36 21.32 23.21
N LEU A 262 26.34 20.95 23.98
CA LEU A 262 25.97 21.72 25.17
C LEU A 262 27.15 21.75 26.13
N SER A 263 27.55 22.94 26.56
CA SER A 263 28.76 23.08 27.35
C SER A 263 28.59 24.03 28.53
N ALA A 264 29.42 23.83 29.56
CA ALA A 264 29.41 24.66 30.77
C ALA A 264 30.69 25.48 30.83
N GLY A 265 30.55 26.80 30.74
CA GLY A 265 31.68 27.70 30.87
C GLY A 265 31.73 28.35 32.25
N ILE A 266 32.93 28.77 32.66
CA ILE A 266 33.14 29.43 33.95
C ILE A 266 33.47 30.90 33.70
N ASN A 267 32.70 31.80 34.32
CA ASN A 267 32.90 33.23 34.14
C ASN A 267 34.30 33.63 34.57
N ALA A 268 34.98 34.41 33.73
CA ALA A 268 36.34 34.84 34.06
C ALA A 268 36.38 35.68 35.34
N ALA A 269 35.34 36.50 35.55
CA ALA A 269 35.22 37.34 36.74
C ALA A 269 34.61 36.60 37.91
N SER A 270 34.51 35.28 37.85
CA SER A 270 33.87 34.66 39.01
C SER A 270 34.91 34.40 40.10
N PRO A 271 34.56 34.67 41.36
CA PRO A 271 35.43 34.31 42.48
C PRO A 271 35.31 32.86 42.91
N ASN A 272 34.37 32.10 42.35
CA ASN A 272 34.07 30.75 42.80
C ASN A 272 34.56 29.68 41.81
N LYS A 273 35.63 29.98 41.07
CA LYS A 273 36.14 29.07 40.05
C LYS A 273 36.40 27.66 40.60
N GLU A 274 36.87 27.58 41.85
CA GLU A 274 37.20 26.28 42.42
C GLU A 274 35.95 25.48 42.79
N LEU A 275 34.87 26.18 43.15
CA LEU A 275 33.59 25.56 43.45
C LEU A 275 32.89 25.11 42.16
N ALA A 276 32.94 25.95 41.12
CA ALA A 276 32.33 25.56 39.84
C ALA A 276 32.97 24.28 39.30
N LYS A 277 34.28 24.16 39.42
CA LYS A 277 34.95 22.93 39.04
C LYS A 277 34.41 21.76 39.86
N GLU A 278 34.20 21.98 41.17
CA GLU A 278 33.73 20.88 42.00
C GLU A 278 32.31 20.45 41.60
N PHE A 279 31.44 21.42 41.34
CA PHE A 279 30.08 21.10 40.92
C PHE A 279 30.07 20.39 39.58
N LEU A 280 30.77 20.94 38.58
CA LEU A 280 30.72 20.37 37.24
C LEU A 280 31.40 19.01 37.20
N GLU A 281 32.56 18.89 37.81
CA GLU A 281 33.35 17.66 37.65
C GLU A 281 32.82 16.52 38.49
N ASN A 282 32.47 16.79 39.75
CA ASN A 282 32.17 15.73 40.70
C ASN A 282 30.69 15.56 41.01
N TYR A 283 29.84 16.46 40.51
CA TYR A 283 28.39 16.35 40.67
C TYR A 283 27.65 16.24 39.34
N LEU A 284 27.90 17.16 38.40
CA LEU A 284 27.11 17.12 37.17
C LEU A 284 27.55 15.99 36.26
N LEU A 285 28.83 15.91 35.96
CA LEU A 285 29.34 14.89 35.05
C LEU A 285 29.50 13.55 35.77
N THR A 286 28.41 13.13 36.40
CA THR A 286 28.25 11.83 37.04
C THR A 286 27.18 11.08 36.27
N ASP A 287 27.18 9.75 36.40
CA ASP A 287 26.01 9.01 35.94
C ASP A 287 24.75 9.60 36.56
N GLU A 288 24.80 9.87 37.87
CA GLU A 288 23.62 10.33 38.60
C GLU A 288 23.27 11.77 38.26
N GLY A 289 24.29 12.64 38.11
CA GLY A 289 24.01 14.04 37.81
C GLY A 289 23.37 14.21 36.46
N LEU A 290 23.91 13.54 35.45
CA LEU A 290 23.35 13.62 34.12
C LEU A 290 21.96 12.99 34.07
N GLU A 291 21.76 11.87 34.78
CA GLU A 291 20.42 11.29 34.84
C GLU A 291 19.42 12.27 35.41
N ALA A 292 19.83 13.02 36.45
CA ALA A 292 18.93 14.00 37.04
C ALA A 292 18.51 15.04 36.01
N VAL A 293 19.45 15.51 35.19
CA VAL A 293 19.10 16.46 34.13
C VAL A 293 18.32 15.76 33.03
N ASN A 294 18.72 14.53 32.70
CA ASN A 294 18.10 13.80 31.59
C ASN A 294 16.63 13.48 31.86
N LYS A 295 16.28 13.22 33.12
CA LYS A 295 14.91 12.89 33.49
C LYS A 295 14.00 14.10 33.37
N ASP A 296 14.56 15.29 33.50
CA ASP A 296 13.76 16.49 33.30
C ASP A 296 13.50 16.74 31.82
N LYS A 297 14.56 16.96 31.01
CA LYS A 297 14.48 17.07 29.52
C LYS A 297 15.71 16.34 28.97
N PRO A 298 15.54 15.40 28.04
CA PRO A 298 16.68 14.60 27.60
C PRO A 298 17.82 15.45 27.03
N LEU A 299 19.03 14.97 27.27
CA LEU A 299 20.23 15.69 26.88
C LEU A 299 20.66 15.37 25.46
N GLY A 300 20.21 14.22 24.94
CA GLY A 300 20.68 13.67 23.69
C GLY A 300 21.75 12.65 23.97
N ALA A 301 22.76 12.59 23.10
CA ALA A 301 23.93 11.79 23.38
C ALA A 301 24.84 12.61 24.27
N VAL A 302 25.36 12.00 25.34
CA VAL A 302 26.09 12.76 26.34
C VAL A 302 27.58 12.56 26.16
N ALA A 303 28.35 13.58 26.59
CA ALA A 303 29.80 13.51 26.45
C ALA A 303 30.44 12.52 27.40
N LEU A 304 29.73 12.10 28.44
CA LEU A 304 30.34 11.23 29.44
C LEU A 304 30.15 9.76 29.09
N LYS A 305 31.27 9.07 28.91
CA LYS A 305 31.32 7.74 28.31
C LYS A 305 30.47 6.74 29.08
N SER A 306 30.64 6.70 30.40
CA SER A 306 29.99 5.67 31.20
C SER A 306 28.48 5.72 31.04
N TYR A 307 27.93 6.93 30.95
CA TYR A 307 26.48 7.11 30.85
C TYR A 307 26.01 6.92 29.41
N GLU A 308 26.77 7.40 28.44
CA GLU A 308 26.43 7.18 27.04
C GLU A 308 26.29 5.71 26.69
N GLU A 309 26.99 4.81 27.38
CA GLU A 309 26.96 3.42 26.95
C GLU A 309 25.64 2.72 27.24
N GLU A 310 24.81 3.24 28.13
CA GLU A 310 23.44 2.75 28.19
C GLU A 310 22.45 3.70 27.53
N LEU A 311 22.87 4.89 27.15
CA LEU A 311 21.99 5.75 26.36
C LEU A 311 21.97 5.37 24.88
N VAL A 312 22.94 4.60 24.39
CA VAL A 312 22.97 4.33 22.95
C VAL A 312 22.09 3.16 22.55
N LYS A 313 21.64 2.36 23.50
CA LYS A 313 20.67 1.34 23.15
C LYS A 313 19.28 1.92 22.87
N ASP A 314 19.11 3.23 23.03
CA ASP A 314 17.84 3.90 22.76
C ASP A 314 17.75 4.22 21.28
N PRO A 315 16.73 3.72 20.57
CA PRO A 315 16.64 4.01 19.12
C PRO A 315 16.72 5.49 18.82
N ARG A 316 16.11 6.31 19.66
CA ARG A 316 16.08 7.75 19.40
C ARG A 316 17.47 8.36 19.51
N ILE A 317 18.31 7.83 20.39
CA ILE A 317 19.69 8.31 20.49
C ILE A 317 20.46 7.95 19.23
N ALA A 318 20.28 6.73 18.73
CA ALA A 318 20.89 6.33 17.45
C ALA A 318 20.48 7.27 16.32
N ALA A 319 19.18 7.58 16.20
CA ALA A 319 18.71 8.50 15.16
C ALA A 319 19.36 9.88 15.31
N THR A 320 19.47 10.35 16.56
CA THR A 320 20.15 11.62 16.85
C THR A 320 21.58 11.57 16.36
N MET A 321 22.27 10.46 16.63
CA MET A 321 23.67 10.32 16.25
C MET A 321 23.81 10.23 14.74
N GLU A 322 22.89 9.53 14.07
CA GLU A 322 22.97 9.46 12.62
C GLU A 322 22.71 10.83 11.99
N ASN A 323 21.68 11.53 12.46
CA ASN A 323 21.47 12.90 11.99
C ASN A 323 22.67 13.77 12.32
N ALA A 324 23.29 13.56 13.50
CA ALA A 324 24.49 14.34 13.82
C ALA A 324 25.64 13.94 12.92
N GLN A 325 25.72 12.65 12.61
CA GLN A 325 26.85 12.21 11.82
C GLN A 325 26.76 12.74 10.39
N LYS A 326 25.54 12.95 9.89
CA LYS A 326 25.35 13.48 8.54
C LYS A 326 25.51 14.99 8.45
N GLY A 327 25.55 15.69 9.58
CA GLY A 327 25.74 17.13 9.59
C GLY A 327 27.17 17.50 9.94
N GLU A 328 27.34 18.72 10.42
CA GLU A 328 28.66 19.26 10.73
C GLU A 328 28.67 19.73 12.19
N ILE A 329 29.78 19.46 12.89
CA ILE A 329 29.98 19.99 14.24
C ILE A 329 30.09 21.51 14.09
N MET A 330 29.41 22.26 14.95
CA MET A 330 29.52 23.71 14.81
C MET A 330 30.96 24.18 15.06
N PRO A 331 31.44 25.13 14.29
CA PRO A 331 32.65 25.87 14.69
C PRO A 331 32.36 26.78 15.87
N ASN A 332 33.39 27.05 16.67
CA ASN A 332 33.25 27.98 17.78
C ASN A 332 33.92 29.33 17.55
N ILE A 333 34.40 29.60 16.35
CA ILE A 333 35.08 30.87 16.05
C ILE A 333 34.17 32.04 16.44
N PRO A 334 34.70 33.22 16.74
CA PRO A 334 33.84 34.34 17.17
C PRO A 334 32.85 34.82 16.11
N GLN A 335 33.14 34.63 14.82
CA GLN A 335 32.27 35.07 13.73
C GLN A 335 30.94 34.33 13.67
N MET A 336 30.79 33.26 14.46
CA MET A 336 29.54 32.52 14.52
C MET A 336 28.33 33.38 14.88
N SER A 337 28.51 34.41 15.71
CA SER A 337 27.36 35.24 16.09
C SER A 337 26.86 36.04 14.91
N ALA A 338 27.78 36.69 14.19
CA ALA A 338 27.38 37.46 13.02
C ALA A 338 26.71 36.54 12.02
N PHE A 339 27.27 35.35 11.83
CA PHE A 339 26.68 34.35 10.94
C PHE A 339 25.23 34.07 11.32
N TRP A 340 24.98 33.79 12.61
CA TRP A 340 23.64 33.40 13.01
C TRP A 340 22.67 34.56 12.84
N TYR A 341 23.10 35.80 13.14
CA TYR A 341 22.14 36.89 13.04
C TYR A 341 21.90 37.24 11.58
N ALA A 342 22.86 36.93 10.71
CA ALA A 342 22.68 37.19 9.30
C ALA A 342 21.75 36.16 8.68
N VAL A 343 21.97 34.88 8.97
CA VAL A 343 21.09 33.86 8.41
C VAL A 343 19.68 33.98 8.97
N ARG A 344 19.54 34.38 10.24
CA ARG A 344 18.22 34.52 10.84
C ARG A 344 17.37 35.53 10.10
N THR A 345 17.93 36.72 9.84
CA THR A 345 17.19 37.73 9.11
C THR A 345 16.88 37.26 7.70
N ALA A 346 17.81 36.48 7.13
CA ALA A 346 17.64 35.99 5.77
C ALA A 346 16.49 35.00 5.69
N VAL A 347 16.37 34.13 6.70
CA VAL A 347 15.33 33.10 6.66
C VAL A 347 13.97 33.71 6.95
N ILE A 348 13.89 34.64 7.90
CA ILE A 348 12.60 35.27 8.20
C ILE A 348 12.15 36.13 7.04
N ASN A 349 13.07 36.84 6.41
CA ASN A 349 12.65 37.71 5.32
C ASN A 349 12.22 36.90 4.11
N ALA A 350 13.01 35.87 3.76
CA ALA A 350 12.63 35.01 2.64
C ALA A 350 11.31 34.29 2.94
N ALA A 351 11.14 33.81 4.17
CA ALA A 351 9.95 33.04 4.48
C ALA A 351 8.69 33.88 4.29
N SER A 352 8.69 35.11 4.83
CA SER A 352 7.52 35.96 4.74
C SER A 352 7.36 36.67 3.39
N GLY A 353 8.40 36.74 2.57
CA GLY A 353 8.36 37.50 1.35
C GLY A 353 8.91 38.91 1.48
N ARG A 354 9.28 39.32 2.70
CA ARG A 354 9.87 40.64 2.93
C ARG A 354 11.09 40.87 2.05
N GLN A 355 11.79 39.79 1.67
CA GLN A 355 12.91 39.82 0.75
C GLN A 355 12.80 38.59 -0.15
N THR A 356 13.37 38.67 -1.35
CA THR A 356 13.49 37.48 -2.16
C THR A 356 14.58 36.59 -1.56
N VAL A 357 14.57 35.32 -1.97
CA VAL A 357 15.56 34.40 -1.44
C VAL A 357 16.94 34.87 -1.82
N ASP A 358 17.06 35.47 -3.01
CA ASP A 358 18.37 35.83 -3.53
C ASP A 358 18.95 37.07 -2.87
N GLU A 359 18.15 38.07 -2.59
CA GLU A 359 18.82 39.14 -1.92
C GLU A 359 18.85 38.96 -0.38
N ALA A 360 17.93 38.17 0.18
CA ALA A 360 18.05 37.83 1.60
C ALA A 360 19.36 37.10 1.86
N LEU A 361 19.73 36.18 0.98
CA LEU A 361 20.97 35.48 1.19
C LEU A 361 22.16 36.32 0.77
N LYS A 362 21.93 37.32 -0.11
CA LYS A 362 23.06 38.15 -0.49
C LYS A 362 23.40 39.14 0.59
N ASP A 363 22.37 39.65 1.25
CA ASP A 363 22.54 40.49 2.43
C ASP A 363 23.15 39.70 3.57
N ALA A 364 22.76 38.43 3.73
CA ALA A 364 23.38 37.62 4.77
C ALA A 364 24.87 37.48 4.52
N GLN A 365 25.29 37.43 3.24
CA GLN A 365 26.69 37.19 2.96
C GLN A 365 27.55 38.43 3.12
N THR A 366 27.05 39.63 2.77
CA THR A 366 27.79 40.85 3.07
C THR A 366 27.99 41.04 4.58
N ARG A 367 27.01 40.67 5.39
CA ARG A 367 27.13 40.97 6.81
C ARG A 367 28.12 40.04 7.50
N ILE A 368 28.29 38.83 6.98
CA ILE A 368 29.30 37.95 7.53
C ILE A 368 30.69 38.30 7.02
N THR A 369 30.77 39.00 5.88
CA THR A 369 32.05 39.35 5.26
C THR A 369 32.20 40.87 5.08
N GLN B 2 32.03 6.42 51.83
CA GLN B 2 33.39 6.86 51.56
C GLN B 2 33.77 8.09 52.40
N VAL B 3 32.80 8.93 52.75
CA VAL B 3 33.08 10.11 53.56
C VAL B 3 33.22 9.69 55.02
N GLN B 4 34.28 10.18 55.67
CA GLN B 4 34.50 9.87 57.09
C GLN B 4 34.96 11.13 57.82
N LEU B 5 34.48 11.29 59.04
CA LEU B 5 34.89 12.38 59.91
C LEU B 5 35.37 11.76 61.22
N GLN B 6 36.66 11.49 61.32
CA GLN B 6 37.21 10.88 62.52
C GLN B 6 37.42 11.93 63.61
N GLN B 7 36.73 11.73 64.74
CA GLN B 7 36.86 12.46 65.97
C GLN B 7 37.31 11.54 67.09
N PRO B 8 38.19 12.03 67.98
CA PRO B 8 38.56 11.23 69.15
C PRO B 8 37.35 10.93 70.01
N GLY B 9 37.38 9.77 70.65
CA GLY B 9 36.27 9.36 71.48
C GLY B 9 35.99 10.32 72.64
N SER B 10 37.03 10.77 73.35
CA SER B 10 36.78 11.52 74.59
C SER B 10 37.99 12.33 75.04
N GLU B 11 37.69 13.40 75.79
CA GLU B 11 38.69 14.23 76.46
C GLU B 11 38.31 14.46 77.93
N LEU B 12 39.30 14.39 78.82
CA LEU B 12 39.08 14.65 80.25
C LEU B 12 39.86 15.92 80.62
N VAL B 13 39.12 16.91 81.13
CA VAL B 13 39.56 18.28 81.31
C VAL B 13 38.89 18.85 82.57
N ARG B 14 39.46 19.97 83.07
CA ARG B 14 39.04 20.65 84.29
C ARG B 14 38.85 22.16 84.16
N PRO B 15 38.06 22.78 85.05
CA PRO B 15 37.65 24.18 84.80
C PRO B 15 38.87 25.08 84.60
N GLY B 16 38.69 26.13 83.81
CA GLY B 16 39.76 27.05 83.47
C GLY B 16 40.76 26.55 82.45
N ALA B 17 40.81 25.25 82.19
CA ALA B 17 41.76 24.73 81.21
C ALA B 17 41.19 24.86 79.78
N SER B 18 41.95 24.33 78.82
CA SER B 18 41.56 24.33 77.42
C SER B 18 41.79 22.95 76.81
N VAL B 19 41.02 22.66 75.77
CA VAL B 19 41.22 21.45 74.97
C VAL B 19 40.96 21.80 73.52
N LYS B 20 41.70 21.13 72.66
CA LYS B 20 41.65 21.33 71.22
C LYS B 20 41.09 20.04 70.64
N LEU B 21 39.90 20.13 70.04
CA LEU B 21 39.27 18.96 69.44
C LEU B 21 39.54 18.91 67.94
N SER B 22 39.81 17.70 67.46
CA SER B 22 40.26 17.45 66.11
C SER B 22 39.21 16.67 65.34
N CYS B 23 39.04 17.04 64.06
CA CYS B 23 38.15 16.34 63.12
C CYS B 23 38.86 16.14 61.78
N LYS B 24 39.08 14.86 61.44
CA LYS B 24 39.87 14.34 60.31
C LYS B 24 38.93 13.99 59.15
N ALA B 25 39.06 14.64 58.00
CA ALA B 25 38.06 14.44 56.93
C ALA B 25 38.68 13.69 55.75
N SER B 26 37.98 12.67 55.28
CA SER B 26 38.43 11.90 54.15
C SER B 26 37.22 11.58 53.25
N GLY B 27 37.52 11.27 51.99
CA GLY B 27 36.49 10.84 51.05
C GLY B 27 35.77 11.96 50.32
N TYR B 28 36.24 13.19 50.44
CA TYR B 28 35.63 14.32 49.75
C TYR B 28 36.65 15.44 49.71
N THR B 29 36.30 16.50 48.98
CA THR B 29 37.24 17.60 48.77
C THR B 29 37.09 18.56 49.94
N PHE B 30 38.08 18.48 50.83
CA PHE B 30 37.99 19.10 52.15
C PHE B 30 37.91 20.63 52.03
N THR B 31 38.51 21.18 50.99
CA THR B 31 38.59 22.63 50.83
C THR B 31 37.27 23.27 50.44
N ASN B 32 36.32 22.51 49.88
CA ASN B 32 35.12 23.09 49.27
C ASN B 32 33.85 22.87 50.09
N SER B 33 33.95 22.34 51.31
CA SER B 33 32.77 22.09 52.13
C SER B 33 32.88 22.83 53.46
N TRP B 34 31.86 23.64 53.77
CA TRP B 34 31.74 24.24 55.10
C TRP B 34 31.76 23.16 56.18
N MET B 35 32.42 23.44 57.30
CA MET B 35 32.45 22.50 58.41
C MET B 35 31.84 23.16 59.66
N HIS B 36 30.80 22.56 60.20
CA HIS B 36 30.14 23.03 61.42
C HIS B 36 30.59 22.21 62.63
N TRP B 37 30.43 22.81 63.80
CA TRP B 37 30.64 22.11 65.08
C TRP B 37 29.36 22.23 65.88
N VAL B 38 28.90 21.12 66.45
CA VAL B 38 27.63 21.10 67.16
C VAL B 38 27.82 20.49 68.55
N LYS B 39 27.25 21.12 69.56
CA LYS B 39 27.31 20.61 70.92
C LYS B 39 26.02 19.90 71.28
N GLN B 40 26.15 18.77 71.95
CA GLN B 40 24.98 18.06 72.47
C GLN B 40 25.28 17.68 73.91
N ARG B 41 24.67 18.42 74.83
CA ARG B 41 24.72 18.22 76.29
C ARG B 41 23.53 17.42 76.75
N PRO B 42 23.72 16.40 77.59
CA PRO B 42 22.54 15.69 78.13
C PRO B 42 21.62 16.67 78.87
N GLY B 43 20.33 16.60 78.55
CA GLY B 43 19.34 17.50 79.07
C GLY B 43 19.12 18.77 78.28
N GLN B 44 19.94 19.02 77.27
CA GLN B 44 19.82 20.14 76.35
C GLN B 44 19.84 19.54 74.96
N GLY B 45 19.12 20.15 74.02
CA GLY B 45 19.13 19.60 72.68
C GLY B 45 20.48 19.75 72.00
N LEU B 46 20.48 20.08 70.72
CA LEU B 46 21.73 20.35 70.01
C LEU B 46 21.76 21.84 69.69
N GLU B 47 22.91 22.47 69.90
CA GLU B 47 23.10 23.85 69.49
C GLU B 47 24.36 23.95 68.64
N TRP B 48 24.22 24.74 67.60
CA TRP B 48 25.32 25.04 66.71
C TRP B 48 26.31 25.95 67.40
N ILE B 49 27.58 25.59 67.30
CA ILE B 49 28.68 26.40 67.86
C ILE B 49 29.16 27.42 66.85
N GLY B 50 29.47 26.95 65.64
CA GLY B 50 30.00 27.79 64.59
C GLY B 50 30.44 26.95 63.41
N ASN B 51 31.04 27.62 62.43
CA ASN B 51 31.47 26.90 61.23
C ASN B 51 32.69 27.56 60.62
N ILE B 52 33.43 26.76 59.88
CA ILE B 52 34.66 27.15 59.22
C ILE B 52 34.54 26.75 57.75
N PHE B 53 34.87 27.68 56.84
CA PHE B 53 35.07 27.26 55.46
C PHE B 53 36.54 27.01 55.21
N PRO B 54 37.00 25.75 55.12
CA PRO B 54 38.44 25.49 55.07
C PRO B 54 39.14 26.13 53.89
N GLY B 55 38.43 26.45 52.81
CA GLY B 55 39.05 27.00 51.62
C GLY B 55 39.61 28.39 51.78
N ASN B 56 39.02 29.21 52.65
CA ASN B 56 39.55 30.53 52.91
C ASN B 56 39.61 30.87 54.40
N GLY B 57 39.19 29.95 55.27
CA GLY B 57 39.32 30.20 56.69
C GLY B 57 38.25 31.11 57.26
N ASN B 58 37.23 31.48 56.48
CA ASN B 58 36.16 32.26 57.05
C ASN B 58 35.45 31.48 58.13
N THR B 59 35.00 32.21 59.14
CA THR B 59 34.36 31.60 60.28
C THR B 59 33.10 32.39 60.57
N ASN B 60 32.16 31.71 61.23
CA ASN B 60 31.01 32.33 61.87
C ASN B 60 30.81 31.63 63.19
N TYR B 61 30.51 32.43 64.22
CA TYR B 61 30.34 31.96 65.59
C TYR B 61 28.94 32.30 66.07
N ASP B 62 28.29 31.33 66.71
CA ASP B 62 27.12 31.60 67.55
C ASP B 62 27.54 32.46 68.76
N GLU B 63 26.57 33.13 69.41
CA GLU B 63 26.95 34.08 70.46
C GLU B 63 27.53 33.38 71.67
N ASN B 64 26.99 32.23 72.01
CA ASN B 64 27.43 31.49 73.18
C ASN B 64 28.76 30.84 72.99
N PHE B 65 29.40 31.01 71.84
CA PHE B 65 30.69 30.40 71.63
C PHE B 65 31.71 31.37 71.05
N LYS B 66 31.29 32.61 70.78
CA LYS B 66 32.25 33.69 70.62
C LYS B 66 32.98 33.80 71.94
N SER B 67 34.30 33.96 71.88
CA SER B 67 35.15 34.03 73.06
C SER B 67 35.13 32.73 73.87
N LYS B 68 34.61 31.64 73.33
CA LYS B 68 34.65 30.37 74.04
C LYS B 68 35.20 29.29 73.13
N ALA B 69 34.88 29.41 71.84
CA ALA B 69 35.40 28.56 70.79
C ALA B 69 36.15 29.34 69.72
N THR B 70 37.23 28.74 69.22
CA THR B 70 37.92 29.25 68.04
C THR B 70 38.17 28.07 67.09
N LEU B 71 37.83 28.30 65.82
CA LEU B 71 37.90 27.30 64.76
C LEU B 71 39.06 27.57 63.81
N THR B 72 39.73 26.49 63.46
CA THR B 72 40.93 26.52 62.64
C THR B 72 40.93 25.28 61.75
N VAL B 73 41.82 25.30 60.76
CA VAL B 73 41.87 24.27 59.74
C VAL B 73 43.33 23.97 59.48
N ASP B 74 43.66 22.73 59.21
CA ASP B 74 44.95 22.48 58.58
C ASP B 74 44.69 21.91 57.19
N THR B 75 44.83 22.79 56.19
CA THR B 75 44.59 22.44 54.78
C THR B 75 45.27 21.13 54.44
N SER B 76 46.56 21.02 54.77
CA SER B 76 47.42 19.91 54.36
C SER B 76 47.04 18.57 55.00
N SER B 77 46.48 18.57 56.23
CA SER B 77 46.09 17.31 56.86
C SER B 77 44.60 17.03 56.79
N ASN B 78 43.81 17.92 56.19
CA ASN B 78 42.37 17.72 56.02
C ASN B 78 41.69 17.60 57.39
N THR B 79 42.18 18.38 58.35
CA THR B 79 41.70 18.27 59.72
C THR B 79 41.18 19.63 60.18
N ALA B 80 39.98 19.63 60.75
CA ALA B 80 39.39 20.78 61.41
C ALA B 80 39.61 20.71 62.92
N TYR B 81 39.77 21.88 63.53
CA TYR B 81 40.07 22.00 64.95
C TYR B 81 39.08 22.95 65.61
N MET B 82 38.66 22.59 66.83
CA MET B 82 37.91 23.47 67.71
C MET B 82 38.64 23.64 69.02
N GLN B 83 38.91 24.88 69.39
CA GLN B 83 39.54 25.23 70.66
C GLN B 83 38.46 25.73 71.60
N LEU B 84 38.31 25.06 72.75
CA LEU B 84 37.44 25.58 73.81
C LEU B 84 38.28 26.15 74.94
N SER B 85 38.05 27.41 75.25
CA SER B 85 38.71 28.14 76.31
C SER B 85 37.95 27.98 77.63
N SER B 86 38.58 28.47 78.71
CA SER B 86 37.97 28.66 80.02
C SER B 86 36.91 27.64 80.36
N LEU B 87 37.28 26.37 80.45
CA LEU B 87 36.25 25.35 80.57
C LEU B 87 35.52 25.46 81.91
N THR B 88 34.27 25.00 81.91
CA THR B 88 33.44 24.98 83.11
C THR B 88 32.61 23.71 83.09
N SER B 89 31.94 23.43 84.22
CA SER B 89 31.15 22.20 84.34
C SER B 89 30.11 22.06 83.24
N GLU B 90 29.52 23.19 82.84
CA GLU B 90 28.43 23.20 81.89
C GLU B 90 28.87 22.93 80.45
N ASP B 91 30.17 22.92 80.18
CA ASP B 91 30.73 22.61 78.88
C ASP B 91 30.88 21.11 78.67
N SER B 92 30.52 20.29 79.65
CA SER B 92 30.56 18.84 79.47
C SER B 92 29.50 18.45 78.46
N ALA B 93 29.94 17.97 77.30
CA ALA B 93 28.99 17.54 76.27
C ALA B 93 29.71 16.70 75.25
N VAL B 94 28.92 16.08 74.38
CA VAL B 94 29.46 15.48 73.18
C VAL B 94 29.57 16.57 72.12
N TYR B 95 30.72 16.67 71.48
CA TYR B 95 30.97 17.71 70.50
C TYR B 95 31.14 17.08 69.13
N TYR B 96 30.34 17.56 68.17
CA TYR B 96 30.30 17.04 66.81
C TYR B 96 30.89 18.02 65.82
N CYS B 97 31.62 17.49 64.83
CA CYS B 97 31.88 18.20 63.59
C CYS B 97 30.99 17.60 62.53
N THR B 98 30.45 18.46 61.69
CA THR B 98 29.50 18.05 60.67
C THR B 98 29.76 18.85 59.40
N ARG B 99 29.69 18.17 58.26
CA ARG B 99 30.08 18.74 56.98
C ARG B 99 28.88 19.20 56.16
N GLY B 100 29.04 20.30 55.42
CA GLY B 100 27.98 20.77 54.54
C GLY B 100 26.83 21.40 55.31
N LEU B 101 25.61 21.12 54.86
CA LEU B 101 24.42 21.49 55.62
C LEU B 101 24.12 20.37 56.62
N PHE B 102 25.03 20.20 57.56
CA PHE B 102 24.84 19.21 58.61
C PHE B 102 24.48 17.86 57.98
N ALA B 103 25.21 17.50 56.93
CA ALA B 103 24.90 16.34 56.08
C ALA B 103 25.57 15.06 56.58
N TYR B 104 26.85 15.13 56.92
CA TYR B 104 27.56 14.02 57.53
C TYR B 104 28.20 14.49 58.83
N TRP B 105 28.07 13.66 59.86
CA TRP B 105 28.49 13.97 61.21
C TRP B 105 29.60 13.01 61.61
N GLY B 106 30.64 13.55 62.23
CA GLY B 106 31.58 12.71 62.95
C GLY B 106 30.91 12.04 64.13
N GLN B 107 31.62 11.08 64.72
CA GLN B 107 31.02 10.30 65.79
C GLN B 107 31.04 11.02 67.13
N GLY B 108 31.65 12.20 67.18
CA GLY B 108 31.58 13.03 68.37
C GLY B 108 32.56 12.70 69.48
N THR B 109 33.16 13.74 70.04
CA THR B 109 34.08 13.64 71.17
C THR B 109 33.37 14.07 72.45
N LEU B 110 33.36 13.21 73.46
CA LEU B 110 32.80 13.54 74.76
C LEU B 110 33.88 14.17 75.62
N VAL B 111 33.70 15.44 76.01
CA VAL B 111 34.60 16.10 76.94
C VAL B 111 33.93 16.19 78.32
N THR B 112 34.64 15.74 79.35
CA THR B 112 34.15 15.80 80.72
C THR B 112 35.03 16.75 81.53
N VAL B 113 34.43 17.82 82.04
CA VAL B 113 35.11 18.73 82.94
C VAL B 113 34.71 18.27 84.35
N SER B 114 35.53 17.42 84.93
CA SER B 114 35.35 17.05 86.30
C SER B 114 36.64 17.39 87.00
N ALA B 115 36.91 16.74 88.11
CA ALA B 115 38.13 17.03 88.81
C ALA B 115 39.09 15.87 88.66
N ASP B 131 17.61 32.94 66.97
CA ASP B 131 16.40 33.75 66.76
C ASP B 131 15.17 32.98 66.21
N ILE B 132 15.40 31.96 65.35
CA ILE B 132 14.32 31.13 64.83
C ILE B 132 14.04 30.01 65.81
N VAL B 133 12.75 29.74 66.08
CA VAL B 133 12.33 28.76 67.05
C VAL B 133 11.69 27.59 66.31
N MET B 134 12.15 26.38 66.60
CA MET B 134 11.64 25.17 65.96
C MET B 134 10.90 24.33 67.01
N THR B 135 9.60 24.18 66.83
CA THR B 135 8.77 23.44 67.78
C THR B 135 8.43 22.09 67.16
N GLN B 136 9.00 21.04 67.72
CA GLN B 136 8.78 19.67 67.27
C GLN B 136 7.82 18.97 68.21
N SER B 137 7.00 18.08 67.66
CA SER B 137 5.99 17.41 68.46
C SER B 137 5.62 16.08 67.81
N PRO B 138 5.28 15.04 68.61
CA PRO B 138 5.31 14.95 70.06
C PRO B 138 6.72 14.75 70.56
N SER B 139 7.02 15.10 71.81
CA SER B 139 8.39 14.99 72.32
C SER B 139 8.80 13.54 72.54
N SER B 140 7.85 12.64 72.72
CA SER B 140 8.15 11.22 72.82
C SER B 140 6.93 10.46 72.35
N LEU B 141 7.15 9.22 71.90
CA LEU B 141 6.02 8.49 71.35
C LEU B 141 6.38 7.02 71.32
N ALA B 142 5.38 6.16 71.55
CA ALA B 142 5.57 4.71 71.59
C ALA B 142 4.57 4.06 70.64
N MET B 143 5.07 3.41 69.59
CA MET B 143 4.24 2.78 68.56
C MET B 143 4.63 1.33 68.39
N SER B 144 3.75 0.56 67.73
CA SER B 144 4.02 -0.83 67.41
C SER B 144 4.49 -0.96 65.96
N VAL B 145 5.27 -2.01 65.67
CA VAL B 145 5.75 -2.22 64.31
C VAL B 145 4.56 -2.35 63.36
N GLY B 146 4.69 -1.73 62.20
CA GLY B 146 3.68 -1.72 61.18
C GLY B 146 2.79 -0.51 61.19
N GLN B 147 2.75 0.23 62.29
CA GLN B 147 1.86 1.37 62.40
C GLN B 147 2.47 2.58 61.72
N LYS B 148 1.62 3.55 61.44
CA LYS B 148 2.07 4.78 60.80
C LYS B 148 2.48 5.77 61.89
N VAL B 149 3.65 6.39 61.74
CA VAL B 149 4.13 7.37 62.71
C VAL B 149 4.26 8.72 62.01
N THR B 150 3.73 9.76 62.67
CA THR B 150 3.73 11.13 62.15
C THR B 150 4.41 12.05 63.15
N MET B 151 5.49 12.70 62.74
CA MET B 151 6.17 13.66 63.59
C MET B 151 6.13 15.03 62.93
N SER B 152 5.69 16.04 63.66
CA SER B 152 5.58 17.37 63.10
C SER B 152 6.64 18.29 63.67
N CYS B 153 6.96 19.31 62.87
CA CYS B 153 7.99 20.30 63.18
C CYS B 153 7.51 21.62 62.62
N LYS B 154 7.32 22.61 63.48
CA LYS B 154 6.79 23.89 63.08
C LYS B 154 7.82 24.98 63.36
N SER B 155 8.02 25.85 62.37
CA SER B 155 9.06 26.87 62.39
C SER B 155 8.45 28.23 62.61
N SER B 156 9.16 29.07 63.39
CA SER B 156 8.66 30.42 63.71
C SER B 156 8.76 31.37 62.53
N GLN B 157 9.48 31.01 61.48
CA GLN B 157 9.58 31.82 60.27
C GLN B 157 9.59 30.88 59.08
N SER B 158 9.12 31.38 57.95
CA SER B 158 9.18 30.57 56.76
C SER B 158 10.63 30.23 56.44
N LEU B 159 10.83 29.00 55.98
CA LEU B 159 12.15 28.53 55.58
C LEU B 159 12.21 28.34 54.07
N LEU B 160 11.37 29.05 53.32
CA LEU B 160 11.25 28.92 51.88
C LEU B 160 11.86 30.15 51.20
N ILE B 161 12.54 29.93 50.07
CA ILE B 161 13.09 31.02 49.27
C ILE B 161 12.44 31.13 47.90
N ASN B 162 12.18 29.99 47.24
CA ASN B 162 11.55 29.84 45.90
C ASN B 162 12.25 30.71 44.84
N GLN B 165 9.93 26.70 45.60
CA GLN B 165 10.99 25.69 45.67
C GLN B 165 11.92 25.91 46.87
N LYS B 166 12.58 24.84 47.30
CA LYS B 166 13.67 24.85 48.29
C LYS B 166 13.26 25.28 49.71
N ASN B 167 12.93 24.31 50.56
CA ASN B 167 12.67 24.52 51.98
C ASN B 167 13.92 24.13 52.75
N TYR B 168 14.47 25.06 53.52
CA TYR B 168 15.71 24.78 54.25
C TYR B 168 15.34 24.06 55.53
N LEU B 169 15.09 22.76 55.39
CA LEU B 169 14.67 21.97 56.52
C LEU B 169 15.11 20.53 56.32
N ALA B 170 15.70 19.91 57.35
CA ALA B 170 16.17 18.54 57.27
C ALA B 170 15.65 17.76 58.48
N TRP B 171 15.76 16.43 58.39
CA TRP B 171 15.35 15.51 59.44
C TRP B 171 16.49 14.56 59.73
N TYR B 172 16.68 14.25 61.00
CA TYR B 172 17.78 13.42 61.45
C TYR B 172 17.28 12.31 62.35
N GLN B 173 18.00 11.19 62.30
CA GLN B 173 17.74 10.06 63.16
C GLN B 173 19.00 9.86 63.99
N GLN B 174 18.84 9.79 65.32
CA GLN B 174 19.95 9.57 66.25
C GLN B 174 19.61 8.37 67.14
N LYS B 175 20.18 7.23 66.83
CA LYS B 175 20.04 6.05 67.67
C LYS B 175 20.94 6.24 68.89
N PRO B 176 20.61 5.62 70.04
CA PRO B 176 21.36 5.92 71.27
C PRO B 176 22.84 5.60 71.13
N GLY B 177 23.67 6.55 71.56
CA GLY B 177 25.11 6.39 71.52
C GLY B 177 25.75 6.62 70.16
N GLN B 178 24.98 7.00 69.14
CA GLN B 178 25.50 7.24 67.80
C GLN B 178 25.31 8.70 67.40
N SER B 179 25.96 9.13 66.33
CA SER B 179 25.77 10.50 65.90
C SER B 179 24.46 10.63 65.13
N PRO B 180 23.97 11.85 64.91
CA PRO B 180 22.78 12.02 64.08
C PRO B 180 23.06 11.64 62.63
N LYS B 181 22.05 11.11 61.97
CA LYS B 181 22.17 10.62 60.61
C LYS B 181 21.04 11.21 59.77
N LEU B 182 21.42 11.98 58.73
CA LEU B 182 20.44 12.70 57.91
C LEU B 182 19.53 11.72 57.17
N LEU B 183 18.23 11.86 57.37
CA LEU B 183 17.21 11.07 56.69
C LEU B 183 16.63 11.79 55.47
N VAL B 184 16.23 13.04 55.64
CA VAL B 184 15.57 13.82 54.59
C VAL B 184 16.15 15.21 54.63
N TYR B 185 16.49 15.75 53.47
CA TYR B 185 16.95 17.13 53.41
C TYR B 185 16.08 17.91 52.43
N PHE B 186 16.14 19.24 52.56
CA PHE B 186 15.27 20.14 51.80
C PHE B 186 13.81 19.65 51.86
N ALA B 187 13.37 19.35 53.09
CA ALA B 187 12.00 18.99 53.45
C ALA B 187 11.52 17.66 52.87
N SER B 188 11.71 17.40 51.57
CA SER B 188 11.10 16.22 50.97
C SER B 188 12.09 15.23 50.35
N THR B 189 13.32 15.63 50.09
CA THR B 189 14.27 14.77 49.39
C THR B 189 14.88 13.77 50.37
N ARG B 190 14.54 12.50 50.20
CA ARG B 190 15.14 11.44 51.01
C ARG B 190 16.61 11.31 50.71
N GLU B 191 17.41 11.20 51.77
CA GLU B 191 18.83 11.07 51.54
C GLU B 191 19.18 9.67 51.01
N SER B 192 20.33 9.61 50.32
CA SER B 192 20.85 8.39 49.75
C SER B 192 20.97 7.32 50.83
N GLY B 193 20.40 6.15 50.59
CA GLY B 193 20.50 5.06 51.52
C GLY B 193 19.34 4.89 52.48
N VAL B 194 18.56 5.93 52.71
CA VAL B 194 17.44 5.89 53.66
C VAL B 194 16.31 5.01 53.11
N PRO B 195 15.77 4.07 53.92
CA PRO B 195 14.58 3.31 53.49
C PRO B 195 13.47 4.23 52.97
N ASP B 196 12.61 3.68 52.11
CA ASP B 196 11.55 4.53 51.57
C ASP B 196 10.37 4.71 52.51
N ARG B 197 10.31 3.98 53.64
CA ARG B 197 9.31 4.22 54.67
C ARG B 197 9.37 5.63 55.27
N PHE B 198 10.52 6.31 55.20
CA PHE B 198 10.66 7.67 55.71
C PHE B 198 10.25 8.66 54.61
N ILE B 199 9.24 9.49 54.89
CA ILE B 199 8.73 10.47 53.93
C ILE B 199 8.60 11.83 54.62
N GLY B 200 9.41 12.79 54.20
CA GLY B 200 9.24 14.18 54.60
C GLY B 200 8.34 14.96 53.65
N SER B 201 7.56 15.88 54.23
CA SER B 201 6.61 16.69 53.47
C SER B 201 6.47 18.04 54.17
N GLY B 202 5.70 18.94 53.54
CA GLY B 202 5.44 20.24 54.12
C GLY B 202 6.17 21.35 53.39
N SER B 203 5.91 22.57 53.85
CA SER B 203 6.45 23.78 53.24
C SER B 203 6.23 24.96 54.18
N GLY B 204 7.11 25.97 54.04
CA GLY B 204 7.01 27.22 54.78
C GLY B 204 7.36 27.11 56.24
N THR B 205 6.36 26.84 57.09
CA THR B 205 6.54 26.76 58.53
C THR B 205 6.11 25.44 59.12
N ASP B 206 5.27 24.67 58.43
CA ASP B 206 4.75 23.41 58.94
C ASP B 206 5.32 22.26 58.12
N PHE B 207 6.04 21.38 58.78
CA PHE B 207 6.72 20.26 58.14
C PHE B 207 6.37 18.98 58.89
N THR B 208 6.47 17.87 58.20
CA THR B 208 6.09 16.57 58.74
C THR B 208 7.11 15.52 58.33
N LEU B 209 7.44 14.61 59.26
CA LEU B 209 8.22 13.43 58.91
C LEU B 209 7.37 12.21 59.21
N THR B 210 7.14 11.41 58.20
CA THR B 210 6.23 10.27 58.30
C THR B 210 7.02 8.98 58.13
N ILE B 211 6.82 8.05 59.03
CA ILE B 211 7.26 6.67 58.84
C ILE B 211 6.03 5.85 58.49
N SER B 212 5.95 5.45 57.21
CA SER B 212 4.73 4.83 56.71
C SER B 212 4.43 3.52 57.42
N SER B 213 5.47 2.75 57.76
CA SER B 213 5.28 1.50 58.50
C SER B 213 6.55 1.24 59.33
N VAL B 214 6.51 1.62 60.62
CA VAL B 214 7.70 1.53 61.47
C VAL B 214 8.20 0.10 61.62
N GLN B 215 9.51 -0.04 61.85
CA GLN B 215 10.11 -1.32 62.22
C GLN B 215 10.90 -1.14 63.50
N ALA B 216 11.31 -2.26 64.09
CA ALA B 216 11.93 -2.20 65.43
C ALA B 216 13.23 -1.41 65.40
N GLU B 217 14.03 -1.62 64.36
CA GLU B 217 15.27 -0.87 64.17
C GLU B 217 15.07 0.63 64.25
N ASP B 218 13.82 1.12 64.15
CA ASP B 218 13.56 2.55 64.04
C ASP B 218 13.52 3.26 65.38
N LEU B 219 13.75 2.54 66.49
CA LEU B 219 13.91 3.18 67.78
C LEU B 219 15.06 4.17 67.70
N ALA B 220 14.74 5.43 67.93
CA ALA B 220 15.74 6.48 67.82
C ALA B 220 15.12 7.81 68.22
N ASP B 221 15.95 8.84 68.24
CA ASP B 221 15.52 10.19 68.49
C ASP B 221 15.52 10.92 67.15
N TYR B 222 14.40 11.56 66.82
CA TYR B 222 14.22 12.19 65.51
C TYR B 222 14.18 13.70 65.69
N PHE B 223 15.13 14.40 65.07
CA PHE B 223 15.25 15.85 65.13
C PHE B 223 14.96 16.44 63.76
N CYS B 224 14.23 17.56 63.75
CA CYS B 224 14.26 18.43 62.59
C CYS B 224 15.28 19.53 62.85
N GLN B 225 15.80 20.11 61.76
CA GLN B 225 16.72 21.23 61.87
C GLN B 225 16.50 22.15 60.69
N GLN B 226 16.39 23.45 60.94
CA GLN B 226 16.32 24.41 59.85
C GLN B 226 17.73 24.75 59.36
N HIS B 227 17.87 24.91 58.05
CA HIS B 227 19.17 25.24 57.47
C HIS B 227 19.15 26.62 56.82
N PHE B 228 18.15 27.42 57.17
CA PHE B 228 17.94 28.71 56.53
C PHE B 228 19.08 29.65 56.90
N THR B 229 19.20 29.98 58.18
CA THR B 229 20.23 30.91 58.62
C THR B 229 20.60 30.58 60.06
N ALA B 230 21.77 31.06 60.48
CA ALA B 230 22.25 30.84 61.85
C ALA B 230 21.16 31.18 62.87
N PRO B 231 21.06 30.43 63.98
CA PRO B 231 22.01 29.40 64.40
C PRO B 231 21.66 27.98 63.95
N TYR B 232 20.97 27.85 62.82
CA TYR B 232 20.65 26.55 62.23
C TYR B 232 19.98 25.66 63.26
N THR B 233 18.97 26.23 63.92
CA THR B 233 18.46 25.67 65.16
C THR B 233 17.76 24.32 64.95
N PHE B 234 18.02 23.39 65.88
CA PHE B 234 17.40 22.07 65.93
C PHE B 234 16.12 22.10 66.74
N GLY B 235 15.23 21.16 66.45
CA GLY B 235 14.07 20.95 67.29
C GLY B 235 14.37 20.11 68.51
N GLY B 236 13.41 20.09 69.44
CA GLY B 236 13.57 19.37 70.69
C GLY B 236 13.62 17.86 70.54
N GLY B 237 13.25 17.35 69.36
CA GLY B 237 13.32 15.93 69.09
C GLY B 237 12.02 15.21 69.40
N THR B 238 11.86 14.06 68.75
CA THR B 238 10.80 13.09 69.06
C THR B 238 11.51 11.82 69.49
N LYS B 239 11.36 11.45 70.76
CA LYS B 239 11.94 10.20 71.22
C LYS B 239 10.96 9.10 70.85
N LEU B 240 11.29 8.38 69.79
CA LEU B 240 10.44 7.33 69.25
C LEU B 240 10.96 5.98 69.74
N GLU B 241 10.08 5.22 70.34
CA GLU B 241 10.22 3.84 70.79
C GLU B 241 9.19 2.94 70.16
N ILE B 242 9.62 1.70 69.91
CA ILE B 242 8.85 0.70 69.21
C ILE B 242 8.71 -0.52 70.09
N LYS B 243 7.48 -1.02 70.21
CA LYS B 243 7.16 -2.19 71.01
C LYS B 243 7.31 -3.50 70.22
N LYS C 1 40.52 2.60 -54.55
CA LYS C 1 40.02 3.61 -55.46
C LYS C 1 38.52 3.51 -55.30
N ILE C 2 37.81 4.62 -55.22
CA ILE C 2 36.36 4.57 -55.10
C ILE C 2 35.78 4.51 -56.51
N GLU C 3 34.79 3.62 -56.70
CA GLU C 3 34.21 3.40 -58.00
C GLU C 3 33.27 4.54 -58.39
N GLU C 4 33.40 4.99 -59.64
CA GLU C 4 32.62 6.09 -60.18
C GLU C 4 31.29 5.56 -60.72
N GLY C 5 30.20 6.22 -60.33
CA GLY C 5 28.90 5.92 -60.89
C GLY C 5 27.99 5.18 -59.94
N LYS C 6 28.41 5.01 -58.68
CA LYS C 6 27.62 4.38 -57.64
C LYS C 6 27.97 5.02 -56.29
N LEU C 7 27.05 4.94 -55.33
CA LEU C 7 27.25 5.46 -53.98
C LEU C 7 27.45 4.31 -53.00
N VAL C 8 28.55 4.35 -52.24
CA VAL C 8 28.77 3.46 -51.11
C VAL C 8 28.66 4.24 -49.80
N ILE C 9 27.82 3.77 -48.88
CA ILE C 9 27.50 4.49 -47.66
C ILE C 9 27.81 3.63 -46.45
N TRP C 10 28.51 4.23 -45.48
CA TRP C 10 28.81 3.63 -44.17
C TRP C 10 27.99 4.32 -43.08
N ILE C 11 27.31 3.51 -42.25
CA ILE C 11 26.54 4.00 -41.12
C ILE C 11 26.64 2.94 -40.03
N ASN C 12 26.58 3.36 -38.77
CA ASN C 12 26.82 2.42 -37.69
C ASN C 12 25.69 1.38 -37.61
N GLY C 13 26.05 0.19 -37.11
CA GLY C 13 25.13 -0.94 -37.08
C GLY C 13 23.95 -0.80 -36.12
N ASP C 14 23.95 0.21 -35.25
CA ASP C 14 22.79 0.43 -34.39
C ASP C 14 21.80 1.42 -34.98
N LYS C 15 22.13 2.10 -36.07
CA LYS C 15 21.18 3.01 -36.66
C LYS C 15 20.31 2.27 -37.68
N GLY C 16 19.32 2.96 -38.22
CA GLY C 16 18.38 2.33 -39.13
C GLY C 16 18.92 2.21 -40.55
N TYR C 17 19.86 1.29 -40.77
CA TYR C 17 20.48 1.21 -42.09
C TYR C 17 19.55 0.63 -43.14
N ASN C 18 18.69 -0.32 -42.76
CA ASN C 18 17.71 -0.87 -43.71
C ASN C 18 16.84 0.24 -44.27
N GLY C 19 16.35 1.11 -43.40
CA GLY C 19 15.52 2.21 -43.87
C GLY C 19 16.28 3.18 -44.76
N LEU C 20 17.57 3.39 -44.46
CA LEU C 20 18.39 4.23 -45.32
C LEU C 20 18.54 3.58 -46.69
N ALA C 21 18.71 2.26 -46.72
CA ALA C 21 18.82 1.56 -47.97
C ALA C 21 17.54 1.65 -48.79
N GLU C 22 16.39 1.88 -48.14
CA GLU C 22 15.18 2.08 -48.92
C GLU C 22 15.16 3.46 -49.53
N VAL C 23 15.82 4.42 -48.88
CA VAL C 23 16.00 5.70 -49.53
C VAL C 23 16.96 5.56 -50.69
N GLY C 24 17.97 4.71 -50.56
CA GLY C 24 18.91 4.54 -51.64
C GLY C 24 18.31 3.81 -52.83
N LYS C 25 17.31 2.98 -52.59
CA LYS C 25 16.71 2.33 -53.74
C LYS C 25 15.62 3.20 -54.37
N LYS C 26 14.99 4.10 -53.60
CA LYS C 26 14.21 5.15 -54.23
C LYS C 26 15.10 6.03 -55.10
N PHE C 27 16.32 6.31 -54.61
CA PHE C 27 17.28 7.11 -55.37
C PHE C 27 17.73 6.39 -56.62
N GLU C 28 17.90 5.07 -56.55
CA GLU C 28 18.37 4.33 -57.70
C GLU C 28 17.33 4.35 -58.83
N LYS C 29 16.07 4.08 -58.48
CA LYS C 29 14.96 4.16 -59.43
C LYS C 29 14.95 5.49 -60.17
N ASP C 30 15.19 6.58 -59.46
CA ASP C 30 15.07 7.91 -60.05
C ASP C 30 16.27 8.27 -60.89
N THR C 31 17.46 7.77 -60.53
CA THR C 31 18.70 8.18 -61.18
C THR C 31 19.36 7.04 -61.95
N GLY C 32 18.98 5.80 -61.70
CA GLY C 32 19.69 4.68 -62.27
C GLY C 32 20.97 4.32 -61.57
N ILE C 33 21.28 4.99 -60.47
CA ILE C 33 22.57 4.82 -59.79
C ILE C 33 22.46 3.93 -58.53
N LYS C 34 23.27 2.87 -58.45
CA LYS C 34 23.19 2.01 -57.27
C LYS C 34 23.72 2.69 -56.03
N VAL C 35 23.03 2.43 -54.93
CA VAL C 35 23.42 2.85 -53.59
C VAL C 35 23.56 1.58 -52.77
N THR C 36 24.74 1.35 -52.19
CA THR C 36 24.89 0.20 -51.32
C THR C 36 25.27 0.65 -49.90
N VAL C 37 24.40 0.36 -48.96
CA VAL C 37 24.57 0.79 -47.57
C VAL C 37 25.23 -0.33 -46.80
N GLU C 38 26.29 0.00 -46.05
CA GLU C 38 26.92 -0.98 -45.20
C GLU C 38 27.16 -0.41 -43.81
N HIS C 39 27.33 -1.33 -42.86
CA HIS C 39 27.60 -0.99 -41.47
C HIS C 39 28.75 -1.87 -41.00
N PRO C 40 29.97 -1.55 -41.41
CA PRO C 40 31.11 -2.33 -40.93
C PRO C 40 31.34 -2.07 -39.45
N ASP C 41 31.86 -3.08 -38.74
CA ASP C 41 32.21 -2.88 -37.35
C ASP C 41 33.37 -1.89 -37.23
N LYS C 42 33.39 -1.16 -36.11
CA LYS C 42 34.44 -0.18 -35.82
C LYS C 42 34.64 0.82 -36.97
N LEU C 43 33.54 1.20 -37.63
CA LEU C 43 33.66 2.01 -38.84
C LEU C 43 34.26 3.39 -38.55
N GLU C 44 34.08 3.88 -37.33
CA GLU C 44 34.65 5.15 -36.89
C GLU C 44 36.18 5.13 -36.97
N GLU C 45 36.78 3.95 -36.81
CA GLU C 45 38.22 3.75 -36.92
C GLU C 45 38.65 3.27 -38.31
N LYS C 46 37.79 2.52 -39.01
CA LYS C 46 38.14 2.04 -40.35
C LYS C 46 38.12 3.16 -41.37
N PHE C 47 37.24 4.15 -41.19
CA PHE C 47 37.19 5.23 -42.16
C PHE C 47 38.51 5.99 -42.30
N PRO C 48 39.15 6.47 -41.23
CA PRO C 48 40.40 7.23 -41.46
C PRO C 48 41.48 6.42 -42.14
N GLN C 49 41.54 5.12 -41.86
CA GLN C 49 42.52 4.25 -42.51
C GLN C 49 42.24 4.11 -44.02
N VAL C 50 41.06 3.58 -44.38
CA VAL C 50 40.77 3.36 -45.80
C VAL C 50 40.70 4.69 -46.57
N ALA C 51 40.08 5.72 -45.98
CA ALA C 51 39.96 6.97 -46.72
C ALA C 51 41.29 7.63 -46.96
N ALA C 52 42.31 7.28 -46.16
CA ALA C 52 43.63 7.87 -46.31
C ALA C 52 44.31 7.43 -47.60
N THR C 53 44.14 6.16 -47.98
CA THR C 53 44.62 5.70 -49.27
C THR C 53 43.72 6.06 -50.44
N GLY C 54 42.68 6.86 -50.23
CA GLY C 54 41.75 7.19 -51.29
C GLY C 54 40.57 6.24 -51.43
N ASP C 55 40.31 5.41 -50.42
CA ASP C 55 39.31 4.36 -50.48
C ASP C 55 38.13 4.72 -49.56
N GLY C 56 37.37 3.69 -49.17
CA GLY C 56 36.23 3.87 -48.29
C GLY C 56 34.96 4.27 -49.01
N PRO C 57 33.95 4.63 -48.25
CA PRO C 57 32.64 4.95 -48.83
C PRO C 57 32.62 6.35 -49.42
N ASP C 58 31.58 6.62 -50.20
CA ASP C 58 31.37 7.99 -50.65
C ASP C 58 30.79 8.86 -49.55
N ILE C 59 29.99 8.27 -48.66
CA ILE C 59 29.34 8.98 -47.57
C ILE C 59 29.59 8.20 -46.30
N ILE C 60 30.03 8.91 -45.25
CA ILE C 60 30.20 8.30 -43.93
C ILE C 60 29.28 9.00 -42.95
N PHE C 61 28.49 8.21 -42.21
CA PHE C 61 27.61 8.69 -41.15
C PHE C 61 28.26 8.50 -39.80
N TRP C 62 28.28 9.55 -39.00
CA TRP C 62 28.68 9.46 -37.60
C TRP C 62 28.25 10.74 -36.93
N ALA C 63 28.33 10.74 -35.60
CA ALA C 63 28.13 11.96 -34.84
C ALA C 63 29.22 12.95 -35.20
N HIS C 64 28.86 14.24 -35.22
CA HIS C 64 29.74 15.29 -35.74
C HIS C 64 31.07 15.35 -35.04
N ASP C 65 31.17 14.81 -33.82
CA ASP C 65 32.34 15.03 -32.99
C ASP C 65 33.61 14.49 -33.63
N ARG C 66 33.53 13.43 -34.46
CA ARG C 66 34.74 12.90 -35.10
C ARG C 66 35.10 13.57 -36.41
N PHE C 67 34.27 14.50 -36.90
CA PHE C 67 34.45 15.03 -38.25
C PHE C 67 35.51 16.12 -38.35
N GLY C 68 35.92 16.74 -37.24
CA GLY C 68 37.02 17.69 -37.32
C GLY C 68 38.35 17.00 -37.56
N GLY C 69 38.61 15.90 -36.86
CA GLY C 69 39.81 15.12 -37.15
C GLY C 69 39.80 14.54 -38.54
N TYR C 70 38.61 14.16 -39.03
CA TYR C 70 38.50 13.73 -40.41
C TYR C 70 38.84 14.88 -41.36
N ALA C 71 38.29 16.07 -41.10
CA ALA C 71 38.54 17.21 -41.98
C ALA C 71 39.98 17.67 -41.89
N GLN C 72 40.55 17.69 -40.69
CA GLN C 72 41.95 18.08 -40.56
C GLN C 72 42.84 17.12 -41.32
N SER C 73 42.56 15.82 -41.24
CA SER C 73 43.31 14.86 -42.03
C SER C 73 43.03 14.98 -43.54
N GLY C 74 42.20 15.92 -43.97
CA GLY C 74 41.88 16.08 -45.38
C GLY C 74 41.08 14.95 -45.99
N LEU C 75 40.25 14.27 -45.20
CA LEU C 75 39.47 13.13 -45.65
C LEU C 75 38.04 13.49 -46.03
N LEU C 76 37.62 14.73 -45.87
CA LEU C 76 36.25 15.12 -46.15
C LEU C 76 36.20 16.32 -47.08
N ALA C 77 35.20 16.33 -47.92
CA ALA C 77 34.97 17.43 -48.84
C ALA C 77 34.10 18.48 -48.19
N GLU C 78 34.28 19.72 -48.64
CA GLU C 78 33.42 20.82 -48.25
C GLU C 78 32.07 20.64 -48.91
N ILE C 79 31.01 20.56 -48.11
CA ILE C 79 29.67 20.50 -48.68
C ILE C 79 29.27 21.88 -49.16
N THR C 80 28.30 21.93 -50.08
CA THR C 80 27.96 23.17 -50.79
C THR C 80 26.46 23.40 -50.84
N PRO C 81 25.77 23.45 -49.70
CA PRO C 81 24.34 23.76 -49.73
C PRO C 81 24.10 25.25 -49.93
N ASP C 82 23.13 25.57 -50.78
CA ASP C 82 22.78 26.97 -50.93
C ASP C 82 22.04 27.44 -49.68
N LYS C 83 21.84 28.77 -49.59
CA LYS C 83 21.23 29.31 -48.39
C LYS C 83 19.78 28.86 -48.23
N ALA C 84 19.06 28.64 -49.33
CA ALA C 84 17.69 28.16 -49.21
C ALA C 84 17.65 26.80 -48.52
N PHE C 85 18.65 25.95 -48.80
CA PHE C 85 18.68 24.64 -48.18
C PHE C 85 19.08 24.72 -46.72
N GLN C 86 20.06 25.57 -46.40
CA GLN C 86 20.51 25.66 -45.02
C GLN C 86 19.39 26.12 -44.09
N ASP C 87 18.48 26.97 -44.57
CA ASP C 87 17.38 27.45 -43.74
C ASP C 87 16.39 26.35 -43.40
N LYS C 88 16.45 25.19 -44.07
CA LYS C 88 15.57 24.08 -43.75
C LYS C 88 16.04 23.28 -42.56
N LEU C 89 17.23 23.57 -42.03
CA LEU C 89 17.80 22.84 -40.91
C LEU C 89 18.09 23.80 -39.77
N TYR C 90 18.04 23.29 -38.54
CA TYR C 90 18.18 24.16 -37.37
C TYR C 90 19.59 24.74 -37.31
N PRO C 91 19.73 26.06 -37.14
CA PRO C 91 21.07 26.67 -37.24
C PRO C 91 22.11 26.10 -36.30
N PHE C 92 21.74 25.62 -35.12
CA PHE C 92 22.77 25.06 -34.25
C PHE C 92 23.31 23.75 -34.81
N THR C 93 22.53 23.05 -35.63
CA THR C 93 23.05 21.82 -36.22
C THR C 93 24.09 22.12 -37.30
N TRP C 94 23.96 23.24 -38.01
CA TRP C 94 25.05 23.66 -38.90
C TRP C 94 26.32 23.96 -38.11
N ASP C 95 26.19 24.58 -36.94
CA ASP C 95 27.36 24.92 -36.11
C ASP C 95 28.19 23.69 -35.76
N ALA C 96 27.54 22.58 -35.42
CA ALA C 96 28.25 21.36 -35.06
C ALA C 96 29.01 20.73 -36.25
N VAL C 97 28.63 21.04 -37.49
CA VAL C 97 29.35 20.52 -38.65
C VAL C 97 30.24 21.60 -39.29
N ARG C 98 30.47 22.70 -38.60
CA ARG C 98 31.38 23.73 -39.09
C ARG C 98 32.76 23.47 -38.54
N TYR C 99 33.77 23.54 -39.41
CA TYR C 99 35.17 23.35 -39.03
C TYR C 99 36.00 24.32 -39.86
N ASN C 100 36.77 25.18 -39.18
CA ASN C 100 37.55 26.23 -39.83
C ASN C 100 36.67 27.10 -40.72
N GLY C 101 35.49 27.44 -40.22
CA GLY C 101 34.57 28.26 -40.99
C GLY C 101 33.92 27.55 -42.16
N LYS C 102 34.18 26.26 -42.37
CA LYS C 102 33.73 25.51 -43.53
C LYS C 102 32.80 24.36 -43.13
N LEU C 103 31.65 24.24 -43.81
CA LEU C 103 30.77 23.10 -43.59
C LEU C 103 31.37 21.81 -44.11
N ILE C 104 31.42 20.78 -43.25
CA ILE C 104 32.11 19.53 -43.56
C ILE C 104 31.20 18.31 -43.45
N ALA C 105 29.88 18.49 -43.39
CA ALA C 105 28.93 17.39 -43.24
C ALA C 105 27.50 17.91 -43.24
N TYR C 106 26.55 17.01 -43.58
CA TYR C 106 25.13 17.30 -43.45
C TYR C 106 24.65 16.76 -42.13
N PRO C 107 24.14 17.61 -41.24
CA PRO C 107 23.60 17.12 -39.96
C PRO C 107 22.26 16.45 -40.18
N ILE C 108 22.09 15.31 -39.52
CA ILE C 108 20.91 14.46 -39.70
C ILE C 108 20.00 14.52 -38.46
N ALA C 109 20.54 14.15 -37.29
CA ALA C 109 19.71 14.00 -36.09
C ALA C 109 20.47 14.43 -34.84
N VAL C 110 19.72 14.89 -33.84
CA VAL C 110 20.28 15.34 -32.57
C VAL C 110 20.02 14.24 -31.55
N GLU C 111 21.11 13.70 -30.98
CA GLU C 111 21.07 12.53 -30.13
C GLU C 111 21.53 12.87 -28.72
N ALA C 112 20.73 12.50 -27.73
CA ALA C 112 21.17 12.58 -26.35
C ALA C 112 20.67 11.34 -25.62
N LEU C 113 21.49 10.84 -24.71
CA LEU C 113 21.06 9.73 -23.88
C LEU C 113 19.91 10.14 -22.98
N SER C 114 19.08 9.16 -22.64
CA SER C 114 17.99 9.37 -21.70
C SER C 114 17.93 8.20 -20.75
N LEU C 115 17.14 8.39 -19.69
CA LEU C 115 16.83 7.33 -18.75
C LEU C 115 15.57 6.62 -19.23
N ILE C 116 15.69 5.32 -19.46
CA ILE C 116 14.60 4.46 -19.91
C ILE C 116 14.24 3.55 -18.76
N TYR C 117 12.94 3.38 -18.54
CA TYR C 117 12.54 2.54 -17.43
C TYR C 117 11.35 1.67 -17.80
N ASN C 118 11.33 0.48 -17.23
CA ASN C 118 10.22 -0.46 -17.33
C ASN C 118 9.16 -0.07 -16.30
N LYS C 119 7.97 0.34 -16.77
CA LYS C 119 6.90 0.76 -15.87
C LYS C 119 6.25 -0.40 -15.13
N ASP C 120 6.37 -1.63 -15.65
CA ASP C 120 5.91 -2.78 -14.88
C ASP C 120 6.68 -2.91 -13.57
N LEU C 121 8.00 -2.74 -13.64
CA LEU C 121 8.85 -2.90 -12.46
C LEU C 121 8.93 -1.64 -11.61
N LEU C 122 8.68 -0.45 -12.18
CA LEU C 122 8.98 0.77 -11.44
C LEU C 122 8.17 1.94 -11.98
N PRO C 123 6.94 2.15 -11.50
CA PRO C 123 6.09 3.19 -12.10
C PRO C 123 6.62 4.59 -11.90
N ASN C 124 7.46 4.84 -10.90
CA ASN C 124 8.01 6.18 -10.66
C ASN C 124 9.52 6.13 -10.68
N PRO C 125 10.17 6.49 -11.79
CA PRO C 125 11.61 6.33 -11.88
C PRO C 125 12.31 7.30 -10.90
N PRO C 126 13.46 6.88 -10.36
CA PRO C 126 14.16 7.74 -9.39
C PRO C 126 14.74 8.96 -10.08
N LYS C 127 14.67 10.09 -9.40
CA LYS C 127 15.13 11.35 -9.97
C LYS C 127 16.58 11.66 -9.64
N THR C 128 17.23 10.86 -8.81
CA THR C 128 18.60 11.10 -8.40
C THR C 128 19.41 9.83 -8.51
N TRP C 129 20.72 10.00 -8.75
CA TRP C 129 21.62 8.85 -8.72
C TRP C 129 21.73 8.27 -7.31
N GLU C 130 21.66 9.11 -6.28
CA GLU C 130 21.94 8.64 -4.92
C GLU C 130 20.93 7.63 -4.42
N GLU C 131 19.71 7.63 -4.96
CA GLU C 131 18.70 6.69 -4.50
C GLU C 131 18.74 5.34 -5.22
N ILE C 132 19.67 5.12 -6.12
CA ILE C 132 19.65 3.90 -6.93
C ILE C 132 20.19 2.74 -6.11
N PRO C 133 21.26 2.92 -5.31
CA PRO C 133 21.66 1.83 -4.38
C PRO C 133 20.51 1.26 -3.55
N ALA C 134 19.69 2.13 -2.95
CA ALA C 134 18.51 1.66 -2.23
C ALA C 134 17.55 0.94 -3.17
N LEU C 135 17.26 1.54 -4.33
CA LEU C 135 16.36 0.89 -5.27
C LEU C 135 16.84 -0.50 -5.66
N ASP C 136 18.16 -0.67 -5.80
CA ASP C 136 18.66 -1.95 -6.26
C ASP C 136 18.51 -3.06 -5.22
N LYS C 137 18.67 -2.73 -3.91
CA LYS C 137 18.60 -3.77 -2.86
C LYS C 137 17.25 -4.46 -2.86
N GLU C 138 16.24 -3.63 -2.98
CA GLU C 138 14.82 -3.89 -3.16
C GLU C 138 14.53 -4.79 -4.38
N LEU C 139 14.98 -4.35 -5.57
CA LEU C 139 14.69 -5.07 -6.79
C LEU C 139 15.42 -6.41 -6.84
N LYS C 140 16.62 -6.47 -6.26
CA LYS C 140 17.35 -7.73 -6.26
C LYS C 140 16.66 -8.77 -5.37
N ALA C 141 15.99 -8.29 -4.31
CA ALA C 141 15.16 -9.15 -3.49
C ALA C 141 13.92 -9.64 -4.23
N LYS C 142 13.70 -9.17 -5.45
CA LYS C 142 12.61 -9.66 -6.30
C LYS C 142 13.15 -10.40 -7.51
N GLY C 143 14.45 -10.70 -7.51
CA GLY C 143 15.10 -11.34 -8.63
C GLY C 143 15.34 -10.46 -9.83
N LYS C 144 15.19 -9.14 -9.68
CA LYS C 144 15.42 -8.19 -10.76
C LYS C 144 16.56 -7.25 -10.33
N SER C 145 16.86 -6.26 -11.17
CA SER C 145 17.92 -5.31 -10.84
C SER C 145 17.47 -3.91 -11.23
N ALA C 146 18.19 -2.92 -10.70
CA ALA C 146 17.76 -1.53 -10.86
C ALA C 146 18.21 -0.93 -12.18
N LEU C 147 19.48 -1.09 -12.55
CA LEU C 147 20.04 -0.33 -13.66
C LEU C 147 21.13 -1.14 -14.36
N MET C 148 21.08 -1.18 -15.69
CA MET C 148 22.08 -1.86 -16.49
C MET C 148 22.28 -1.03 -17.75
N PHE C 149 23.48 -0.51 -17.95
CA PHE C 149 23.76 0.23 -19.18
C PHE C 149 25.18 -0.04 -19.65
N ASN C 150 25.50 0.47 -20.84
CA ASN C 150 26.76 0.16 -21.48
C ASN C 150 27.89 0.90 -20.77
N LEU C 151 28.70 0.16 -20.03
CA LEU C 151 29.79 0.74 -19.25
C LEU C 151 31.11 0.76 -20.00
N GLN C 152 31.18 0.14 -21.18
CA GLN C 152 32.40 0.07 -21.99
C GLN C 152 32.60 1.28 -22.88
N GLU C 153 31.58 2.12 -23.04
CA GLU C 153 31.71 3.29 -23.89
C GLU C 153 31.56 4.54 -23.04
N PRO C 154 32.57 5.41 -23.03
CA PRO C 154 32.51 6.59 -22.15
C PRO C 154 31.33 7.50 -22.44
N TYR C 155 30.75 7.42 -23.64
CA TYR C 155 29.54 8.17 -23.95
C TYR C 155 28.43 7.97 -22.91
N PHE C 156 28.34 6.78 -22.32
CA PHE C 156 27.24 6.44 -21.41
C PHE C 156 27.52 6.84 -19.97
N THR C 157 28.79 6.85 -19.57
CA THR C 157 29.18 7.20 -18.23
C THR C 157 29.57 8.65 -18.09
N TRP C 158 29.84 9.33 -19.20
CA TRP C 158 30.15 10.76 -19.12
C TRP C 158 29.05 11.60 -18.48
N PRO C 159 27.74 11.38 -18.76
CA PRO C 159 26.73 12.24 -18.12
C PRO C 159 26.88 12.31 -16.60
N LEU C 160 27.23 11.18 -15.96
CA LEU C 160 27.39 11.17 -14.52
C LEU C 160 28.70 11.86 -14.14
N ILE C 161 29.77 11.57 -14.88
CA ILE C 161 31.10 12.10 -14.60
C ILE C 161 31.11 13.62 -14.72
N ALA C 162 30.27 14.17 -15.57
CA ALA C 162 30.24 15.62 -15.74
C ALA C 162 29.27 16.30 -14.79
N ALA C 163 28.37 15.54 -14.17
CA ALA C 163 27.26 16.12 -13.40
C ALA C 163 27.78 17.13 -12.39
N ASP C 164 28.82 16.76 -11.65
CA ASP C 164 29.34 17.62 -10.61
C ASP C 164 30.46 18.55 -11.08
N GLY C 165 30.68 18.67 -12.39
CA GLY C 165 31.64 19.64 -12.89
C GLY C 165 32.79 19.08 -13.69
N GLY C 166 32.84 17.78 -13.96
CA GLY C 166 33.76 17.30 -14.98
C GLY C 166 33.41 17.84 -16.35
N TYR C 167 34.43 18.08 -17.16
CA TYR C 167 34.20 18.56 -18.52
C TYR C 167 35.33 18.09 -19.43
N ALA C 168 35.09 18.20 -20.74
CA ALA C 168 36.09 17.81 -21.73
C ALA C 168 37.09 18.94 -21.97
N PHE C 169 36.70 19.93 -22.76
CA PHE C 169 37.54 21.07 -23.08
C PHE C 169 36.85 22.36 -22.71
N LYS C 170 37.53 23.20 -21.93
CA LYS C 170 36.96 24.47 -21.49
C LYS C 170 36.65 25.34 -22.69
N TYR C 171 35.41 25.85 -22.76
CA TYR C 171 35.03 26.78 -23.81
C TYR C 171 35.18 28.19 -23.25
N GLU C 172 36.27 28.86 -23.65
CA GLU C 172 36.60 30.19 -23.16
C GLU C 172 37.08 31.09 -24.28
N ASN C 173 36.56 32.32 -24.31
CA ASN C 173 36.89 33.28 -25.35
C ASN C 173 36.57 32.72 -26.73
N GLY C 174 35.43 32.04 -26.83
CA GLY C 174 34.94 31.53 -28.09
C GLY C 174 35.72 30.38 -28.68
N LYS C 175 36.53 29.66 -27.90
CA LYS C 175 37.15 28.48 -28.48
C LYS C 175 37.27 27.46 -27.35
N TYR C 176 37.55 26.20 -27.71
CA TYR C 176 37.70 25.09 -26.76
C TYR C 176 39.17 24.90 -26.47
N ASP C 177 39.66 25.49 -25.38
CA ASP C 177 41.10 25.49 -25.17
C ASP C 177 41.61 24.09 -24.86
N ILE C 178 42.47 23.57 -25.74
CA ILE C 178 43.00 22.22 -25.64
C ILE C 178 44.10 22.11 -24.61
N LYS C 179 44.47 23.24 -23.99
CA LYS C 179 45.45 23.26 -22.91
C LYS C 179 44.81 22.92 -21.58
N ASP C 180 43.48 23.00 -21.51
CA ASP C 180 42.64 22.83 -20.33
C ASP C 180 41.70 21.66 -20.49
N VAL C 181 41.98 20.61 -19.75
CA VAL C 181 41.16 19.41 -19.71
C VAL C 181 40.55 19.37 -18.31
N GLY C 182 39.25 19.11 -18.23
CA GLY C 182 38.62 19.00 -16.93
C GLY C 182 38.15 17.60 -16.61
N VAL C 183 38.95 16.58 -16.96
CA VAL C 183 38.60 15.21 -16.61
C VAL C 183 39.15 14.83 -15.26
N ASP C 184 39.86 15.73 -14.59
CA ASP C 184 40.48 15.41 -13.31
C ASP C 184 40.17 16.48 -12.26
N ASN C 185 39.06 17.21 -12.42
CA ASN C 185 38.70 18.14 -11.38
C ASN C 185 37.86 17.37 -10.35
N ALA C 186 37.34 18.08 -9.33
CA ALA C 186 36.65 17.41 -8.23
C ALA C 186 35.33 16.78 -8.68
N GLY C 187 34.63 17.42 -9.62
CA GLY C 187 33.37 16.86 -10.12
C GLY C 187 33.57 15.53 -10.82
N ALA C 188 34.59 15.45 -11.69
CA ALA C 188 34.86 14.20 -12.39
C ALA C 188 35.29 13.10 -11.43
N LYS C 189 36.10 13.44 -10.41
CA LYS C 189 36.54 12.45 -9.43
C LYS C 189 35.32 11.88 -8.70
N ALA C 190 34.44 12.78 -8.23
CA ALA C 190 33.25 12.36 -7.49
C ALA C 190 32.33 11.51 -8.35
N GLY C 191 32.09 11.91 -9.61
CA GLY C 191 31.11 11.22 -10.44
C GLY C 191 31.49 9.78 -10.73
N LEU C 192 32.75 9.56 -11.15
CA LEU C 192 33.19 8.19 -11.40
C LEU C 192 33.31 7.43 -10.10
N THR C 193 33.60 8.13 -8.99
CA THR C 193 33.61 7.46 -7.69
C THR C 193 32.24 6.88 -7.37
N PHE C 194 31.16 7.63 -7.65
CA PHE C 194 29.84 7.04 -7.46
C PHE C 194 29.64 5.81 -8.33
N LEU C 195 30.10 5.86 -9.59
CA LEU C 195 29.91 4.70 -10.46
C LEU C 195 30.72 3.51 -9.98
N VAL C 196 32.01 3.71 -9.63
CA VAL C 196 32.80 2.61 -9.07
C VAL C 196 32.13 2.08 -7.80
N ASP C 197 31.62 2.96 -6.94
CA ASP C 197 30.94 2.51 -5.73
C ASP C 197 29.71 1.68 -6.08
N LEU C 198 29.06 1.99 -7.20
CA LEU C 198 27.94 1.16 -7.63
C LEU C 198 28.43 -0.24 -7.98
N ILE C 199 29.59 -0.33 -8.64
CA ILE C 199 30.15 -1.65 -8.94
C ILE C 199 30.58 -2.35 -7.65
N LYS C 200 31.31 -1.63 -6.77
CA LYS C 200 31.81 -2.27 -5.55
C LYS C 200 30.67 -2.78 -4.68
N ASN C 201 29.57 -2.03 -4.60
CA ASN C 201 28.43 -2.44 -3.79
C ASN C 201 27.53 -3.44 -4.52
N LYS C 202 28.03 -4.06 -5.62
CA LYS C 202 27.38 -5.16 -6.32
C LYS C 202 26.19 -4.70 -7.18
N HIS C 203 26.01 -3.39 -7.35
CA HIS C 203 24.80 -2.90 -8.01
C HIS C 203 24.87 -2.96 -9.54
N MET C 204 26.05 -2.77 -10.13
CA MET C 204 26.24 -3.00 -11.56
C MET C 204 27.50 -3.82 -11.78
N ASN C 205 27.64 -4.31 -13.02
CA ASN C 205 28.83 -5.00 -13.48
C ASN C 205 29.60 -4.34 -14.58
N ALA C 206 30.92 -4.50 -14.46
CA ALA C 206 31.89 -4.12 -15.47
C ALA C 206 31.75 -4.97 -16.73
N ASP C 207 30.98 -6.09 -16.70
CA ASP C 207 30.89 -6.83 -17.94
C ASP C 207 29.96 -6.08 -18.88
N THR C 208 29.11 -5.21 -18.32
CA THR C 208 27.96 -4.70 -19.04
C THR C 208 28.43 -3.86 -20.20
N ASP C 209 28.08 -4.31 -21.40
CA ASP C 209 28.37 -3.62 -22.65
C ASP C 209 27.01 -3.30 -23.22
N TYR C 210 26.95 -2.96 -24.51
CA TYR C 210 25.68 -2.56 -25.07
C TYR C 210 24.71 -3.73 -25.12
N SER C 211 25.16 -4.90 -25.59
CA SER C 211 24.27 -6.04 -25.80
C SER C 211 23.70 -6.56 -24.49
N ILE C 212 24.55 -6.69 -23.46
CA ILE C 212 24.10 -7.23 -22.18
C ILE C 212 22.99 -6.37 -21.62
N ALA C 213 23.20 -5.05 -21.60
CA ALA C 213 22.21 -4.14 -21.06
C ALA C 213 20.92 -4.17 -21.90
N GLU C 214 21.06 -4.17 -23.23
CA GLU C 214 19.88 -4.18 -24.10
C GLU C 214 19.05 -5.44 -23.90
N ALA C 215 19.70 -6.59 -23.76
CA ALA C 215 18.98 -7.83 -23.51
C ALA C 215 18.34 -7.82 -22.12
N ALA C 216 19.06 -7.33 -21.11
CA ALA C 216 18.51 -7.29 -19.76
C ALA C 216 17.24 -6.44 -19.72
N PHE C 217 17.31 -5.23 -20.28
CA PHE C 217 16.15 -4.35 -20.22
C PHE C 217 14.99 -4.88 -21.07
N ASN C 218 15.30 -5.36 -22.28
CA ASN C 218 14.22 -5.71 -23.21
C ASN C 218 13.54 -7.02 -22.85
N LYS C 219 14.17 -7.87 -22.05
CA LYS C 219 13.46 -8.99 -21.45
C LYS C 219 12.98 -8.72 -20.02
N GLY C 220 12.99 -7.45 -19.59
CA GLY C 220 12.37 -7.09 -18.31
C GLY C 220 13.07 -7.61 -17.07
N GLU C 221 14.37 -7.84 -17.14
CA GLU C 221 15.13 -8.32 -15.99
C GLU C 221 15.76 -7.19 -15.21
N THR C 222 16.03 -6.07 -15.86
CA THR C 222 16.47 -4.85 -15.19
C THR C 222 15.42 -3.77 -15.41
N ALA C 223 15.30 -2.89 -14.43
CA ALA C 223 14.22 -1.91 -14.42
C ALA C 223 14.54 -0.67 -15.23
N MET C 224 15.82 -0.35 -15.41
CA MET C 224 16.21 0.91 -16.01
C MET C 224 17.39 0.70 -16.94
N THR C 225 17.49 1.55 -17.94
CA THR C 225 18.70 1.56 -18.75
C THR C 225 18.96 2.99 -19.20
N ILE C 226 20.14 3.18 -19.79
CA ILE C 226 20.54 4.47 -20.35
C ILE C 226 20.86 4.22 -21.81
N ASN C 227 20.15 4.90 -22.70
CA ASN C 227 20.32 4.62 -24.10
C ASN C 227 19.72 5.72 -24.95
N GLY C 228 20.10 5.72 -26.23
CA GLY C 228 19.64 6.73 -27.15
C GLY C 228 18.35 6.35 -27.86
N PRO C 229 17.80 7.28 -28.66
CA PRO C 229 16.51 7.01 -29.31
C PRO C 229 16.54 5.88 -30.35
N TRP C 230 17.71 5.54 -30.89
CA TRP C 230 17.82 4.39 -31.78
C TRP C 230 17.42 3.09 -31.09
N ALA C 231 17.45 3.07 -29.76
CA ALA C 231 17.17 1.87 -28.99
C ALA C 231 15.69 1.62 -28.77
N TRP C 232 14.83 2.59 -29.08
CA TRP C 232 13.41 2.48 -28.81
C TRP C 232 12.74 1.43 -29.68
N SER C 233 13.35 1.13 -30.85
CA SER C 233 12.72 0.21 -31.78
C SER C 233 12.62 -1.18 -31.18
N ASN C 234 13.70 -1.67 -30.59
CA ASN C 234 13.69 -3.04 -30.09
C ASN C 234 12.86 -3.17 -28.84
N ILE C 235 12.77 -2.10 -28.03
CA ILE C 235 11.94 -2.10 -26.83
C ILE C 235 10.47 -2.19 -27.23
N ASP C 236 10.08 -1.47 -28.28
CA ASP C 236 8.71 -1.51 -28.78
C ASP C 236 8.34 -2.93 -29.21
N THR C 237 9.27 -3.60 -29.90
CA THR C 237 9.05 -4.96 -30.38
C THR C 237 8.89 -5.94 -29.23
N SER C 238 9.31 -5.55 -28.03
CA SER C 238 9.49 -6.52 -26.98
C SER C 238 8.63 -6.32 -25.74
N LYS C 239 7.33 -6.07 -25.89
CA LYS C 239 6.38 -6.30 -24.79
C LYS C 239 6.52 -5.37 -23.57
N VAL C 240 7.66 -4.70 -23.38
CA VAL C 240 7.89 -3.91 -22.18
C VAL C 240 7.22 -2.54 -22.28
N ASN C 241 6.34 -2.25 -21.33
CA ASN C 241 5.78 -0.91 -21.17
C ASN C 241 6.83 0.01 -20.55
N TYR C 242 7.39 0.90 -21.35
CA TYR C 242 8.54 1.68 -20.92
C TYR C 242 8.26 3.18 -21.05
N GLY C 243 9.02 3.96 -20.26
CA GLY C 243 9.02 5.40 -20.37
C GLY C 243 10.44 5.90 -20.52
N VAL C 244 10.57 7.14 -20.98
CA VAL C 244 11.87 7.77 -21.16
C VAL C 244 11.82 9.17 -20.59
N THR C 245 12.77 9.49 -19.71
CA THR C 245 12.66 10.67 -18.85
C THR C 245 14.04 11.27 -18.61
N VAL C 246 14.07 12.27 -17.71
CA VAL C 246 15.31 12.97 -17.38
C VAL C 246 16.29 11.97 -16.77
N LEU C 247 17.57 12.19 -17.05
CA LEU C 247 18.58 11.41 -16.38
C LEU C 247 18.64 11.81 -14.89
N PRO C 248 18.91 10.87 -14.01
CA PRO C 248 18.93 11.20 -12.58
C PRO C 248 20.03 12.20 -12.27
N THR C 249 19.76 13.06 -11.28
CA THR C 249 20.74 14.03 -10.85
C THR C 249 21.82 13.38 -9.99
N PHE C 250 22.96 14.06 -9.91
CA PHE C 250 24.05 13.68 -9.02
C PHE C 250 24.48 14.89 -8.23
N LYS C 251 24.49 14.74 -6.90
CA LYS C 251 24.86 15.84 -5.99
C LYS C 251 24.02 17.07 -6.28
N GLY C 252 22.72 16.83 -6.56
CA GLY C 252 21.78 17.87 -6.87
C GLY C 252 21.84 18.45 -8.26
N GLN C 253 22.85 18.06 -9.10
CA GLN C 253 23.01 18.68 -10.42
C GLN C 253 22.57 17.75 -11.55
N PRO C 254 22.07 18.30 -12.66
CA PRO C 254 21.65 17.44 -13.79
C PRO C 254 22.82 16.65 -14.34
N SER C 255 22.52 15.42 -14.76
CA SER C 255 23.44 14.65 -15.60
C SER C 255 23.66 15.42 -16.90
N LYS C 256 24.90 15.38 -17.39
CA LYS C 256 25.33 16.23 -18.50
C LYS C 256 25.74 15.32 -19.66
N PRO C 257 24.80 14.83 -20.44
CA PRO C 257 25.18 13.96 -21.56
C PRO C 257 25.83 14.77 -22.67
N PHE C 258 26.90 14.22 -23.24
CA PHE C 258 27.40 14.76 -24.49
C PHE C 258 26.39 14.48 -25.58
N VAL C 259 25.89 15.51 -26.23
CA VAL C 259 24.93 15.33 -27.31
C VAL C 259 25.68 15.31 -28.64
N GLY C 260 25.37 14.31 -29.46
CA GLY C 260 25.98 14.14 -30.77
C GLY C 260 24.98 14.43 -31.88
N VAL C 261 25.43 15.15 -32.89
CA VAL C 261 24.63 15.40 -34.07
C VAL C 261 25.08 14.41 -35.13
N LEU C 262 24.25 13.39 -35.36
CA LEU C 262 24.51 12.41 -36.41
C LEU C 262 24.62 13.13 -37.73
N SER C 263 25.72 12.88 -38.44
CA SER C 263 26.05 13.65 -39.61
C SER C 263 26.54 12.77 -40.76
N ALA C 264 26.36 13.25 -41.98
CA ALA C 264 26.77 12.55 -43.21
C ALA C 264 27.90 13.33 -43.87
N GLY C 265 29.08 12.74 -43.91
CA GLY C 265 30.21 13.34 -44.58
C GLY C 265 30.42 12.73 -45.96
N ILE C 266 31.07 13.50 -46.82
CA ILE C 266 31.43 13.08 -48.18
C ILE C 266 32.93 12.87 -48.25
N ASN C 267 33.34 11.66 -48.66
CA ASN C 267 34.75 11.31 -48.78
C ASN C 267 35.45 12.22 -49.78
N ALA C 268 36.63 12.71 -49.37
CA ALA C 268 37.39 13.64 -50.20
C ALA C 268 37.82 12.99 -51.52
N ALA C 269 38.14 11.69 -51.47
CA ALA C 269 38.56 10.93 -52.64
C ALA C 269 37.39 10.37 -53.44
N SER C 270 36.15 10.82 -53.18
CA SER C 270 35.08 10.24 -53.94
C SER C 270 34.93 10.96 -55.27
N PRO C 271 34.71 10.22 -56.37
CA PRO C 271 34.38 10.85 -57.65
C PRO C 271 32.92 11.22 -57.81
N ASN C 272 32.05 10.84 -56.87
CA ASN C 272 30.62 11.01 -56.99
C ASN C 272 30.09 12.11 -56.06
N LYS C 273 30.93 13.10 -55.76
CA LYS C 273 30.55 14.16 -54.82
C LYS C 273 29.21 14.80 -55.19
N GLU C 274 28.95 14.98 -56.49
CA GLU C 274 27.71 15.63 -56.88
C GLU C 274 26.53 14.69 -56.70
N LEU C 275 26.77 13.38 -56.82
CA LEU C 275 25.71 12.42 -56.59
C LEU C 275 25.43 12.28 -55.10
N ALA C 276 26.50 12.23 -54.30
CA ALA C 276 26.33 12.18 -52.86
C ALA C 276 25.60 13.43 -52.38
N LYS C 277 25.89 14.58 -52.98
CA LYS C 277 25.15 15.78 -52.62
C LYS C 277 23.67 15.61 -52.91
N GLU C 278 23.33 15.05 -54.08
CA GLU C 278 21.94 14.90 -54.47
C GLU C 278 21.22 13.91 -53.56
N PHE C 279 21.88 12.81 -53.21
CA PHE C 279 21.28 11.85 -52.30
C PHE C 279 20.98 12.49 -50.95
N LEU C 280 21.98 13.13 -50.34
CA LEU C 280 21.78 13.65 -49.00
C LEU C 280 20.78 14.81 -48.99
N GLU C 281 20.87 15.73 -49.96
CA GLU C 281 20.06 16.93 -49.88
C GLU C 281 18.63 16.67 -50.30
N ASN C 282 18.44 15.97 -51.44
CA ASN C 282 17.15 15.89 -52.10
C ASN C 282 16.39 14.60 -51.82
N TYR C 283 17.03 13.60 -51.21
CA TYR C 283 16.39 12.34 -50.87
C TYR C 283 16.40 12.04 -49.37
N LEU C 284 17.56 12.09 -48.70
CA LEU C 284 17.58 11.78 -47.28
C LEU C 284 17.04 12.92 -46.43
N LEU C 285 17.57 14.13 -46.58
CA LEU C 285 17.09 15.21 -45.74
C LEU C 285 15.78 15.77 -46.29
N THR C 286 14.82 14.88 -46.45
CA THR C 286 13.42 15.19 -46.73
C THR C 286 12.59 14.57 -45.60
N ASP C 287 11.34 15.04 -45.43
CA ASP C 287 10.43 14.41 -44.47
C ASP C 287 10.39 12.91 -44.71
N GLU C 288 10.34 12.57 -45.98
CA GLU C 288 10.05 11.26 -46.52
C GLU C 288 11.20 10.31 -46.30
N GLY C 289 12.42 10.78 -46.59
CA GLY C 289 13.62 10.00 -46.30
C GLY C 289 13.87 9.84 -44.80
N LEU C 290 13.69 10.93 -44.04
CA LEU C 290 13.92 10.82 -42.60
C LEU C 290 12.95 9.85 -41.96
N GLU C 291 11.67 9.85 -42.42
CA GLU C 291 10.71 8.87 -41.94
C GLU C 291 11.15 7.45 -42.24
N ALA C 292 11.71 7.23 -43.44
CA ALA C 292 12.14 5.88 -43.80
C ALA C 292 13.22 5.39 -42.86
N VAL C 293 14.20 6.24 -42.55
CA VAL C 293 15.22 5.85 -41.58
C VAL C 293 14.61 5.82 -40.18
N ASN C 294 13.76 6.79 -39.86
CA ASN C 294 13.20 6.85 -38.51
C ASN C 294 12.33 5.64 -38.20
N LYS C 295 11.61 5.12 -39.21
CA LYS C 295 10.68 4.00 -39.05
C LYS C 295 11.44 2.69 -38.78
N ASP C 296 12.67 2.59 -39.27
CA ASP C 296 13.50 1.42 -38.98
C ASP C 296 14.06 1.48 -37.55
N LYS C 297 14.87 2.52 -37.25
CA LYS C 297 15.37 2.82 -35.89
C LYS C 297 15.23 4.32 -35.63
N PRO C 298 14.57 4.72 -34.56
CA PRO C 298 14.24 6.14 -34.40
C PRO C 298 15.50 6.98 -34.35
N LEU C 299 15.40 8.16 -34.95
CA LEU C 299 16.53 9.09 -35.00
C LEU C 299 16.61 10.01 -33.78
N GLY C 300 15.50 10.25 -33.09
CA GLY C 300 15.47 11.26 -32.06
C GLY C 300 14.95 12.59 -32.58
N ALA C 301 15.56 13.68 -32.13
CA ALA C 301 15.26 14.98 -32.70
C ALA C 301 16.05 15.16 -33.99
N VAL C 302 15.39 15.63 -35.02
CA VAL C 302 16.02 15.66 -36.33
C VAL C 302 16.41 17.09 -36.66
N ALA C 303 17.47 17.24 -37.45
CA ALA C 303 17.92 18.57 -37.83
C ALA C 303 16.96 19.26 -38.80
N LEU C 304 16.05 18.52 -39.42
CA LEU C 304 15.18 19.06 -40.45
C LEU C 304 13.94 19.67 -39.80
N LYS C 305 13.72 20.97 -40.02
CA LYS C 305 12.68 21.70 -39.31
C LYS C 305 11.29 21.11 -39.58
N SER C 306 10.96 20.90 -40.86
CA SER C 306 9.63 20.44 -41.24
C SER C 306 9.30 19.09 -40.62
N TYR C 307 10.30 18.23 -40.46
CA TYR C 307 10.06 16.92 -39.89
C TYR C 307 10.08 16.96 -38.36
N GLU C 308 11.02 17.71 -37.77
CA GLU C 308 11.09 17.84 -36.32
C GLU C 308 9.80 18.39 -35.74
N GLU C 309 9.07 19.18 -36.52
CA GLU C 309 7.85 19.78 -36.01
C GLU C 309 6.72 18.78 -35.81
N GLU C 310 6.76 17.62 -36.48
CA GLU C 310 5.83 16.56 -36.12
C GLU C 310 6.45 15.54 -35.18
N LEU C 311 7.76 15.56 -34.99
CA LEU C 311 8.34 14.63 -34.03
C LEU C 311 8.26 15.12 -32.60
N VAL C 312 8.01 16.41 -32.36
CA VAL C 312 8.09 16.88 -30.96
C VAL C 312 6.79 16.61 -30.22
N LYS C 313 5.75 16.10 -30.89
CA LYS C 313 4.58 15.69 -30.12
C LYS C 313 4.86 14.50 -29.26
N ASP C 314 5.98 13.87 -29.50
CA ASP C 314 6.29 12.62 -28.87
C ASP C 314 6.97 12.88 -27.54
N PRO C 315 6.41 12.40 -26.43
CA PRO C 315 7.05 12.60 -25.13
C PRO C 315 8.49 12.15 -25.11
N ARG C 316 8.84 11.12 -25.87
CA ARG C 316 10.21 10.62 -25.81
C ARG C 316 11.19 11.61 -26.41
N ILE C 317 10.79 12.32 -27.48
CA ILE C 317 11.63 13.36 -28.05
C ILE C 317 11.78 14.54 -27.09
N ALA C 318 10.68 14.94 -26.44
CA ALA C 318 10.77 15.97 -25.40
C ALA C 318 11.78 15.59 -24.32
N ALA C 319 11.72 14.34 -23.84
CA ALA C 319 12.70 13.90 -22.86
C ALA C 319 14.12 13.93 -23.42
N THR C 320 14.28 13.47 -24.67
CA THR C 320 15.57 13.54 -25.35
C THR C 320 16.08 14.97 -25.44
N MET C 321 15.22 15.90 -25.87
CA MET C 321 15.64 17.29 -25.97
C MET C 321 15.92 17.91 -24.60
N GLU C 322 15.17 17.52 -23.56
CA GLU C 322 15.44 18.06 -22.25
C GLU C 322 16.80 17.60 -21.73
N ASN C 323 17.13 16.31 -21.88
CA ASN C 323 18.45 15.84 -21.49
C ASN C 323 19.54 16.51 -22.32
N ALA C 324 19.27 16.76 -23.61
CA ALA C 324 20.26 17.42 -24.45
C ALA C 324 20.48 18.86 -24.00
N GLN C 325 19.43 19.56 -23.53
CA GLN C 325 19.56 20.92 -23.02
C GLN C 325 20.22 20.92 -21.64
N LYS C 326 20.18 19.79 -20.91
CA LYS C 326 20.95 19.71 -19.67
C LYS C 326 22.39 19.27 -19.88
N GLY C 327 22.72 18.58 -20.98
CA GLY C 327 24.07 18.16 -21.25
C GLY C 327 24.61 18.85 -22.48
N GLU C 328 25.81 18.44 -22.92
CA GLU C 328 26.35 19.47 -23.79
C GLU C 328 26.82 18.94 -25.14
N ILE C 329 26.69 19.81 -26.15
CA ILE C 329 27.11 19.46 -27.50
C ILE C 329 28.61 19.25 -27.56
N MET C 330 28.98 18.13 -28.15
CA MET C 330 30.37 17.75 -28.24
C MET C 330 31.12 18.75 -29.13
N PRO C 331 32.35 19.09 -28.77
CA PRO C 331 33.20 19.80 -29.73
C PRO C 331 33.61 18.83 -30.83
N ASN C 332 33.87 19.38 -32.02
CA ASN C 332 34.35 18.58 -33.14
C ASN C 332 35.85 18.72 -33.36
N ILE C 333 36.55 19.41 -32.46
CA ILE C 333 37.98 19.67 -32.54
C ILE C 333 38.74 18.37 -32.72
N PRO C 334 39.91 18.40 -33.36
CA PRO C 334 40.60 17.13 -33.59
C PRO C 334 41.10 16.42 -32.35
N GLN C 335 41.55 17.08 -31.27
CA GLN C 335 41.87 16.14 -30.18
C GLN C 335 40.64 15.79 -29.32
N MET C 336 39.43 16.24 -29.71
CA MET C 336 38.20 15.57 -29.21
C MET C 336 38.28 14.08 -29.44
N SER C 337 38.98 13.70 -30.50
CA SER C 337 39.46 12.34 -30.60
C SER C 337 40.08 11.90 -29.28
N ALA C 338 41.36 12.27 -29.03
CA ALA C 338 42.13 11.80 -27.89
C ALA C 338 41.36 11.77 -26.57
N PHE C 339 40.51 12.78 -26.32
CA PHE C 339 39.67 12.82 -25.12
C PHE C 339 38.92 11.51 -24.91
N TRP C 340 38.20 11.05 -25.94
CA TRP C 340 37.42 9.82 -25.81
C TRP C 340 38.34 8.63 -25.59
N TYR C 341 39.55 8.66 -26.13
CA TYR C 341 40.24 7.39 -26.07
C TYR C 341 40.94 7.30 -24.73
N ALA C 342 41.17 8.46 -24.09
CA ALA C 342 41.69 8.52 -22.73
C ALA C 342 40.63 8.24 -21.68
N VAL C 343 39.45 8.85 -21.82
CA VAL C 343 38.38 8.62 -20.83
C VAL C 343 37.86 7.19 -20.91
N ARG C 344 37.88 6.58 -22.10
CA ARG C 344 37.40 5.21 -22.17
C ARG C 344 38.24 4.31 -21.29
N THR C 345 39.57 4.39 -21.45
CA THR C 345 40.46 3.51 -20.70
C THR C 345 40.42 3.82 -19.21
N ALA C 346 40.22 5.09 -18.84
CA ALA C 346 40.20 5.45 -17.42
C ALA C 346 38.97 4.87 -16.71
N VAL C 347 37.81 4.86 -17.38
CA VAL C 347 36.59 4.36 -16.73
C VAL C 347 36.62 2.84 -16.65
N ILE C 348 37.17 2.20 -17.66
CA ILE C 348 37.30 0.75 -17.62
C ILE C 348 38.28 0.36 -16.52
N ASN C 349 39.32 1.19 -16.32
CA ASN C 349 40.33 0.90 -15.30
C ASN C 349 39.77 1.05 -13.90
N ALA C 350 39.06 2.15 -13.64
CA ALA C 350 38.41 2.32 -12.35
C ALA C 350 37.34 1.25 -12.14
N ALA C 351 36.56 0.94 -13.18
CA ALA C 351 35.47 -0.02 -13.04
C ALA C 351 35.98 -1.41 -12.67
N SER C 352 37.03 -1.88 -13.34
CA SER C 352 37.50 -3.23 -13.12
C SER C 352 38.33 -3.36 -11.84
N GLY C 353 38.85 -2.23 -11.30
CA GLY C 353 39.64 -2.23 -10.08
C GLY C 353 41.16 -2.21 -10.23
N ARG C 354 41.69 -2.33 -11.45
CA ARG C 354 43.12 -2.21 -11.71
C ARG C 354 43.74 -0.96 -11.11
N GLN C 355 42.99 0.13 -11.12
CA GLN C 355 43.57 1.41 -10.78
C GLN C 355 42.54 2.22 -10.00
N THR C 356 43.02 3.07 -9.10
CA THR C 356 42.15 4.01 -8.41
C THR C 356 41.56 5.04 -9.36
N VAL C 357 40.46 5.63 -8.87
CA VAL C 357 39.77 6.66 -9.62
C VAL C 357 40.67 7.88 -9.77
N ASP C 358 41.45 8.17 -8.74
CA ASP C 358 42.23 9.41 -8.75
C ASP C 358 43.42 9.32 -9.69
N GLU C 359 44.08 8.16 -9.75
CA GLU C 359 45.14 7.97 -10.72
C GLU C 359 44.58 7.68 -12.11
N ALA C 360 43.46 6.94 -12.21
CA ALA C 360 42.92 6.63 -13.53
C ALA C 360 42.65 7.90 -14.32
N LEU C 361 42.09 8.92 -13.67
CA LEU C 361 41.81 10.16 -14.37
C LEU C 361 42.98 11.13 -14.34
N LYS C 362 43.96 10.93 -13.46
CA LYS C 362 45.11 11.84 -13.53
C LYS C 362 46.07 11.43 -14.63
N ASP C 363 46.37 10.14 -14.81
CA ASP C 363 47.09 9.80 -16.01
C ASP C 363 46.21 10.01 -17.23
N ALA C 364 44.90 9.72 -17.11
CA ALA C 364 44.01 10.02 -18.23
C ALA C 364 44.05 11.52 -18.57
N GLN C 365 44.35 12.38 -17.61
CA GLN C 365 44.38 13.79 -18.00
C GLN C 365 45.67 14.21 -18.69
N THR C 366 46.82 13.72 -18.27
CA THR C 366 48.04 14.02 -19.01
C THR C 366 47.93 13.52 -20.45
N ARG C 367 47.13 12.47 -20.65
CA ARG C 367 47.19 11.73 -21.89
C ARG C 367 46.45 12.54 -22.95
N ILE C 368 45.57 13.45 -22.51
CA ILE C 368 44.91 14.44 -23.36
C ILE C 368 45.74 15.70 -23.57
N THR C 369 46.71 16.00 -22.71
CA THR C 369 47.49 17.24 -22.84
C THR C 369 48.99 16.98 -23.08
N GLN D 2 5.62 17.04 -60.59
CA GLN D 2 6.56 18.15 -60.67
C GLN D 2 7.64 17.88 -61.73
N VAL D 3 8.01 16.61 -61.88
CA VAL D 3 9.02 16.22 -62.87
C VAL D 3 8.39 16.28 -64.26
N GLN D 4 9.11 16.88 -65.21
CA GLN D 4 8.63 16.92 -66.59
C GLN D 4 9.78 16.63 -67.53
N LEU D 5 9.48 15.89 -68.59
CA LEU D 5 10.39 15.59 -69.71
C LEU D 5 9.63 16.02 -70.96
N GLN D 6 9.77 17.29 -71.33
CA GLN D 6 9.06 17.86 -72.49
C GLN D 6 9.79 17.59 -73.80
N GLN D 7 9.07 16.94 -74.73
CA GLN D 7 9.22 16.47 -76.10
C GLN D 7 8.17 17.08 -77.04
N PRO D 8 8.56 17.42 -78.27
CA PRO D 8 7.59 17.90 -79.29
C PRO D 8 6.52 16.86 -79.60
N GLY D 9 5.33 17.31 -79.96
CA GLY D 9 4.23 16.38 -80.21
C GLY D 9 4.53 15.41 -81.33
N SER D 10 4.98 15.93 -82.48
CA SER D 10 5.25 15.11 -83.66
C SER D 10 6.12 15.91 -84.63
N GLU D 11 6.96 15.20 -85.38
CA GLU D 11 7.83 15.76 -86.41
C GLU D 11 7.70 14.96 -87.69
N LEU D 12 7.74 15.67 -88.82
CA LEU D 12 7.53 15.09 -90.13
C LEU D 12 8.79 15.19 -90.99
N VAL D 13 9.28 14.04 -91.49
CA VAL D 13 10.51 13.96 -92.29
C VAL D 13 10.32 12.90 -93.37
N ARG D 14 11.12 12.95 -94.46
CA ARG D 14 11.08 11.89 -95.49
C ARG D 14 12.48 11.32 -95.69
N PRO D 15 12.57 10.07 -96.15
CA PRO D 15 13.79 9.27 -95.99
C PRO D 15 15.08 9.90 -96.52
N GLY D 16 16.19 9.39 -95.97
CA GLY D 16 17.52 9.89 -96.24
C GLY D 16 17.88 11.10 -95.45
N ALA D 17 16.90 11.75 -94.81
CA ALA D 17 17.11 12.94 -94.02
C ALA D 17 17.65 12.59 -92.63
N SER D 18 17.72 13.61 -91.76
CA SER D 18 18.09 13.48 -90.36
C SER D 18 17.05 14.20 -89.53
N VAL D 19 16.95 13.79 -88.27
CA VAL D 19 16.18 14.51 -87.25
C VAL D 19 16.91 14.40 -85.92
N LYS D 20 16.88 15.50 -85.17
CA LYS D 20 17.46 15.58 -83.84
C LYS D 20 16.26 15.86 -82.93
N LEU D 21 15.92 14.90 -82.08
CA LEU D 21 14.75 15.03 -81.22
C LEU D 21 15.17 15.58 -79.87
N SER D 22 14.34 16.46 -79.32
CA SER D 22 14.68 17.20 -78.11
C SER D 22 13.83 16.71 -76.96
N CYS D 23 14.49 16.52 -75.81
CA CYS D 23 13.84 16.12 -74.56
C CYS D 23 14.32 17.08 -73.49
N LYS D 24 13.40 17.87 -72.96
CA LYS D 24 13.70 18.94 -72.03
C LYS D 24 13.25 18.55 -70.63
N ALA D 25 14.16 18.68 -69.67
CA ALA D 25 13.94 18.14 -68.33
C ALA D 25 13.77 19.32 -67.38
N SER D 26 12.74 19.23 -66.56
CA SER D 26 12.49 20.23 -65.55
C SER D 26 12.04 19.52 -64.28
N GLY D 27 12.24 20.21 -63.14
CA GLY D 27 11.76 19.75 -61.84
C GLY D 27 12.66 18.80 -61.09
N TYR D 28 13.90 18.60 -61.53
CA TYR D 28 14.87 17.75 -60.85
C TYR D 28 16.23 18.15 -61.41
N THR D 29 17.31 17.64 -60.80
CA THR D 29 18.64 18.06 -61.23
C THR D 29 19.10 17.14 -62.37
N PHE D 30 19.13 17.73 -63.56
CA PHE D 30 19.26 17.03 -64.83
C PHE D 30 20.58 16.28 -64.94
N THR D 31 21.62 16.75 -64.26
CA THR D 31 22.95 16.19 -64.38
C THR D 31 23.11 14.82 -63.72
N ASN D 32 22.25 14.46 -62.77
CA ASN D 32 22.48 13.30 -61.91
C ASN D 32 21.60 12.10 -62.25
N SER D 33 20.82 12.14 -63.34
CA SER D 33 19.92 11.07 -63.71
C SER D 33 20.26 10.55 -65.10
N TRP D 34 20.49 9.24 -65.22
CA TRP D 34 20.60 8.61 -66.53
C TRP D 34 19.35 8.89 -67.36
N MET D 35 19.55 9.15 -68.64
CA MET D 35 18.44 9.38 -69.56
C MET D 35 18.48 8.33 -70.67
N HIS D 36 17.40 7.57 -70.81
CA HIS D 36 17.28 6.57 -71.88
C HIS D 36 16.36 7.10 -72.96
N TRP D 37 16.50 6.52 -74.16
CA TRP D 37 15.54 6.73 -75.24
C TRP D 37 14.95 5.40 -75.68
N VAL D 38 13.63 5.37 -75.87
CA VAL D 38 12.90 4.15 -76.23
C VAL D 38 12.02 4.41 -77.45
N LYS D 39 12.02 3.45 -78.39
CA LYS D 39 11.19 3.49 -79.59
C LYS D 39 10.00 2.55 -79.44
N GLN D 40 8.81 3.02 -79.87
CA GLN D 40 7.59 2.22 -79.85
C GLN D 40 6.75 2.49 -81.09
N ARG D 41 6.59 1.49 -81.91
CA ARG D 41 5.67 1.96 -82.92
C ARG D 41 4.22 1.59 -82.51
N PRO D 42 3.27 2.49 -82.83
CA PRO D 42 1.92 2.51 -82.21
C PRO D 42 1.20 1.17 -82.24
N GLY D 43 0.72 0.73 -81.07
CA GLY D 43 0.07 -0.56 -80.92
C GLY D 43 1.00 -1.72 -80.65
N GLN D 44 2.32 -1.52 -80.66
CA GLN D 44 3.24 -2.63 -80.43
C GLN D 44 4.16 -2.41 -79.23
N GLY D 45 5.32 -3.08 -79.24
CA GLY D 45 6.20 -3.04 -78.10
C GLY D 45 7.23 -1.94 -78.15
N LEU D 46 8.04 -1.91 -77.08
CA LEU D 46 9.03 -0.88 -76.85
C LEU D 46 10.42 -1.47 -77.00
N GLU D 47 11.32 -0.71 -77.61
CA GLU D 47 12.70 -1.13 -77.82
C GLU D 47 13.65 -0.09 -77.24
N TRP D 48 14.66 -0.55 -76.51
CA TRP D 48 15.66 0.39 -75.97
C TRP D 48 16.67 0.79 -77.05
N ILE D 49 16.86 2.10 -77.21
CA ILE D 49 17.82 2.65 -78.15
C ILE D 49 19.20 2.82 -77.52
N GLY D 50 19.24 3.52 -76.39
CA GLY D 50 20.49 3.81 -75.72
C GLY D 50 20.26 4.79 -74.58
N ASN D 51 21.38 5.18 -73.95
CA ASN D 51 21.33 6.09 -72.80
C ASN D 51 22.59 6.95 -72.71
N ILE D 52 22.40 8.09 -72.04
CA ILE D 52 23.32 9.21 -71.86
C ILE D 52 23.39 9.49 -70.36
N PHE D 53 24.60 9.62 -69.80
CA PHE D 53 24.68 10.21 -68.46
C PHE D 53 25.01 11.68 -68.58
N PRO D 54 24.06 12.60 -68.36
CA PRO D 54 24.32 14.02 -68.68
C PRO D 54 25.50 14.62 -67.91
N GLY D 55 25.89 14.02 -66.78
CA GLY D 55 26.96 14.58 -65.97
C GLY D 55 28.33 14.47 -66.61
N ASN D 56 28.55 13.46 -67.45
CA ASN D 56 29.82 13.35 -68.16
C ASN D 56 29.67 12.99 -69.64
N GLY D 57 28.45 12.86 -70.14
CA GLY D 57 28.22 12.61 -71.54
C GLY D 57 28.44 11.18 -71.97
N ASN D 58 28.70 10.27 -71.02
CA ASN D 58 28.88 8.86 -71.36
C ASN D 58 27.59 8.29 -71.95
N THR D 59 27.78 7.35 -72.88
CA THR D 59 26.67 6.76 -73.60
C THR D 59 26.81 5.25 -73.62
N ASN D 60 25.66 4.59 -73.83
CA ASN D 60 25.60 3.19 -74.23
C ASN D 60 24.51 3.02 -75.27
N TYR D 61 24.79 2.24 -76.31
CA TYR D 61 23.90 2.07 -77.44
C TYR D 61 23.44 0.64 -77.55
N ASP D 62 22.15 0.44 -77.79
CA ASP D 62 21.68 -0.85 -78.26
C ASP D 62 22.32 -1.13 -79.63
N GLU D 63 22.51 -2.40 -79.94
CA GLU D 63 23.31 -2.72 -81.12
C GLU D 63 22.57 -2.40 -82.40
N ASN D 64 21.23 -2.46 -82.38
CA ASN D 64 20.42 -2.11 -83.53
C ASN D 64 20.24 -0.61 -83.73
N PHE D 65 20.89 0.23 -82.93
CA PHE D 65 20.81 1.65 -83.18
C PHE D 65 22.18 2.25 -83.25
N LYS D 66 23.21 1.44 -83.09
CA LYS D 66 24.56 1.88 -83.34
C LYS D 66 24.68 2.28 -84.81
N SER D 67 25.27 3.47 -85.04
CA SER D 67 25.35 4.14 -86.34
C SER D 67 23.96 4.52 -86.89
N LYS D 68 22.95 4.55 -86.03
CA LYS D 68 21.62 5.02 -86.41
C LYS D 68 21.06 6.05 -85.47
N ALA D 69 21.31 5.91 -84.18
CA ALA D 69 20.99 6.94 -83.20
C ALA D 69 22.30 7.45 -82.64
N THR D 70 22.38 8.75 -82.42
CA THR D 70 23.50 9.31 -81.69
C THR D 70 22.95 10.30 -80.67
N LEU D 71 23.33 10.12 -79.39
CA LEU D 71 22.88 10.99 -78.31
C LEU D 71 23.93 11.88 -77.67
N THR D 72 23.44 13.08 -77.42
CA THR D 72 24.16 14.21 -76.91
C THR D 72 23.24 14.90 -75.92
N VAL D 73 23.84 15.73 -75.09
CA VAL D 73 23.12 16.41 -74.03
C VAL D 73 23.63 17.83 -74.00
N ASP D 74 22.75 18.79 -73.72
CA ASP D 74 23.21 20.14 -73.37
C ASP D 74 22.89 20.45 -71.91
N THR D 75 23.90 20.28 -71.05
CA THR D 75 23.73 20.52 -69.62
C THR D 75 23.11 21.89 -69.35
N SER D 76 23.58 22.93 -70.05
CA SER D 76 23.20 24.30 -69.75
C SER D 76 21.71 24.57 -69.97
N SER D 77 21.08 23.88 -70.93
CA SER D 77 19.64 24.05 -71.17
C SER D 77 18.79 22.92 -70.59
N ASN D 78 19.42 21.91 -69.98
CA ASN D 78 18.74 20.77 -69.36
C ASN D 78 17.94 19.96 -70.39
N THR D 79 18.50 19.83 -71.59
CA THR D 79 17.84 19.16 -72.69
C THR D 79 18.72 18.02 -73.17
N ALA D 80 18.08 16.86 -73.34
CA ALA D 80 18.68 15.74 -74.04
C ALA D 80 18.19 15.73 -75.47
N TYR D 81 19.07 15.37 -76.40
CA TYR D 81 18.83 15.40 -77.84
C TYR D 81 19.14 14.06 -78.45
N MET D 82 18.24 13.56 -79.31
CA MET D 82 18.51 12.36 -80.07
C MET D 82 18.46 12.63 -81.56
N GLN D 83 19.56 12.32 -82.23
CA GLN D 83 19.68 12.42 -83.68
C GLN D 83 19.58 11.03 -84.32
N LEU D 84 18.59 10.87 -85.21
CA LEU D 84 18.46 9.70 -86.07
C LEU D 84 18.88 10.09 -87.48
N SER D 85 19.88 9.40 -88.01
CA SER D 85 20.36 9.63 -89.36
C SER D 85 19.59 8.80 -90.39
N SER D 86 19.80 9.16 -91.68
CA SER D 86 19.34 8.43 -92.87
C SER D 86 17.99 7.72 -92.70
N LEU D 87 16.91 8.49 -92.55
CA LEU D 87 15.63 7.89 -92.14
C LEU D 87 15.04 6.97 -93.19
N THR D 88 14.23 6.03 -92.72
CA THR D 88 13.50 5.08 -93.55
C THR D 88 12.13 4.87 -92.93
N SER D 89 11.25 4.16 -93.66
CA SER D 89 9.91 3.86 -93.14
C SER D 89 9.95 3.10 -91.81
N GLU D 90 11.00 2.32 -91.60
CA GLU D 90 11.10 1.53 -90.37
C GLU D 90 11.29 2.40 -89.14
N ASP D 91 11.69 3.67 -89.31
CA ASP D 91 11.89 4.63 -88.22
C ASP D 91 10.61 5.36 -87.82
N SER D 92 9.49 5.15 -88.52
CA SER D 92 8.25 5.78 -88.10
C SER D 92 7.81 5.17 -86.78
N ALA D 93 7.85 5.94 -85.72
CA ALA D 93 7.43 5.45 -84.41
C ALA D 93 7.31 6.62 -83.45
N VAL D 94 6.77 6.33 -82.28
CA VAL D 94 6.88 7.25 -81.16
C VAL D 94 8.23 7.02 -80.49
N TYR D 95 8.95 8.10 -80.23
CA TYR D 95 10.24 8.04 -79.55
C TYR D 95 10.11 8.69 -78.18
N TYR D 96 10.50 7.95 -77.15
CA TYR D 96 10.38 8.37 -75.76
C TYR D 96 11.74 8.64 -75.15
N CYS D 97 11.82 9.65 -74.30
CA CYS D 97 12.95 9.79 -73.37
C CYS D 97 12.48 9.45 -71.97
N THR D 98 13.33 8.75 -71.24
CA THR D 98 12.95 8.28 -69.92
C THR D 98 14.11 8.39 -68.94
N ARG D 99 13.81 8.84 -67.72
CA ARG D 99 14.83 9.16 -66.74
C ARG D 99 14.99 8.05 -65.70
N GLY D 100 16.23 7.83 -65.26
CA GLY D 100 16.47 6.84 -64.22
C GLY D 100 16.35 5.42 -64.72
N LEU D 101 15.78 4.56 -63.89
CA LEU D 101 15.42 3.22 -64.35
C LEU D 101 14.03 3.30 -64.98
N PHE D 102 13.99 3.98 -66.12
CA PHE D 102 12.75 4.09 -66.89
C PHE D 102 11.59 4.46 -65.95
N ALA D 103 11.87 5.37 -65.03
CA ALA D 103 10.98 5.74 -63.94
C ALA D 103 9.98 6.82 -64.33
N TYR D 104 10.46 7.84 -65.03
CA TYR D 104 9.58 8.88 -65.54
C TYR D 104 9.81 8.99 -67.04
N TRP D 105 8.72 9.07 -67.77
CA TRP D 105 8.78 9.00 -69.22
C TRP D 105 8.31 10.30 -69.79
N GLY D 106 8.95 10.73 -70.84
CA GLY D 106 8.32 11.74 -71.64
C GLY D 106 7.03 11.24 -72.26
N GLN D 107 6.31 12.22 -72.78
CA GLN D 107 5.05 12.14 -73.50
C GLN D 107 5.21 11.77 -74.95
N GLY D 108 6.43 11.70 -75.45
CA GLY D 108 6.70 11.12 -76.75
C GLY D 108 6.46 11.97 -77.98
N THR D 109 7.41 11.92 -78.91
CA THR D 109 7.29 12.55 -80.22
C THR D 109 7.06 11.47 -81.28
N LEU D 110 5.97 11.58 -82.02
CA LEU D 110 5.72 10.69 -83.14
C LEU D 110 6.38 11.28 -84.37
N VAL D 111 7.45 10.66 -84.84
CA VAL D 111 8.06 11.08 -86.09
C VAL D 111 7.56 10.12 -87.17
N THR D 112 6.98 10.69 -88.20
CA THR D 112 6.39 9.95 -89.30
C THR D 112 7.25 10.27 -90.51
N VAL D 113 7.85 9.28 -91.13
CA VAL D 113 8.71 9.59 -92.23
C VAL D 113 8.10 9.42 -93.60
N SER D 114 8.07 10.52 -94.34
CA SER D 114 7.60 10.56 -95.72
C SER D 114 8.00 11.89 -96.31
N ASP D 131 19.79 -9.64 -75.56
CA ASP D 131 20.03 -11.02 -75.16
C ASP D 131 19.03 -11.69 -74.19
N ILE D 132 18.44 -10.93 -73.24
CA ILE D 132 17.45 -11.46 -72.28
C ILE D 132 16.05 -11.40 -72.89
N VAL D 133 15.27 -12.46 -72.68
CA VAL D 133 13.93 -12.58 -73.25
C VAL D 133 12.90 -12.53 -72.13
N MET D 134 11.92 -11.65 -72.28
CA MET D 134 10.84 -11.49 -71.31
C MET D 134 9.55 -11.99 -71.97
N THR D 135 8.99 -13.07 -71.44
CA THR D 135 7.78 -13.66 -71.99
C THR D 135 6.62 -13.31 -71.07
N GLN D 136 5.72 -12.49 -71.57
CA GLN D 136 4.57 -12.03 -70.80
C GLN D 136 3.31 -12.75 -71.28
N SER D 137 2.43 -13.07 -70.34
CA SER D 137 1.18 -13.74 -70.68
C SER D 137 0.16 -13.44 -69.58
N PRO D 138 -1.14 -13.40 -69.91
CA PRO D 138 -1.65 -13.56 -71.27
C PRO D 138 -1.42 -12.30 -72.10
N SER D 139 -1.36 -12.41 -73.42
CA SER D 139 -1.12 -11.23 -74.24
C SER D 139 -2.34 -10.33 -74.28
N SER D 140 -3.54 -10.85 -74.03
CA SER D 140 -4.71 -10.01 -73.88
C SER D 140 -5.69 -10.70 -72.94
N LEU D 141 -6.54 -9.89 -72.31
CA LEU D 141 -7.48 -10.45 -71.37
C LEU D 141 -8.60 -9.44 -71.14
N ALA D 142 -9.81 -9.95 -70.96
CA ALA D 142 -11.01 -9.13 -70.76
C ALA D 142 -11.69 -9.57 -69.47
N MET D 143 -11.76 -8.66 -68.50
CA MET D 143 -12.36 -8.95 -67.20
C MET D 143 -13.43 -7.92 -66.87
N SER D 144 -14.30 -8.27 -65.92
CA SER D 144 -15.35 -7.36 -65.45
C SER D 144 -14.88 -6.65 -64.18
N VAL D 145 -15.49 -5.51 -63.92
CA VAL D 145 -15.13 -4.71 -62.76
C VAL D 145 -15.29 -5.51 -61.47
N GLY D 146 -14.30 -5.37 -60.59
CA GLY D 146 -14.28 -6.03 -59.31
C GLY D 146 -13.50 -7.33 -59.28
N GLN D 147 -13.18 -7.89 -60.45
CA GLN D 147 -12.52 -9.18 -60.50
C GLN D 147 -11.00 -9.06 -60.32
N LYS D 148 -10.39 -10.20 -60.02
CA LYS D 148 -8.96 -10.30 -59.79
C LYS D 148 -8.24 -10.57 -61.11
N VAL D 149 -7.18 -9.83 -61.37
CA VAL D 149 -6.40 -10.00 -62.60
C VAL D 149 -4.97 -10.38 -62.25
N THR D 150 -4.47 -11.41 -62.92
CA THR D 150 -3.11 -11.90 -62.74
C THR D 150 -2.40 -11.84 -64.08
N MET D 151 -1.30 -11.11 -64.13
CA MET D 151 -0.46 -11.03 -65.31
C MET D 151 0.91 -11.58 -64.95
N SER D 152 1.43 -12.48 -65.77
CA SER D 152 2.71 -13.09 -65.49
C SER D 152 3.77 -12.61 -66.47
N CYS D 153 5.00 -12.70 -66.01
CA CYS D 153 6.16 -12.25 -66.76
C CYS D 153 7.31 -13.16 -66.35
N LYS D 154 7.88 -13.89 -67.32
CA LYS D 154 8.97 -14.83 -67.09
C LYS D 154 10.20 -14.38 -67.85
N SER D 155 11.35 -14.43 -67.17
CA SER D 155 12.62 -13.97 -67.68
C SER D 155 13.51 -15.16 -68.04
N SER D 156 14.33 -15.00 -69.09
CA SER D 156 15.27 -16.07 -69.43
C SER D 156 16.45 -16.14 -68.47
N GLN D 157 16.66 -15.13 -67.62
CA GLN D 157 17.73 -15.15 -66.64
C GLN D 157 17.24 -14.57 -65.33
N SER D 158 17.86 -14.99 -64.23
CA SER D 158 17.52 -14.38 -62.97
C SER D 158 17.84 -12.89 -63.02
N LEU D 159 17.00 -12.09 -62.39
CA LEU D 159 17.17 -10.65 -62.32
C LEU D 159 17.51 -10.23 -60.90
N LEU D 160 18.10 -11.16 -60.17
CA LEU D 160 18.42 -11.06 -58.76
C LEU D 160 19.94 -10.98 -58.59
N ILE D 161 20.38 -10.31 -57.53
CA ILE D 161 21.80 -10.32 -57.18
C ILE D 161 21.94 -11.27 -55.98
N GLN D 165 19.67 -9.99 -53.21
CA GLN D 165 18.44 -9.33 -52.79
C GLN D 165 18.03 -8.39 -53.92
N LYS D 166 16.74 -8.03 -53.94
CA LYS D 166 16.13 -7.12 -54.92
C LYS D 166 16.25 -7.54 -56.39
N ASN D 167 15.08 -7.66 -57.00
CA ASN D 167 14.88 -8.09 -58.37
C ASN D 167 14.77 -6.86 -59.25
N TYR D 168 15.59 -6.80 -60.31
CA TYR D 168 15.60 -5.66 -61.24
C TYR D 168 14.48 -5.86 -62.26
N LEU D 169 13.27 -5.58 -61.83
CA LEU D 169 12.09 -5.81 -62.65
C LEU D 169 11.01 -4.81 -62.32
N ALA D 170 10.40 -4.22 -63.34
CA ALA D 170 9.36 -3.23 -63.13
C ALA D 170 8.16 -3.53 -64.00
N TRP D 171 7.04 -2.91 -63.62
CA TRP D 171 5.77 -3.04 -64.30
C TRP D 171 5.30 -1.66 -64.69
N TYR D 172 4.73 -1.55 -65.88
CA TYR D 172 4.28 -0.28 -66.42
C TYR D 172 2.84 -0.41 -66.91
N GLN D 173 2.13 0.70 -66.85
CA GLN D 173 0.78 0.80 -67.36
C GLN D 173 0.79 1.82 -68.48
N GLN D 174 0.21 1.47 -69.63
CA GLN D 174 0.11 2.38 -70.76
C GLN D 174 -1.34 2.43 -71.21
N LYS D 175 -2.05 3.47 -70.79
CA LYS D 175 -3.39 3.71 -71.28
C LYS D 175 -3.30 4.23 -72.71
N PRO D 176 -4.36 4.06 -73.50
CA PRO D 176 -4.26 4.39 -74.94
C PRO D 176 -3.90 5.85 -75.17
N GLY D 177 -2.93 6.08 -76.04
CA GLY D 177 -2.51 7.42 -76.38
C GLY D 177 -1.63 8.10 -75.35
N GLN D 178 -1.28 7.42 -74.26
CA GLN D 178 -0.45 8.01 -73.23
C GLN D 178 0.90 7.29 -73.18
N SER D 179 1.81 7.89 -72.45
CA SER D 179 3.12 7.32 -72.28
C SER D 179 3.09 6.21 -71.25
N PRO D 180 4.12 5.36 -71.22
CA PRO D 180 4.18 4.35 -70.17
C PRO D 180 4.37 5.00 -68.81
N LYS D 181 3.77 4.38 -67.79
CA LYS D 181 3.79 4.94 -66.44
C LYS D 181 4.19 3.87 -65.44
N LEU D 182 5.25 4.13 -64.66
CA LEU D 182 5.75 3.12 -63.73
C LEU D 182 4.72 2.84 -62.64
N LEU D 183 4.32 1.57 -62.52
CA LEU D 183 3.41 1.10 -61.47
C LEU D 183 4.15 0.52 -60.27
N VAL D 184 5.10 -0.38 -60.53
CA VAL D 184 5.84 -1.11 -59.52
C VAL D 184 7.29 -1.21 -59.98
N TYR D 185 8.23 -0.96 -59.08
CA TYR D 185 9.63 -1.18 -59.41
C TYR D 185 10.24 -2.14 -58.38
N PHE D 186 11.40 -2.69 -58.74
CA PHE D 186 12.10 -3.69 -57.94
C PHE D 186 11.12 -4.78 -57.48
N ALA D 187 10.31 -5.22 -58.45
CA ALA D 187 9.34 -6.31 -58.34
C ALA D 187 8.19 -5.99 -57.39
N SER D 188 8.46 -5.46 -56.18
CA SER D 188 7.46 -5.41 -55.13
C SER D 188 7.07 -4.01 -54.65
N THR D 189 7.86 -2.99 -54.94
CA THR D 189 7.65 -1.65 -54.41
C THR D 189 6.66 -0.89 -55.30
N ARG D 190 5.49 -0.59 -54.78
CA ARG D 190 4.54 0.27 -55.49
C ARG D 190 5.09 1.67 -55.60
N GLU D 191 5.05 2.24 -56.81
CA GLU D 191 5.47 3.63 -56.98
C GLU D 191 4.39 4.54 -56.36
N SER D 192 4.82 5.73 -55.91
CA SER D 192 3.89 6.67 -55.27
C SER D 192 2.77 7.04 -56.23
N GLY D 193 1.53 6.99 -55.75
CA GLY D 193 0.37 7.30 -56.54
C GLY D 193 -0.41 6.09 -57.07
N VAL D 194 0.22 4.93 -57.21
CA VAL D 194 -0.54 3.76 -57.65
C VAL D 194 -1.47 3.27 -56.53
N PRO D 195 -2.76 3.10 -56.83
CA PRO D 195 -3.67 2.44 -55.89
C PRO D 195 -3.09 1.10 -55.45
N ASP D 196 -3.48 0.66 -54.25
CA ASP D 196 -2.95 -0.58 -53.69
C ASP D 196 -3.58 -1.82 -54.31
N ARG D 197 -4.57 -1.67 -55.19
CA ARG D 197 -5.05 -2.82 -55.96
C ARG D 197 -3.92 -3.45 -56.78
N PHE D 198 -2.86 -2.71 -57.11
CA PHE D 198 -1.72 -3.26 -57.83
C PHE D 198 -0.69 -3.83 -56.86
N ILE D 199 -0.41 -5.13 -56.99
CA ILE D 199 0.58 -5.88 -56.22
C ILE D 199 1.53 -6.64 -57.14
N GLY D 200 2.79 -6.24 -57.15
CA GLY D 200 3.83 -7.00 -57.81
C GLY D 200 4.48 -7.98 -56.85
N SER D 201 4.79 -9.16 -57.37
CA SER D 201 5.35 -10.24 -56.59
C SER D 201 6.27 -11.06 -57.49
N GLY D 202 6.94 -12.04 -56.90
CA GLY D 202 7.82 -12.93 -57.62
C GLY D 202 9.28 -12.65 -57.34
N SER D 203 10.11 -13.51 -57.91
CA SER D 203 11.54 -13.45 -57.65
C SER D 203 12.27 -14.31 -58.68
N GLY D 204 13.53 -13.95 -58.93
CA GLY D 204 14.40 -14.70 -59.84
C GLY D 204 14.02 -14.53 -61.29
N THR D 205 13.16 -15.42 -61.81
CA THR D 205 12.73 -15.41 -63.19
C THR D 205 11.22 -15.32 -63.34
N ASP D 206 10.46 -15.62 -62.28
CA ASP D 206 9.00 -15.67 -62.30
C ASP D 206 8.42 -14.49 -61.54
N PHE D 207 7.67 -13.65 -62.25
CA PHE D 207 7.08 -12.46 -61.66
C PHE D 207 5.60 -12.36 -62.01
N THR D 208 4.86 -11.68 -61.14
CA THR D 208 3.43 -11.53 -61.30
C THR D 208 3.04 -10.10 -60.96
N LEU D 209 2.11 -9.56 -61.75
CA LEU D 209 1.45 -8.30 -61.43
C LEU D 209 -0.03 -8.61 -61.24
N THR D 210 -0.54 -8.32 -60.05
CA THR D 210 -1.91 -8.63 -59.69
C THR D 210 -2.70 -7.36 -59.52
N ILE D 211 -3.87 -7.29 -60.14
CA ILE D 211 -4.87 -6.27 -59.83
C ILE D 211 -5.93 -6.96 -59.01
N SER D 212 -5.96 -6.66 -57.70
CA SER D 212 -6.86 -7.38 -56.81
C SER D 212 -8.32 -7.13 -57.15
N SER D 213 -8.65 -5.93 -57.62
CA SER D 213 -10.03 -5.63 -58.00
C SER D 213 -9.99 -4.62 -59.14
N VAL D 214 -10.15 -5.10 -60.38
CA VAL D 214 -10.04 -4.19 -61.52
C VAL D 214 -11.12 -3.14 -61.45
N GLN D 215 -10.78 -1.96 -61.93
CA GLN D 215 -11.76 -0.90 -62.08
C GLN D 215 -11.70 -0.41 -63.52
N ALA D 216 -12.64 0.47 -63.85
CA ALA D 216 -12.77 0.94 -65.23
C ALA D 216 -11.51 1.65 -65.69
N GLU D 217 -10.88 2.43 -64.80
CA GLU D 217 -9.62 3.14 -65.10
C GLU D 217 -8.55 2.23 -65.67
N ASP D 218 -8.63 0.94 -65.38
CA ASP D 218 -7.52 0.03 -65.60
C ASP D 218 -7.41 -0.47 -67.04
N LEU D 219 -8.28 0.01 -67.93
CA LEU D 219 -8.15 -0.24 -69.36
C LEU D 219 -6.79 0.24 -69.83
N ALA D 220 -5.91 -0.67 -70.25
CA ALA D 220 -4.55 -0.33 -70.61
C ALA D 220 -3.73 -1.51 -71.10
N ASP D 221 -2.50 -1.23 -71.55
CA ASP D 221 -1.52 -2.25 -71.89
C ASP D 221 -0.49 -2.27 -70.76
N TYR D 222 -0.19 -3.45 -70.26
CA TYR D 222 0.68 -3.60 -69.10
C TYR D 222 1.97 -4.30 -69.52
N PHE D 223 3.11 -3.62 -69.35
CA PHE D 223 4.42 -4.16 -69.69
C PHE D 223 5.27 -4.43 -68.44
N CYS D 224 5.93 -5.58 -68.42
CA CYS D 224 7.04 -5.77 -67.52
C CYS D 224 8.32 -5.42 -68.26
N GLN D 225 9.34 -5.01 -67.51
CA GLN D 225 10.64 -4.69 -68.08
C GLN D 225 11.75 -5.07 -67.11
N GLN D 226 12.78 -5.72 -67.63
CA GLN D 226 13.95 -6.03 -66.83
C GLN D 226 14.88 -4.82 -66.80
N HIS D 227 15.48 -4.55 -65.63
CA HIS D 227 16.40 -3.44 -65.46
C HIS D 227 17.80 -3.91 -65.11
N PHE D 228 18.08 -5.20 -65.35
CA PHE D 228 19.33 -5.83 -64.95
C PHE D 228 20.51 -5.34 -65.79
N THR D 229 20.46 -5.55 -67.10
CA THR D 229 21.53 -5.17 -68.00
C THR D 229 20.92 -4.76 -69.34
N ALA D 230 21.71 -4.06 -70.13
CA ALA D 230 21.29 -3.72 -71.47
C ALA D 230 20.88 -5.01 -72.20
N PRO D 231 19.82 -4.97 -73.03
CA PRO D 231 19.06 -3.81 -73.48
C PRO D 231 17.78 -3.48 -72.72
N TYR D 232 17.69 -3.82 -71.44
CA TYR D 232 16.55 -3.47 -70.58
C TYR D 232 15.24 -3.89 -71.25
N THR D 233 15.19 -5.18 -71.54
CA THR D 233 14.18 -5.76 -72.41
C THR D 233 12.78 -5.63 -71.82
N PHE D 234 11.83 -5.22 -72.66
CA PHE D 234 10.43 -5.22 -72.28
C PHE D 234 9.77 -6.54 -72.69
N GLY D 235 8.74 -6.93 -71.95
CA GLY D 235 7.90 -8.03 -72.37
C GLY D 235 6.89 -7.57 -73.40
N GLY D 236 6.24 -8.55 -74.05
CA GLY D 236 5.31 -8.27 -75.14
C GLY D 236 4.04 -7.55 -74.74
N GLY D 237 3.72 -7.50 -73.47
CA GLY D 237 2.57 -6.76 -72.98
C GLY D 237 1.35 -7.64 -72.74
N THR D 238 0.48 -7.17 -71.84
CA THR D 238 -0.85 -7.72 -71.58
C THR D 238 -1.88 -6.63 -71.88
N LYS D 239 -2.66 -6.82 -72.94
CA LYS D 239 -3.70 -5.88 -73.34
C LYS D 239 -4.97 -6.22 -72.56
N LEU D 240 -5.27 -5.42 -71.54
CA LEU D 240 -6.41 -5.66 -70.65
C LEU D 240 -7.57 -4.71 -70.97
N GLU D 241 -8.77 -5.26 -71.18
CA GLU D 241 -9.92 -4.40 -71.41
C GLU D 241 -10.91 -4.67 -70.28
N ILE D 242 -11.73 -3.68 -69.91
CA ILE D 242 -12.63 -3.83 -68.77
C ILE D 242 -14.07 -3.84 -69.29
N LYS D 243 -14.84 -4.89 -68.99
CA LYS D 243 -16.22 -4.92 -69.51
C LYS D 243 -17.18 -4.20 -68.56
N LYS E 1 -28.59 -41.57 -28.56
CA LYS E 1 -29.13 -40.43 -27.86
C LYS E 1 -28.24 -39.25 -28.16
N ILE E 2 -28.84 -38.11 -28.44
CA ILE E 2 -28.06 -36.95 -28.76
C ILE E 2 -27.96 -36.06 -27.56
N GLU E 3 -26.74 -35.68 -27.22
CA GLU E 3 -26.46 -34.85 -26.07
C GLU E 3 -27.30 -33.61 -25.98
N GLU E 4 -27.78 -33.31 -24.79
CA GLU E 4 -28.54 -32.12 -24.62
C GLU E 4 -27.61 -31.00 -24.37
N GLY E 5 -27.96 -29.82 -24.83
CA GLY E 5 -27.18 -28.64 -24.56
C GLY E 5 -26.03 -28.34 -25.50
N LYS E 6 -25.90 -29.04 -26.63
CA LYS E 6 -24.86 -28.68 -27.57
C LYS E 6 -25.35 -29.00 -28.99
N LEU E 7 -24.86 -28.25 -29.98
CA LEU E 7 -25.27 -28.39 -31.37
C LEU E 7 -24.18 -29.05 -32.17
N VAL E 8 -24.48 -30.19 -32.76
CA VAL E 8 -23.58 -30.83 -33.71
C VAL E 8 -24.18 -30.68 -35.10
N ILE E 9 -23.37 -30.21 -36.04
CA ILE E 9 -23.81 -29.88 -37.38
C ILE E 9 -23.03 -30.71 -38.37
N TRP E 10 -23.75 -31.29 -39.33
CA TRP E 10 -23.17 -31.97 -40.48
C TRP E 10 -23.39 -31.15 -41.74
N ILE E 11 -22.31 -30.90 -42.46
CA ILE E 11 -22.35 -30.19 -43.74
C ILE E 11 -21.26 -30.81 -44.60
N ASN E 12 -21.51 -30.85 -45.89
CA ASN E 12 -20.63 -31.58 -46.79
C ASN E 12 -19.29 -30.87 -46.93
N GLY E 13 -18.23 -31.67 -47.11
CA GLY E 13 -16.85 -31.24 -47.14
C GLY E 13 -16.48 -30.31 -48.30
N ASP E 14 -17.37 -30.10 -49.26
CA ASP E 14 -17.06 -29.13 -50.29
C ASP E 14 -17.57 -27.75 -49.96
N LYS E 15 -18.42 -27.62 -48.96
CA LYS E 15 -18.95 -26.33 -48.55
C LYS E 15 -18.06 -25.67 -47.50
N GLY E 16 -18.38 -24.42 -47.18
CA GLY E 16 -17.57 -23.66 -46.26
C GLY E 16 -17.82 -23.97 -44.80
N TYR E 17 -17.42 -25.16 -44.34
CA TYR E 17 -17.72 -25.53 -42.97
C TYR E 17 -16.89 -24.75 -41.97
N ASN E 18 -15.65 -24.39 -42.34
CA ASN E 18 -14.84 -23.52 -41.48
C ASN E 18 -15.54 -22.18 -41.25
N GLY E 19 -16.06 -21.59 -42.31
CA GLY E 19 -16.84 -20.37 -42.15
C GLY E 19 -18.13 -20.62 -41.38
N LEU E 20 -18.77 -21.78 -41.58
CA LEU E 20 -19.95 -22.11 -40.78
C LEU E 20 -19.57 -22.30 -39.33
N ALA E 21 -18.45 -22.97 -39.07
CA ALA E 21 -17.99 -23.15 -37.70
C ALA E 21 -17.68 -21.82 -37.07
N GLU E 22 -17.42 -20.80 -37.88
CA GLU E 22 -17.08 -19.55 -37.27
C GLU E 22 -18.37 -18.84 -36.82
N VAL E 23 -19.49 -19.13 -37.49
CA VAL E 23 -20.81 -18.66 -37.03
C VAL E 23 -21.15 -19.39 -35.73
N GLY E 24 -20.66 -20.62 -35.54
CA GLY E 24 -20.87 -21.38 -34.32
C GLY E 24 -20.12 -20.83 -33.11
N LYS E 25 -19.05 -20.06 -33.33
CA LYS E 25 -18.40 -19.46 -32.18
C LYS E 25 -19.10 -18.17 -31.77
N LYS E 26 -19.60 -17.41 -32.73
CA LYS E 26 -20.42 -16.27 -32.36
C LYS E 26 -21.65 -16.73 -31.59
N PHE E 27 -22.25 -17.85 -32.01
CA PHE E 27 -23.40 -18.38 -31.27
C PHE E 27 -22.99 -18.81 -29.87
N GLU E 28 -21.81 -19.41 -29.75
CA GLU E 28 -21.38 -19.91 -28.45
C GLU E 28 -21.05 -18.77 -27.50
N LYS E 29 -20.30 -17.76 -27.97
CA LYS E 29 -20.05 -16.57 -27.16
C LYS E 29 -21.35 -15.97 -26.62
N ASP E 30 -22.39 -15.90 -27.47
CA ASP E 30 -23.63 -15.22 -27.13
C ASP E 30 -24.54 -16.05 -26.22
N THR E 31 -24.50 -17.38 -26.32
CA THR E 31 -25.46 -18.21 -25.61
C THR E 31 -24.80 -19.13 -24.60
N GLY E 32 -23.49 -19.31 -24.66
CA GLY E 32 -22.83 -20.31 -23.87
C GLY E 32 -22.89 -21.70 -24.43
N ILE E 33 -23.48 -21.90 -25.60
CA ILE E 33 -23.61 -23.25 -26.13
C ILE E 33 -22.71 -23.52 -27.33
N LYS E 34 -21.94 -24.60 -27.18
CA LYS E 34 -20.92 -24.99 -28.15
C LYS E 34 -21.55 -25.62 -29.37
N VAL E 35 -21.00 -25.28 -30.52
CA VAL E 35 -21.48 -25.77 -31.81
C VAL E 35 -20.31 -26.53 -32.43
N THR E 36 -20.54 -27.78 -32.77
CA THR E 36 -19.51 -28.59 -33.41
C THR E 36 -19.95 -28.92 -34.84
N VAL E 37 -19.22 -28.38 -35.80
CA VAL E 37 -19.49 -28.57 -37.22
C VAL E 37 -18.60 -29.69 -37.71
N GLU E 38 -19.20 -30.68 -38.37
CA GLU E 38 -18.44 -31.79 -38.92
C GLU E 38 -18.83 -32.04 -40.37
N HIS E 39 -17.94 -32.67 -41.11
CA HIS E 39 -18.19 -33.00 -42.51
C HIS E 39 -17.79 -34.44 -42.76
N PRO E 40 -18.55 -35.39 -42.23
CA PRO E 40 -18.23 -36.80 -42.50
C PRO E 40 -18.58 -37.15 -43.94
N ASP E 41 -17.83 -38.10 -44.48
CA ASP E 41 -18.07 -38.57 -45.84
C ASP E 41 -19.40 -39.30 -45.94
N LYS E 42 -20.00 -39.24 -47.14
CA LYS E 42 -21.25 -39.92 -47.42
C LYS E 42 -22.33 -39.55 -46.40
N LEU E 43 -22.33 -38.27 -45.99
CA LEU E 43 -23.22 -37.87 -44.92
C LEU E 43 -24.69 -37.99 -45.32
N GLU E 44 -25.01 -37.82 -46.60
CA GLU E 44 -26.40 -37.96 -47.05
C GLU E 44 -26.94 -39.36 -46.78
N GLU E 45 -26.06 -40.36 -46.73
CA GLU E 45 -26.42 -41.75 -46.49
C GLU E 45 -26.30 -42.17 -45.04
N LYS E 46 -25.35 -41.59 -44.30
CA LYS E 46 -25.19 -41.96 -42.90
C LYS E 46 -26.29 -41.36 -42.05
N PHE E 47 -26.82 -40.19 -42.43
CA PHE E 47 -27.90 -39.57 -41.67
C PHE E 47 -29.12 -40.46 -41.53
N PRO E 48 -29.71 -41.01 -42.60
CA PRO E 48 -30.93 -41.81 -42.40
C PRO E 48 -30.70 -43.02 -41.53
N GLN E 49 -29.50 -43.59 -41.53
CA GLN E 49 -29.21 -44.71 -40.64
C GLN E 49 -29.18 -44.27 -39.18
N VAL E 50 -28.28 -43.35 -38.82
CA VAL E 50 -28.15 -42.95 -37.42
C VAL E 50 -29.42 -42.26 -36.95
N ALA E 51 -30.01 -41.38 -37.76
CA ALA E 51 -31.22 -40.70 -37.32
C ALA E 51 -32.40 -41.66 -37.17
N ALA E 52 -32.35 -42.82 -37.81
CA ALA E 52 -33.42 -43.79 -37.62
C ALA E 52 -33.38 -44.41 -36.24
N THR E 53 -32.18 -44.69 -35.71
CA THR E 53 -31.98 -45.10 -34.33
C THR E 53 -32.01 -43.94 -33.35
N GLY E 54 -32.39 -42.74 -33.79
CA GLY E 54 -32.44 -41.60 -32.88
C GLY E 54 -31.15 -40.84 -32.72
N ASP E 55 -30.16 -41.02 -33.62
CA ASP E 55 -28.83 -40.47 -33.38
C ASP E 55 -28.47 -39.40 -34.43
N GLY E 56 -27.19 -39.16 -34.63
CA GLY E 56 -26.77 -38.20 -35.63
C GLY E 56 -26.67 -36.77 -35.14
N PRO E 57 -26.57 -35.83 -36.08
CA PRO E 57 -26.40 -34.41 -35.72
C PRO E 57 -27.71 -33.78 -35.30
N ASP E 58 -27.61 -32.59 -34.71
CA ASP E 58 -28.82 -31.81 -34.46
C ASP E 58 -29.32 -31.16 -35.74
N ILE E 59 -28.40 -30.77 -36.60
CA ILE E 59 -28.69 -30.09 -37.86
C ILE E 59 -27.90 -30.80 -38.95
N ILE E 60 -28.59 -31.09 -40.07
CA ILE E 60 -27.98 -31.69 -41.26
C ILE E 60 -28.12 -30.71 -42.41
N PHE E 61 -27.02 -30.43 -43.09
CA PHE E 61 -27.02 -29.60 -44.29
C PHE E 61 -26.91 -30.47 -45.52
N TRP E 62 -27.82 -30.27 -46.48
CA TRP E 62 -27.73 -30.91 -47.79
C TRP E 62 -28.69 -30.18 -48.71
N ALA E 63 -28.59 -30.48 -50.00
CA ALA E 63 -29.56 -29.98 -50.96
C ALA E 63 -30.92 -30.58 -50.67
N HIS E 64 -31.98 -29.81 -50.93
CA HIS E 64 -33.34 -30.20 -50.57
C HIS E 64 -33.80 -31.52 -51.16
N ASP E 65 -33.16 -32.01 -52.23
CA ASP E 65 -33.72 -33.17 -52.94
C ASP E 65 -33.77 -34.40 -52.04
N ARG E 66 -32.85 -34.50 -51.11
CA ARG E 66 -32.82 -35.68 -50.26
C ARG E 66 -33.67 -35.55 -48.99
N PHE E 67 -34.29 -34.39 -48.78
CA PHE E 67 -35.02 -34.17 -47.55
C PHE E 67 -36.43 -34.73 -47.57
N GLY E 68 -36.96 -35.07 -48.75
CA GLY E 68 -38.27 -35.68 -48.80
C GLY E 68 -38.28 -37.09 -48.25
N GLY E 69 -37.26 -37.88 -48.59
CA GLY E 69 -37.15 -39.20 -48.00
C GLY E 69 -36.87 -39.19 -46.52
N TYR E 70 -36.07 -38.20 -46.06
CA TYR E 70 -35.82 -38.05 -44.62
C TYR E 70 -37.12 -37.77 -43.89
N ALA E 71 -37.92 -36.84 -44.44
CA ALA E 71 -39.18 -36.46 -43.79
C ALA E 71 -40.19 -37.61 -43.81
N GLN E 72 -40.30 -38.31 -44.95
CA GLN E 72 -41.18 -39.46 -45.02
C GLN E 72 -40.81 -40.51 -43.99
N SER E 73 -39.51 -40.78 -43.85
CA SER E 73 -39.03 -41.66 -42.80
C SER E 73 -39.16 -41.04 -41.39
N GLY E 74 -39.72 -39.84 -41.28
CA GLY E 74 -39.94 -39.16 -40.01
C GLY E 74 -38.69 -38.75 -39.24
N LEU E 75 -37.59 -38.46 -39.93
CA LEU E 75 -36.33 -38.16 -39.26
C LEU E 75 -36.10 -36.67 -39.08
N LEU E 76 -36.99 -35.82 -39.57
CA LEU E 76 -36.84 -34.38 -39.45
C LEU E 76 -38.06 -33.73 -38.83
N ALA E 77 -37.81 -32.75 -37.98
CA ALA E 77 -38.90 -32.04 -37.32
C ALA E 77 -39.40 -30.95 -38.23
N GLU E 78 -40.67 -30.60 -38.05
CA GLU E 78 -41.27 -29.48 -38.75
C GLU E 78 -40.72 -28.18 -38.17
N ILE E 79 -40.14 -27.35 -39.03
CA ILE E 79 -39.65 -26.05 -38.57
C ILE E 79 -40.83 -25.09 -38.39
N THR E 80 -40.63 -24.06 -37.55
CA THR E 80 -41.72 -23.20 -37.08
C THR E 80 -41.41 -21.71 -37.17
N PRO E 81 -41.07 -21.20 -38.37
CA PRO E 81 -40.77 -19.76 -38.46
C PRO E 81 -42.02 -18.88 -38.45
N ASP E 82 -41.95 -17.77 -37.72
CA ASP E 82 -43.04 -16.80 -37.66
C ASP E 82 -43.14 -16.04 -38.98
N LYS E 83 -44.14 -15.15 -39.07
CA LYS E 83 -44.39 -14.41 -40.30
C LYS E 83 -43.21 -13.52 -40.69
N ALA E 84 -42.54 -12.91 -39.70
CA ALA E 84 -41.44 -11.99 -39.99
C ALA E 84 -40.24 -12.70 -40.60
N PHE E 85 -39.94 -13.92 -40.12
CA PHE E 85 -38.80 -14.63 -40.68
C PHE E 85 -39.11 -15.17 -42.07
N GLN E 86 -40.34 -15.65 -42.30
CA GLN E 86 -40.70 -16.23 -43.59
C GLN E 86 -40.51 -15.22 -44.71
N ASP E 87 -40.82 -13.95 -44.45
CA ASP E 87 -40.70 -12.90 -45.44
C ASP E 87 -39.25 -12.53 -45.73
N LYS E 88 -38.28 -12.97 -44.91
CA LYS E 88 -36.87 -12.69 -45.16
C LYS E 88 -36.25 -13.60 -46.21
N LEU E 89 -36.98 -14.63 -46.65
CA LEU E 89 -36.49 -15.63 -47.58
C LEU E 89 -37.40 -15.70 -48.79
N TYR E 90 -36.82 -16.06 -49.94
CA TYR E 90 -37.58 -16.05 -51.20
C TYR E 90 -38.64 -17.14 -51.17
N PRO E 91 -39.88 -16.83 -51.53
CA PRO E 91 -40.94 -17.84 -51.46
C PRO E 91 -40.64 -19.11 -52.26
N PHE E 92 -39.95 -19.02 -53.41
CA PHE E 92 -39.69 -20.26 -54.12
C PHE E 92 -38.73 -21.16 -53.35
N THR E 93 -37.89 -20.57 -52.47
CA THR E 93 -36.99 -21.39 -51.68
C THR E 93 -37.71 -22.12 -50.56
N TRP E 94 -38.76 -21.51 -50.00
CA TRP E 94 -39.59 -22.25 -49.05
C TRP E 94 -40.23 -23.45 -49.72
N ASP E 95 -40.72 -23.27 -50.96
CA ASP E 95 -41.39 -24.37 -51.68
C ASP E 95 -40.48 -25.60 -51.79
N ALA E 96 -39.19 -25.39 -52.02
CA ALA E 96 -38.27 -26.52 -52.15
C ALA E 96 -38.13 -27.32 -50.85
N VAL E 97 -38.41 -26.72 -49.69
CA VAL E 97 -38.30 -27.46 -48.44
C VAL E 97 -39.67 -27.78 -47.86
N ARG E 98 -40.72 -27.67 -48.68
CA ARG E 98 -42.06 -28.08 -48.28
C ARG E 98 -42.30 -29.51 -48.73
N TYR E 99 -42.82 -30.31 -47.81
CA TYR E 99 -43.14 -31.71 -48.05
C TYR E 99 -44.41 -32.07 -47.32
N ASN E 100 -45.43 -32.49 -48.05
CA ASN E 100 -46.75 -32.80 -47.49
C ASN E 100 -47.30 -31.61 -46.70
N GLY E 101 -47.19 -30.42 -47.29
CA GLY E 101 -47.70 -29.20 -46.70
C GLY E 101 -46.93 -28.66 -45.52
N LYS E 102 -45.82 -29.30 -45.11
CA LYS E 102 -45.08 -28.92 -43.91
C LYS E 102 -43.67 -28.46 -44.30
N LEU E 103 -43.22 -27.34 -43.73
CA LEU E 103 -41.83 -26.95 -43.90
C LEU E 103 -40.95 -27.90 -43.10
N ILE E 104 -39.93 -28.48 -43.74
CA ILE E 104 -39.14 -29.50 -43.08
C ILE E 104 -37.65 -29.18 -43.06
N ALA E 105 -37.27 -27.93 -43.35
CA ALA E 105 -35.87 -27.51 -43.38
C ALA E 105 -35.81 -26.01 -43.65
N TYR E 106 -34.66 -25.41 -43.29
CA TYR E 106 -34.38 -24.00 -43.60
C TYR E 106 -33.59 -23.92 -44.90
N PRO E 107 -34.10 -23.24 -45.94
CA PRO E 107 -33.32 -23.09 -47.18
C PRO E 107 -32.23 -22.03 -47.04
N ILE E 108 -31.03 -22.35 -47.56
CA ILE E 108 -29.84 -21.49 -47.41
C ILE E 108 -29.45 -20.83 -48.75
N ALA E 109 -29.09 -21.64 -49.75
CA ALA E 109 -28.60 -21.06 -51.00
C ALA E 109 -29.05 -21.88 -52.20
N VAL E 110 -29.20 -21.21 -53.33
CA VAL E 110 -29.67 -21.84 -54.58
C VAL E 110 -28.47 -22.11 -55.47
N GLU E 111 -28.26 -23.39 -55.77
CA GLU E 111 -27.07 -23.88 -56.44
C GLU E 111 -27.41 -24.39 -57.82
N ALA E 112 -26.68 -23.94 -58.83
CA ALA E 112 -26.75 -24.53 -60.16
C ALA E 112 -25.33 -24.58 -60.72
N LEU E 113 -25.06 -25.63 -61.49
CA LEU E 113 -23.78 -25.72 -62.17
C LEU E 113 -23.63 -24.64 -63.23
N SER E 114 -22.40 -24.21 -63.44
CA SER E 114 -22.07 -23.28 -64.52
C SER E 114 -20.85 -23.77 -65.28
N LEU E 115 -20.63 -23.19 -66.47
CA LEU E 115 -19.42 -23.48 -67.23
C LEU E 115 -18.37 -22.47 -66.83
N ILE E 116 -17.24 -22.96 -66.30
CA ILE E 116 -16.13 -22.12 -65.88
C ILE E 116 -15.00 -22.30 -66.87
N TYR E 117 -14.40 -21.19 -67.29
CA TYR E 117 -13.36 -21.28 -68.30
C TYR E 117 -12.17 -20.41 -67.91
N ASN E 118 -11.00 -20.89 -68.33
CA ASN E 118 -9.72 -20.23 -68.16
C ASN E 118 -9.50 -19.24 -69.30
N LYS E 119 -9.50 -17.94 -68.99
CA LYS E 119 -9.44 -16.96 -70.06
C LYS E 119 -8.07 -16.88 -70.72
N ASP E 120 -7.01 -17.31 -70.03
CA ASP E 120 -5.70 -17.38 -70.68
C ASP E 120 -5.72 -18.40 -71.83
N LEU E 121 -6.32 -19.57 -71.61
CA LEU E 121 -6.37 -20.63 -72.60
C LEU E 121 -7.51 -20.46 -73.61
N LEU E 122 -8.55 -19.76 -73.25
CA LEU E 122 -9.77 -19.79 -74.03
C LEU E 122 -10.56 -18.51 -73.80
N PRO E 123 -10.23 -17.44 -74.52
CA PRO E 123 -10.91 -16.17 -74.24
C PRO E 123 -12.38 -16.21 -74.60
N ASN E 124 -12.77 -17.08 -75.54
CA ASN E 124 -14.15 -17.18 -75.98
C ASN E 124 -14.63 -18.60 -75.75
N PRO E 125 -15.34 -18.89 -74.66
CA PRO E 125 -15.78 -20.26 -74.42
C PRO E 125 -16.80 -20.66 -75.46
N PRO E 126 -16.85 -21.94 -75.84
CA PRO E 126 -17.83 -22.38 -76.84
C PRO E 126 -19.22 -22.40 -76.26
N LYS E 127 -20.18 -22.02 -77.09
CA LYS E 127 -21.57 -21.99 -76.71
C LYS E 127 -22.31 -23.29 -76.99
N THR E 128 -21.69 -24.26 -77.67
CA THR E 128 -22.37 -25.52 -77.93
C THR E 128 -21.45 -26.66 -77.52
N TRP E 129 -22.05 -27.78 -77.12
CA TRP E 129 -21.28 -28.97 -76.85
C TRP E 129 -20.61 -29.48 -78.13
N GLU E 130 -21.25 -29.26 -79.29
CA GLU E 130 -20.74 -29.82 -80.53
C GLU E 130 -19.40 -29.21 -80.93
N GLU E 131 -19.09 -28.00 -80.48
CA GLU E 131 -17.83 -27.34 -80.82
C GLU E 131 -16.64 -27.86 -80.00
N ILE E 132 -16.89 -28.72 -79.01
CA ILE E 132 -15.88 -29.06 -78.01
C ILE E 132 -14.88 -30.09 -78.52
N PRO E 133 -15.30 -31.13 -79.26
CA PRO E 133 -14.29 -31.98 -79.92
C PRO E 133 -13.24 -31.20 -80.71
N ALA E 134 -13.68 -30.27 -81.58
CA ALA E 134 -12.73 -29.48 -82.36
C ALA E 134 -11.84 -28.65 -81.46
N LEU E 135 -12.45 -27.99 -80.46
CA LEU E 135 -11.68 -27.19 -79.51
C LEU E 135 -10.62 -28.02 -78.81
N ASP E 136 -10.96 -29.25 -78.47
CA ASP E 136 -10.00 -30.07 -77.74
C ASP E 136 -8.84 -30.47 -78.63
N LYS E 137 -9.12 -30.76 -79.90
CA LYS E 137 -8.04 -31.18 -80.79
C LYS E 137 -6.99 -30.07 -80.91
N GLU E 138 -7.43 -28.81 -81.07
CA GLU E 138 -6.44 -27.75 -81.11
C GLU E 138 -5.73 -27.59 -79.78
N LEU E 139 -6.46 -27.61 -78.67
CA LEU E 139 -5.80 -27.43 -77.39
C LEU E 139 -4.83 -28.56 -77.08
N LYS E 140 -5.15 -29.78 -77.54
CA LYS E 140 -4.21 -30.88 -77.33
C LYS E 140 -2.91 -30.64 -78.10
N ALA E 141 -2.97 -29.92 -79.21
CA ALA E 141 -1.74 -29.55 -79.90
C ALA E 141 -0.91 -28.55 -79.11
N LYS E 142 -1.41 -28.04 -77.98
CA LYS E 142 -0.65 -27.14 -77.13
C LYS E 142 -0.37 -27.74 -75.76
N GLY E 143 -0.53 -29.04 -75.59
CA GLY E 143 -0.31 -29.62 -74.28
C GLY E 143 -1.41 -29.37 -73.29
N LYS E 144 -2.58 -28.96 -73.76
CA LYS E 144 -3.75 -28.69 -72.95
C LYS E 144 -4.89 -29.62 -73.35
N SER E 145 -6.04 -29.43 -72.70
CA SER E 145 -7.26 -30.13 -73.01
C SER E 145 -8.40 -29.14 -72.83
N ALA E 146 -9.56 -29.46 -73.40
CA ALA E 146 -10.67 -28.50 -73.42
C ALA E 146 -11.49 -28.54 -72.13
N LEU E 147 -11.82 -29.74 -71.63
CA LEU E 147 -12.84 -29.85 -70.60
C LEU E 147 -12.53 -31.02 -69.69
N MET E 148 -12.68 -30.80 -68.39
CA MET E 148 -12.53 -31.80 -67.36
C MET E 148 -13.57 -31.50 -66.30
N PHE E 149 -14.48 -32.43 -66.06
CA PHE E 149 -15.41 -32.26 -64.96
C PHE E 149 -15.66 -33.62 -64.32
N ASN E 150 -16.38 -33.62 -63.21
CA ASN E 150 -16.55 -34.83 -62.41
C ASN E 150 -17.51 -35.78 -63.10
N LEU E 151 -17.00 -36.88 -63.64
CA LEU E 151 -17.86 -37.79 -64.38
C LEU E 151 -18.43 -38.90 -63.52
N GLN E 152 -18.04 -38.98 -62.24
CA GLN E 152 -18.53 -40.02 -61.32
C GLN E 152 -19.84 -39.67 -60.63
N GLU E 153 -20.27 -38.41 -60.66
CA GLU E 153 -21.51 -38.02 -59.98
C GLU E 153 -22.51 -37.52 -61.01
N PRO E 154 -23.68 -38.16 -61.13
CA PRO E 154 -24.62 -37.79 -62.19
C PRO E 154 -25.10 -36.35 -62.14
N TYR E 155 -24.99 -35.69 -60.97
CA TYR E 155 -25.28 -34.26 -60.89
C TYR E 155 -24.56 -33.48 -61.97
N PHE E 156 -23.36 -33.92 -62.34
CA PHE E 156 -22.53 -33.17 -63.26
C PHE E 156 -22.81 -33.47 -64.72
N THR E 157 -23.23 -34.69 -65.06
CA THR E 157 -23.57 -35.04 -66.43
C THR E 157 -25.07 -34.93 -66.74
N TRP E 158 -25.91 -34.83 -65.70
CA TRP E 158 -27.34 -34.67 -65.92
C TRP E 158 -27.70 -33.46 -66.78
N PRO E 159 -27.09 -32.27 -66.61
CA PRO E 159 -27.50 -31.11 -67.44
C PRO E 159 -27.47 -31.42 -68.92
N LEU E 160 -26.52 -32.25 -69.35
CA LEU E 160 -26.41 -32.61 -70.76
C LEU E 160 -27.46 -33.64 -71.14
N ILE E 161 -27.65 -34.63 -70.28
CA ILE E 161 -28.61 -35.69 -70.54
C ILE E 161 -30.03 -35.12 -70.65
N ALA E 162 -30.28 -34.03 -69.96
CA ALA E 162 -31.62 -33.44 -69.97
C ALA E 162 -31.80 -32.41 -71.07
N ALA E 163 -30.70 -31.90 -71.63
CA ALA E 163 -30.80 -30.78 -72.56
C ALA E 163 -31.78 -31.09 -73.70
N ASP E 164 -31.66 -32.27 -74.29
CA ASP E 164 -32.47 -32.69 -75.43
C ASP E 164 -33.77 -33.39 -75.04
N GLY E 165 -34.18 -33.36 -73.78
CA GLY E 165 -35.46 -33.94 -73.43
C GLY E 165 -35.42 -35.06 -72.42
N GLY E 166 -34.27 -35.42 -71.85
CA GLY E 166 -34.28 -36.27 -70.68
C GLY E 166 -34.91 -35.55 -69.50
N TYR E 167 -35.56 -36.32 -68.63
CA TYR E 167 -36.14 -35.78 -67.40
C TYR E 167 -36.15 -36.86 -66.34
N ALA E 168 -36.37 -36.43 -65.09
CA ALA E 168 -36.43 -37.37 -63.98
C ALA E 168 -37.86 -37.90 -63.84
N PHE E 169 -38.73 -37.11 -63.24
CA PHE E 169 -40.13 -37.45 -63.05
C PHE E 169 -40.96 -36.37 -63.72
N LYS E 170 -41.86 -36.77 -64.60
CA LYS E 170 -42.70 -35.80 -65.28
C LYS E 170 -43.61 -35.10 -64.28
N TYR E 171 -43.71 -33.78 -64.39
CA TYR E 171 -44.57 -32.99 -63.52
C TYR E 171 -45.89 -32.78 -64.24
N GLU E 172 -46.94 -33.43 -63.75
CA GLU E 172 -48.25 -33.31 -64.38
C GLU E 172 -49.32 -33.22 -63.31
N ASN E 173 -50.23 -32.25 -63.47
CA ASN E 173 -51.31 -32.01 -62.53
C ASN E 173 -50.79 -31.69 -61.13
N GLY E 174 -49.73 -30.89 -61.06
CA GLY E 174 -49.22 -30.41 -59.78
C GLY E 174 -48.57 -31.45 -58.89
N LYS E 175 -48.21 -32.60 -59.42
CA LYS E 175 -47.46 -33.61 -58.67
C LYS E 175 -46.46 -34.28 -59.62
N TYR E 176 -45.52 -35.02 -59.04
CA TYR E 176 -44.49 -35.71 -59.79
C TYR E 176 -44.95 -37.15 -59.97
N ASP E 177 -45.29 -37.52 -61.20
CA ASP E 177 -45.79 -38.86 -61.47
C ASP E 177 -44.60 -39.82 -61.46
N ILE E 178 -44.61 -40.77 -60.52
CA ILE E 178 -43.40 -41.53 -60.26
C ILE E 178 -43.20 -42.76 -61.16
N LYS E 179 -44.19 -43.12 -62.02
CA LYS E 179 -43.92 -44.04 -63.17
C LYS E 179 -43.61 -43.34 -64.46
N ASP E 180 -43.61 -42.03 -64.53
CA ASP E 180 -43.37 -41.40 -65.81
C ASP E 180 -41.95 -40.83 -65.67
N VAL E 181 -41.00 -41.63 -66.12
CA VAL E 181 -39.59 -41.39 -65.94
C VAL E 181 -38.97 -41.12 -67.31
N GLY E 182 -38.12 -40.10 -67.41
CA GLY E 182 -37.47 -39.83 -68.68
C GLY E 182 -35.97 -40.06 -68.75
N VAL E 183 -35.46 -41.14 -68.17
CA VAL E 183 -34.03 -41.41 -68.27
C VAL E 183 -33.70 -42.27 -69.50
N ASP E 184 -34.70 -42.70 -70.26
CA ASP E 184 -34.48 -43.62 -71.37
C ASP E 184 -35.21 -43.17 -72.64
N ASN E 185 -35.51 -41.89 -72.77
CA ASN E 185 -36.11 -41.40 -73.99
C ASN E 185 -35.01 -40.94 -74.96
N ALA E 186 -35.46 -40.34 -76.07
CA ALA E 186 -34.52 -39.92 -77.10
C ALA E 186 -33.59 -38.81 -76.59
N GLY E 187 -34.09 -37.93 -75.71
CA GLY E 187 -33.23 -36.87 -75.19
C GLY E 187 -32.08 -37.42 -74.38
N ALA E 188 -32.40 -38.33 -73.45
CA ALA E 188 -31.37 -38.91 -72.58
C ALA E 188 -30.36 -39.72 -73.38
N LYS E 189 -30.85 -40.48 -74.38
CA LYS E 189 -29.94 -41.26 -75.22
C LYS E 189 -29.00 -40.38 -76.03
N ALA E 190 -29.53 -39.33 -76.68
CA ALA E 190 -28.65 -38.48 -77.48
C ALA E 190 -27.60 -37.80 -76.60
N GLY E 191 -28.02 -37.25 -75.45
CA GLY E 191 -27.11 -36.53 -74.59
C GLY E 191 -26.01 -37.40 -74.00
N LEU E 192 -26.39 -38.58 -73.50
CA LEU E 192 -25.37 -39.46 -72.93
C LEU E 192 -24.48 -40.03 -74.03
N THR E 193 -25.03 -40.23 -75.24
CA THR E 193 -24.21 -40.69 -76.35
C THR E 193 -23.13 -39.68 -76.68
N PHE E 194 -23.48 -38.39 -76.71
CA PHE E 194 -22.46 -37.37 -76.94
C PHE E 194 -21.35 -37.46 -75.91
N LEU E 195 -21.69 -37.65 -74.63
CA LEU E 195 -20.66 -37.77 -73.60
C LEU E 195 -19.82 -39.03 -73.83
N VAL E 196 -20.50 -40.14 -74.11
CA VAL E 196 -19.79 -41.39 -74.43
C VAL E 196 -18.87 -41.20 -75.63
N ASP E 197 -19.33 -40.51 -76.67
CA ASP E 197 -18.47 -40.27 -77.83
C ASP E 197 -17.28 -39.39 -77.48
N LEU E 198 -17.44 -38.42 -76.58
CA LEU E 198 -16.30 -37.58 -76.24
C LEU E 198 -15.20 -38.40 -75.61
N ILE E 199 -15.55 -39.32 -74.72
CA ILE E 199 -14.57 -40.21 -74.10
C ILE E 199 -13.98 -41.12 -75.16
N LYS E 200 -14.83 -41.64 -76.02
CA LYS E 200 -14.40 -42.59 -77.03
C LYS E 200 -13.33 -41.97 -77.94
N ASN E 201 -13.53 -40.72 -78.31
CA ASN E 201 -12.60 -39.96 -79.12
C ASN E 201 -11.48 -39.33 -78.32
N LYS E 202 -11.23 -39.77 -77.09
CA LYS E 202 -10.07 -39.35 -76.31
C LYS E 202 -10.18 -37.90 -75.82
N HIS E 203 -11.35 -37.28 -75.91
CA HIS E 203 -11.48 -35.88 -75.52
C HIS E 203 -11.65 -35.73 -74.00
N MET E 204 -12.26 -36.71 -73.35
CA MET E 204 -12.27 -36.83 -71.90
C MET E 204 -11.93 -38.26 -71.53
N ASN E 205 -11.63 -38.45 -70.24
CA ASN E 205 -11.34 -39.75 -69.69
C ASN E 205 -12.43 -40.13 -68.71
N ALA E 206 -12.83 -41.41 -68.73
CA ALA E 206 -13.93 -41.82 -67.85
C ALA E 206 -13.55 -41.81 -66.37
N ASP E 207 -12.26 -41.83 -66.04
CA ASP E 207 -11.84 -41.77 -64.64
C ASP E 207 -12.03 -40.39 -64.05
N THR E 208 -12.26 -39.36 -64.85
CA THR E 208 -12.16 -38.01 -64.32
C THR E 208 -13.20 -37.80 -63.22
N ASP E 209 -12.71 -37.48 -62.02
CA ASP E 209 -13.62 -37.17 -60.93
C ASP E 209 -13.39 -35.76 -60.40
N TYR E 210 -13.89 -35.51 -59.19
CA TYR E 210 -13.91 -34.15 -58.67
C TYR E 210 -12.50 -33.62 -58.43
N SER E 211 -11.64 -34.39 -57.78
CA SER E 211 -10.29 -33.91 -57.52
C SER E 211 -9.50 -33.76 -58.81
N ILE E 212 -9.54 -34.77 -59.67
CA ILE E 212 -8.79 -34.72 -60.91
C ILE E 212 -9.19 -33.49 -61.71
N ALA E 213 -10.50 -33.27 -61.87
CA ALA E 213 -10.94 -32.13 -62.66
C ALA E 213 -10.53 -30.81 -62.02
N GLU E 214 -10.73 -30.68 -60.71
CA GLU E 214 -10.38 -29.43 -60.04
C GLU E 214 -8.89 -29.18 -60.08
N ALA E 215 -8.09 -30.22 -59.91
CA ALA E 215 -6.65 -30.02 -59.97
C ALA E 215 -6.24 -29.58 -61.36
N ALA E 216 -6.80 -30.23 -62.40
CA ALA E 216 -6.46 -29.88 -63.77
C ALA E 216 -6.82 -28.44 -64.08
N PHE E 217 -8.03 -28.01 -63.72
CA PHE E 217 -8.39 -26.64 -64.04
C PHE E 217 -7.55 -25.63 -63.27
N ASN E 218 -7.31 -25.88 -61.96
CA ASN E 218 -6.66 -24.89 -61.13
C ASN E 218 -5.16 -24.82 -61.36
N LYS E 219 -4.55 -25.87 -61.90
CA LYS E 219 -3.17 -25.80 -62.35
C LYS E 219 -3.05 -25.42 -63.81
N GLY E 220 -4.14 -24.98 -64.44
CA GLY E 220 -4.09 -24.45 -65.78
C GLY E 220 -3.82 -25.44 -66.88
N GLU E 221 -4.23 -26.69 -66.71
CA GLU E 221 -4.02 -27.69 -67.75
C GLU E 221 -5.20 -27.85 -68.68
N THR E 222 -6.41 -27.58 -68.18
CA THR E 222 -7.60 -27.67 -69.00
C THR E 222 -8.28 -26.31 -69.08
N ALA E 223 -8.97 -26.08 -70.20
CA ALA E 223 -9.51 -24.74 -70.46
C ALA E 223 -10.86 -24.53 -69.78
N MET E 224 -11.59 -25.60 -69.49
CA MET E 224 -12.95 -25.48 -68.98
C MET E 224 -13.19 -26.55 -67.94
N THR E 225 -14.08 -26.23 -67.01
CA THR E 225 -14.63 -27.21 -66.08
C THR E 225 -16.09 -26.86 -65.83
N ILE E 226 -16.79 -27.76 -65.13
CA ILE E 226 -18.19 -27.55 -64.76
C ILE E 226 -18.31 -27.67 -63.24
N ASN E 227 -18.81 -26.61 -62.60
CA ASN E 227 -18.85 -26.67 -61.16
C ASN E 227 -19.78 -25.62 -60.60
N GLY E 228 -20.11 -25.80 -59.32
CA GLY E 228 -20.99 -24.90 -58.60
C GLY E 228 -20.19 -23.79 -57.96
N PRO E 229 -20.87 -22.84 -57.31
CA PRO E 229 -20.15 -21.70 -56.75
C PRO E 229 -19.19 -22.06 -55.62
N TRP E 230 -19.38 -23.20 -54.96
CA TRP E 230 -18.46 -23.62 -53.91
C TRP E 230 -17.03 -23.78 -54.42
N ALA E 231 -16.86 -24.02 -55.71
CA ALA E 231 -15.54 -24.26 -56.29
C ALA E 231 -14.80 -22.98 -56.64
N TRP E 232 -15.48 -21.83 -56.63
CA TRP E 232 -14.86 -20.58 -57.02
C TRP E 232 -13.73 -20.18 -56.08
N SER E 233 -13.78 -20.69 -54.84
CA SER E 233 -12.85 -20.29 -53.80
C SER E 233 -11.43 -20.73 -54.13
N ASN E 234 -11.27 -21.99 -54.54
CA ASN E 234 -9.97 -22.52 -54.89
C ASN E 234 -9.46 -21.96 -56.21
N ILE E 235 -10.34 -21.54 -57.10
CA ILE E 235 -9.87 -20.92 -58.34
C ILE E 235 -9.31 -19.54 -58.05
N ASP E 236 -9.97 -18.80 -57.15
CA ASP E 236 -9.48 -17.48 -56.79
C ASP E 236 -8.08 -17.55 -56.22
N THR E 237 -7.83 -18.57 -55.39
CA THR E 237 -6.54 -18.75 -54.75
C THR E 237 -5.46 -19.07 -55.76
N SER E 238 -5.81 -19.52 -56.95
CA SER E 238 -4.81 -20.12 -57.79
C SER E 238 -4.64 -19.39 -59.13
N LYS E 239 -4.53 -18.04 -59.15
CA LYS E 239 -3.94 -17.45 -60.35
C LYS E 239 -4.74 -17.49 -61.66
N VAL E 240 -5.73 -18.37 -61.77
CA VAL E 240 -6.39 -18.53 -63.06
C VAL E 240 -7.35 -17.37 -63.26
N ASN E 241 -7.15 -16.62 -64.35
CA ASN E 241 -8.11 -15.62 -64.83
C ASN E 241 -9.28 -16.39 -65.41
N TYR E 242 -10.38 -16.44 -64.66
CA TYR E 242 -11.47 -17.33 -65.01
C TYR E 242 -12.75 -16.55 -65.20
N GLY E 243 -13.64 -17.16 -65.99
CA GLY E 243 -14.97 -16.64 -66.17
C GLY E 243 -15.99 -17.70 -65.79
N VAL E 244 -17.22 -17.27 -65.57
CA VAL E 244 -18.33 -18.17 -65.25
C VAL E 244 -19.46 -17.80 -66.18
N THR E 245 -19.93 -18.75 -66.96
CA THR E 245 -20.84 -18.42 -68.04
C THR E 245 -21.87 -19.54 -68.21
N VAL E 246 -22.77 -19.35 -69.18
CA VAL E 246 -23.86 -20.29 -69.41
C VAL E 246 -23.29 -21.62 -69.87
N LEU E 247 -23.92 -22.70 -69.44
CA LEU E 247 -23.47 -23.99 -69.90
C LEU E 247 -23.77 -24.15 -71.38
N PRO E 248 -22.95 -24.87 -72.10
CA PRO E 248 -23.13 -24.96 -73.56
C PRO E 248 -24.42 -25.70 -73.91
N THR E 249 -25.06 -25.24 -74.98
CA THR E 249 -26.25 -25.92 -75.48
C THR E 249 -25.88 -27.24 -76.12
N PHE E 250 -26.88 -28.12 -76.17
CA PHE E 250 -26.79 -29.38 -76.88
C PHE E 250 -27.97 -29.46 -77.83
N LYS E 251 -27.69 -29.66 -79.12
CA LYS E 251 -28.72 -29.74 -80.16
C LYS E 251 -29.60 -28.50 -80.12
N GLY E 252 -28.97 -27.35 -79.94
CA GLY E 252 -29.64 -26.07 -79.89
C GLY E 252 -30.37 -25.73 -78.61
N GLN E 253 -30.48 -26.68 -77.66
CA GLN E 253 -31.25 -26.46 -76.44
C GLN E 253 -30.36 -26.24 -75.23
N PRO E 254 -30.78 -25.41 -74.28
CA PRO E 254 -29.92 -25.16 -73.11
C PRO E 254 -29.66 -26.45 -72.36
N SER E 255 -28.43 -26.58 -71.84
CA SER E 255 -28.18 -27.62 -70.86
C SER E 255 -29.06 -27.30 -69.67
N LYS E 256 -29.62 -28.34 -69.06
CA LYS E 256 -30.61 -28.16 -68.00
C LYS E 256 -30.10 -28.73 -66.68
N PRO E 257 -29.32 -27.96 -65.92
CA PRO E 257 -28.83 -28.46 -64.62
C PRO E 257 -29.95 -28.61 -63.61
N PHE E 258 -29.90 -29.70 -62.85
CA PHE E 258 -30.76 -29.84 -61.67
C PHE E 258 -30.36 -28.84 -60.61
N VAL E 259 -31.29 -27.99 -60.21
CA VAL E 259 -31.02 -26.94 -59.27
C VAL E 259 -31.27 -27.46 -57.86
N GLY E 260 -30.29 -27.31 -56.99
CA GLY E 260 -30.39 -27.76 -55.60
C GLY E 260 -30.41 -26.57 -54.67
N VAL E 261 -31.28 -26.63 -53.67
CA VAL E 261 -31.34 -25.59 -52.65
C VAL E 261 -30.66 -26.15 -51.40
N LEU E 262 -29.48 -25.63 -51.08
CA LEU E 262 -28.82 -26.03 -49.85
C LEU E 262 -29.73 -25.71 -48.68
N SER E 263 -29.97 -26.72 -47.86
CA SER E 263 -31.01 -26.61 -46.84
C SER E 263 -30.49 -27.19 -45.52
N ALA E 264 -31.05 -26.67 -44.44
CA ALA E 264 -30.69 -27.11 -43.11
C ALA E 264 -31.90 -27.78 -42.49
N GLY E 265 -31.79 -29.07 -42.22
CA GLY E 265 -32.81 -29.81 -41.53
C GLY E 265 -32.45 -29.97 -40.06
N ILE E 266 -33.49 -30.14 -39.23
CA ILE E 266 -33.36 -30.36 -37.80
C ILE E 266 -33.73 -31.81 -37.52
N ASN E 267 -32.84 -32.52 -36.86
CA ASN E 267 -33.08 -33.92 -36.52
C ASN E 267 -34.29 -34.05 -35.62
N ALA E 268 -35.20 -34.97 -35.97
CA ALA E 268 -36.40 -35.18 -35.18
C ALA E 268 -36.05 -35.63 -33.76
N ALA E 269 -34.97 -36.38 -33.61
CA ALA E 269 -34.51 -36.83 -32.32
C ALA E 269 -33.66 -35.79 -31.61
N SER E 270 -33.58 -34.56 -32.10
CA SER E 270 -32.67 -33.78 -31.28
C SER E 270 -33.42 -33.12 -30.12
N PRO E 271 -32.82 -33.12 -28.93
CA PRO E 271 -33.39 -32.38 -27.81
C PRO E 271 -33.10 -30.89 -27.87
N ASN E 272 -32.37 -30.43 -28.89
CA ASN E 272 -31.94 -29.05 -29.00
C ASN E 272 -32.69 -28.32 -30.12
N LYS E 273 -33.89 -28.79 -30.43
CA LYS E 273 -34.69 -28.21 -31.50
C LYS E 273 -34.83 -26.70 -31.34
N GLU E 274 -34.96 -26.23 -30.10
CA GLU E 274 -35.12 -24.80 -29.87
C GLU E 274 -33.81 -24.04 -30.04
N LEU E 275 -32.68 -24.69 -29.73
CA LEU E 275 -31.38 -24.09 -29.98
C LEU E 275 -31.06 -24.13 -31.48
N ALA E 276 -31.37 -25.25 -32.14
CA ALA E 276 -31.12 -25.37 -33.57
C ALA E 276 -31.90 -24.31 -34.36
N LYS E 277 -33.16 -24.07 -33.98
CA LYS E 277 -33.89 -22.99 -34.59
C LYS E 277 -33.20 -21.65 -34.35
N GLU E 278 -32.70 -21.43 -33.12
CA GLU E 278 -32.07 -20.15 -32.80
C GLU E 278 -30.81 -19.93 -33.62
N PHE E 279 -30.01 -20.97 -33.81
CA PHE E 279 -28.81 -20.86 -34.63
C PHE E 279 -29.15 -20.51 -36.07
N LEU E 280 -30.03 -21.29 -36.70
CA LEU E 280 -30.31 -21.15 -38.14
C LEU E 280 -31.00 -19.83 -38.43
N GLU E 281 -31.96 -19.46 -37.59
CA GLU E 281 -32.80 -18.31 -37.87
C GLU E 281 -32.09 -17.00 -37.54
N ASN E 282 -31.41 -16.96 -36.40
CA ASN E 282 -30.91 -15.71 -35.85
C ASN E 282 -29.41 -15.54 -35.99
N TYR E 283 -28.68 -16.58 -36.37
CA TYR E 283 -27.23 -16.48 -36.55
C TYR E 283 -26.81 -16.80 -37.98
N LEU E 284 -27.22 -17.95 -38.53
CA LEU E 284 -26.80 -18.31 -39.89
C LEU E 284 -27.54 -17.48 -40.93
N LEU E 285 -28.87 -17.48 -40.89
CA LEU E 285 -29.61 -16.75 -41.93
C LEU E 285 -29.68 -15.26 -41.61
N THR E 286 -28.52 -14.66 -41.37
CA THR E 286 -28.41 -13.22 -41.31
C THR E 286 -27.42 -12.78 -42.38
N ASP E 287 -27.39 -11.49 -42.68
CA ASP E 287 -26.34 -11.00 -43.57
C ASP E 287 -24.94 -11.46 -43.13
N GLU E 288 -24.53 -11.28 -41.85
CA GLU E 288 -23.13 -11.64 -41.58
C GLU E 288 -22.94 -13.15 -41.36
N GLY E 289 -23.95 -13.89 -40.92
CA GLY E 289 -23.76 -15.33 -40.88
C GLY E 289 -23.51 -15.93 -42.26
N LEU E 290 -24.30 -15.51 -43.25
CA LEU E 290 -24.10 -16.02 -44.61
C LEU E 290 -22.77 -15.54 -45.19
N GLU E 291 -22.38 -14.29 -44.88
CA GLU E 291 -21.06 -13.78 -45.29
C GLU E 291 -19.93 -14.63 -44.72
N ALA E 292 -20.03 -15.05 -43.46
CA ALA E 292 -18.96 -15.85 -42.89
C ALA E 292 -18.78 -17.15 -43.66
N VAL E 293 -19.89 -17.80 -44.03
CA VAL E 293 -19.80 -19.03 -44.81
C VAL E 293 -19.38 -18.73 -46.24
N ASN E 294 -19.91 -17.64 -46.80
CA ASN E 294 -19.65 -17.28 -48.18
C ASN E 294 -18.16 -16.99 -48.41
N LYS E 295 -17.49 -16.34 -47.44
CA LYS E 295 -16.08 -16.02 -47.59
C LYS E 295 -15.21 -17.27 -47.55
N ASP E 296 -15.68 -18.32 -46.87
CA ASP E 296 -14.94 -19.58 -46.88
C ASP E 296 -15.06 -20.27 -48.24
N LYS E 297 -16.30 -20.63 -48.63
CA LYS E 297 -16.63 -21.19 -49.93
C LYS E 297 -17.93 -20.58 -50.40
N PRO E 298 -17.97 -19.97 -51.59
CA PRO E 298 -19.16 -19.20 -51.97
C PRO E 298 -20.41 -20.07 -51.99
N LEU E 299 -21.52 -19.44 -51.61
CA LEU E 299 -22.79 -20.13 -51.52
C LEU E 299 -23.53 -20.10 -52.85
N GLY E 300 -23.25 -19.11 -53.68
CA GLY E 300 -24.06 -18.91 -54.84
C GLY E 300 -25.15 -17.89 -54.58
N ALA E 301 -26.32 -18.13 -55.14
CA ALA E 301 -27.47 -17.30 -54.83
C ALA E 301 -28.09 -17.78 -53.52
N VAL E 302 -28.35 -16.86 -52.62
CA VAL E 302 -28.73 -17.25 -51.26
C VAL E 302 -30.23 -17.08 -51.07
N ALA E 303 -30.79 -17.88 -50.18
CA ALA E 303 -32.23 -17.79 -49.94
C ALA E 303 -32.61 -16.50 -49.20
N LEU E 304 -31.66 -15.84 -48.53
CA LEU E 304 -31.97 -14.65 -47.74
C LEU E 304 -31.96 -13.40 -48.62
N LYS E 305 -33.11 -12.72 -48.72
CA LYS E 305 -33.29 -11.66 -49.71
C LYS E 305 -32.26 -10.56 -49.51
N SER E 306 -32.07 -10.11 -48.27
CA SER E 306 -31.23 -8.94 -48.01
C SER E 306 -29.80 -9.14 -48.49
N TYR E 307 -29.28 -10.35 -48.34
CA TYR E 307 -27.91 -10.64 -48.76
C TYR E 307 -27.85 -10.94 -50.25
N GLU E 308 -28.86 -11.65 -50.77
CA GLU E 308 -28.95 -11.89 -52.21
C GLU E 308 -28.95 -10.58 -52.98
N GLU E 309 -29.46 -9.52 -52.37
CA GLU E 309 -29.51 -8.25 -53.09
C GLU E 309 -28.15 -7.56 -53.20
N GLU E 310 -27.17 -7.90 -52.37
CA GLU E 310 -25.82 -7.40 -52.64
C GLU E 310 -24.96 -8.44 -53.33
N LEU E 311 -25.39 -9.71 -53.34
CA LEU E 311 -24.66 -10.75 -54.03
C LEU E 311 -24.94 -10.75 -55.52
N VAL E 312 -25.99 -10.04 -55.99
CA VAL E 312 -26.37 -10.12 -57.41
C VAL E 312 -25.59 -9.16 -58.30
N LYS E 313 -24.71 -8.32 -57.73
CA LYS E 313 -23.84 -7.56 -58.63
C LYS E 313 -22.84 -8.45 -59.28
N ASP E 314 -22.65 -9.62 -58.72
CA ASP E 314 -21.56 -10.45 -59.17
C ASP E 314 -21.95 -11.16 -60.46
N PRO E 315 -21.26 -10.91 -61.55
CA PRO E 315 -21.56 -11.59 -62.82
C PRO E 315 -21.57 -13.09 -62.66
N ARG E 316 -20.73 -13.65 -61.77
CA ARG E 316 -20.71 -15.10 -61.61
C ARG E 316 -22.00 -15.60 -60.97
N ILE E 317 -22.58 -14.78 -60.08
CA ILE E 317 -23.87 -15.10 -59.49
C ILE E 317 -24.97 -15.02 -60.55
N ALA E 318 -24.95 -13.97 -61.38
CA ALA E 318 -25.87 -13.85 -62.50
C ALA E 318 -25.81 -15.07 -63.40
N ALA E 319 -24.60 -15.51 -63.73
CA ALA E 319 -24.44 -16.70 -64.56
C ALA E 319 -25.04 -17.92 -63.88
N THR E 320 -24.82 -18.06 -62.58
CA THR E 320 -25.46 -19.14 -61.82
C THR E 320 -26.98 -19.06 -61.89
N MET E 321 -27.53 -17.85 -61.81
CA MET E 321 -28.98 -17.76 -61.88
C MET E 321 -29.49 -18.12 -63.27
N GLU E 322 -28.75 -17.72 -64.30
CA GLU E 322 -29.16 -18.04 -65.66
C GLU E 322 -29.12 -19.54 -65.91
N ASN E 323 -28.04 -20.18 -65.51
CA ASN E 323 -27.98 -21.63 -65.65
C ASN E 323 -29.07 -22.30 -64.84
N ALA E 324 -29.40 -21.74 -63.66
CA ALA E 324 -30.45 -22.31 -62.82
C ALA E 324 -31.81 -22.19 -63.48
N GLN E 325 -32.07 -21.08 -64.16
CA GLN E 325 -33.37 -20.87 -64.76
C GLN E 325 -33.54 -21.70 -66.04
N LYS E 326 -32.46 -22.07 -66.71
CA LYS E 326 -32.56 -22.95 -67.87
C LYS E 326 -32.65 -24.41 -67.48
N GLY E 327 -32.33 -24.74 -66.23
CA GLY E 327 -32.46 -26.08 -65.73
C GLY E 327 -33.70 -26.21 -64.87
N GLU E 328 -33.73 -27.24 -64.03
CA GLU E 328 -34.88 -27.37 -63.15
C GLU E 328 -34.58 -27.65 -61.69
N ILE E 329 -35.49 -27.15 -60.84
CA ILE E 329 -35.37 -27.43 -59.41
C ILE E 329 -35.68 -28.90 -59.18
N MET E 330 -34.83 -29.54 -58.39
CA MET E 330 -34.98 -30.97 -58.14
C MET E 330 -36.29 -31.24 -57.40
N PRO E 331 -36.97 -32.34 -57.70
CA PRO E 331 -38.07 -32.76 -56.84
C PRO E 331 -37.49 -33.16 -55.50
N ASN E 332 -38.29 -33.03 -54.44
CA ASN E 332 -37.81 -33.50 -53.14
C ASN E 332 -38.40 -34.83 -52.73
N ILE E 333 -39.23 -35.44 -53.59
CA ILE E 333 -39.93 -36.70 -53.34
C ILE E 333 -38.97 -37.80 -52.92
N PRO E 334 -39.43 -38.83 -52.21
CA PRO E 334 -38.48 -39.86 -51.73
C PRO E 334 -37.83 -40.65 -52.83
N GLN E 335 -38.48 -40.78 -53.98
CA GLN E 335 -37.89 -41.56 -55.07
C GLN E 335 -36.67 -40.90 -55.69
N MET E 336 -36.36 -39.64 -55.30
CA MET E 336 -35.21 -38.93 -55.86
C MET E 336 -33.90 -39.65 -55.58
N SER E 337 -33.78 -40.36 -54.48
CA SER E 337 -32.53 -41.07 -54.23
C SER E 337 -32.38 -42.23 -55.21
N ALA E 338 -33.45 -43.01 -55.43
CA ALA E 338 -33.40 -44.12 -56.37
C ALA E 338 -33.04 -43.64 -57.77
N PHE E 339 -33.59 -42.51 -58.18
CA PHE E 339 -33.21 -41.89 -59.43
C PHE E 339 -31.70 -41.70 -59.50
N TRP E 340 -31.11 -41.10 -58.45
CA TRP E 340 -29.69 -40.76 -58.49
C TRP E 340 -28.81 -42.00 -58.58
N TYR E 341 -29.21 -43.10 -57.93
CA TYR E 341 -28.31 -44.26 -57.95
C TYR E 341 -28.46 -45.05 -59.24
N ALA E 342 -29.61 -44.97 -59.90
CA ALA E 342 -29.72 -45.65 -61.17
C ALA E 342 -29.01 -44.86 -62.26
N VAL E 343 -29.21 -43.55 -62.29
CA VAL E 343 -28.52 -42.75 -63.28
C VAL E 343 -27.02 -42.77 -63.03
N ARG E 344 -26.60 -42.93 -61.77
CA ARG E 344 -25.17 -42.95 -61.45
C ARG E 344 -24.48 -44.13 -62.10
N THR E 345 -25.01 -45.35 -61.91
CA THR E 345 -24.36 -46.51 -62.50
C THR E 345 -24.48 -46.50 -64.03
N ALA E 346 -25.57 -45.92 -64.56
CA ALA E 346 -25.71 -45.88 -66.01
C ALA E 346 -24.65 -44.98 -66.65
N VAL E 347 -24.36 -43.83 -66.04
CA VAL E 347 -23.39 -42.93 -66.65
C VAL E 347 -21.99 -43.49 -66.52
N ILE E 348 -21.67 -44.08 -65.36
CA ILE E 348 -20.36 -44.69 -65.21
C ILE E 348 -20.19 -45.83 -66.19
N ASN E 349 -21.27 -46.61 -66.41
CA ASN E 349 -21.16 -47.77 -67.28
C ASN E 349 -21.10 -47.37 -68.74
N ALA E 350 -21.96 -46.44 -69.17
CA ALA E 350 -21.90 -45.98 -70.56
C ALA E 350 -20.57 -45.29 -70.84
N ALA E 351 -20.09 -44.47 -69.90
CA ALA E 351 -18.84 -43.76 -70.10
C ALA E 351 -17.68 -44.72 -70.27
N SER E 352 -17.63 -45.77 -69.46
CA SER E 352 -16.51 -46.71 -69.50
C SER E 352 -16.60 -47.72 -70.63
N GLY E 353 -17.77 -47.88 -71.26
CA GLY E 353 -17.97 -48.90 -72.26
C GLY E 353 -18.49 -50.22 -71.72
N ARG E 354 -18.56 -50.38 -70.38
CA ARG E 354 -19.11 -51.58 -69.75
C ARG E 354 -20.54 -51.86 -70.19
N GLN E 355 -21.27 -50.83 -70.57
CA GLN E 355 -22.61 -50.99 -71.12
C GLN E 355 -22.78 -49.99 -72.25
N THR E 356 -23.60 -50.35 -73.22
CA THR E 356 -23.95 -49.37 -74.22
C THR E 356 -24.87 -48.34 -73.59
N VAL E 357 -25.05 -47.21 -74.29
CA VAL E 357 -25.92 -46.16 -73.79
C VAL E 357 -27.36 -46.66 -73.68
N ASP E 358 -27.80 -47.48 -74.63
CA ASP E 358 -29.18 -47.94 -74.67
C ASP E 358 -29.46 -48.95 -73.58
N GLU E 359 -28.45 -49.78 -73.26
CA GLU E 359 -28.59 -50.74 -72.17
C GLU E 359 -28.50 -50.05 -70.82
N ALA E 360 -27.53 -49.15 -70.66
CA ALA E 360 -27.33 -48.50 -69.38
C ALA E 360 -28.54 -47.69 -68.97
N LEU E 361 -29.17 -47.01 -69.94
CA LEU E 361 -30.29 -46.15 -69.61
C LEU E 361 -31.62 -46.88 -69.51
N LYS E 362 -31.73 -48.07 -70.12
CA LYS E 362 -32.93 -48.87 -69.92
C LYS E 362 -32.87 -49.61 -68.59
N ASP E 363 -31.69 -50.00 -68.15
CA ASP E 363 -31.55 -50.54 -66.81
C ASP E 363 -31.84 -49.49 -65.76
N ALA E 364 -31.36 -48.26 -65.97
CA ALA E 364 -31.70 -47.18 -65.05
C ALA E 364 -33.19 -46.92 -65.04
N GLN E 365 -33.86 -47.14 -66.17
CA GLN E 365 -35.28 -46.91 -66.21
C GLN E 365 -36.01 -48.00 -65.47
N THR E 366 -35.50 -49.23 -65.57
CA THR E 366 -36.06 -50.34 -64.82
C THR E 366 -35.98 -50.10 -63.32
N ARG E 367 -34.87 -49.54 -62.85
CA ARG E 367 -34.63 -49.41 -61.41
C ARG E 367 -35.33 -48.22 -60.81
N ILE E 368 -35.65 -47.21 -61.61
CA ILE E 368 -36.49 -46.16 -61.07
C ILE E 368 -37.93 -46.67 -60.99
N THR E 369 -38.29 -47.65 -61.77
CA THR E 369 -39.68 -48.02 -61.84
C THR E 369 -39.91 -49.52 -61.50
N GLN F 2 -28.66 -3.57 -29.22
CA GLN F 2 -30.11 -3.85 -29.10
C GLN F 2 -30.46 -4.77 -27.96
N VAL F 3 -29.56 -5.68 -27.61
CA VAL F 3 -29.83 -6.62 -26.53
C VAL F 3 -29.68 -5.89 -25.19
N GLN F 4 -30.66 -6.05 -24.30
CA GLN F 4 -30.51 -5.34 -23.04
C GLN F 4 -30.81 -6.19 -21.82
N LEU F 5 -30.07 -5.89 -20.76
CA LEU F 5 -30.32 -6.46 -19.45
C LEU F 5 -30.44 -5.31 -18.46
N GLN F 6 -31.59 -4.65 -18.23
CA GLN F 6 -31.50 -3.79 -17.05
C GLN F 6 -31.93 -4.50 -15.76
N GLN F 7 -31.22 -4.17 -14.77
CA GLN F 7 -31.08 -4.38 -13.38
C GLN F 7 -31.34 -3.07 -12.68
N PRO F 8 -32.05 -3.13 -11.56
CA PRO F 8 -32.25 -1.94 -10.75
C PRO F 8 -30.91 -1.39 -10.27
N GLY F 9 -30.88 -0.08 -10.12
CA GLY F 9 -29.65 0.59 -9.74
C GLY F 9 -29.13 0.13 -8.39
N SER F 10 -30.01 -0.01 -7.40
CA SER F 10 -29.53 -0.31 -6.06
C SER F 10 -30.65 -0.87 -5.21
N GLU F 11 -30.28 -1.70 -4.26
CA GLU F 11 -31.18 -2.21 -3.25
C GLU F 11 -30.54 -1.92 -1.91
N LEU F 12 -31.33 -1.41 -0.97
CA LEU F 12 -30.84 -1.07 0.36
C LEU F 12 -31.54 -2.04 1.28
N VAL F 13 -30.79 -2.81 2.05
CA VAL F 13 -31.38 -3.95 2.75
C VAL F 13 -30.87 -4.01 4.17
N ARG F 14 -31.59 -4.77 4.99
CA ARG F 14 -31.17 -4.73 6.37
C ARG F 14 -30.52 -6.06 6.74
N PRO F 15 -29.58 -6.08 7.69
CA PRO F 15 -28.81 -7.29 7.94
C PRO F 15 -29.71 -8.43 8.39
N GLY F 16 -29.31 -9.66 8.06
CA GLY F 16 -30.08 -10.84 8.37
C GLY F 16 -31.26 -11.11 7.47
N ALA F 17 -31.71 -10.13 6.68
CA ALA F 17 -32.84 -10.32 5.77
C ALA F 17 -32.35 -10.98 4.47
N SER F 18 -33.24 -11.03 3.47
CA SER F 18 -32.90 -11.54 2.15
C SER F 18 -33.39 -10.52 1.13
N VAL F 19 -32.80 -10.56 -0.06
CA VAL F 19 -33.18 -9.68 -1.15
C VAL F 19 -33.20 -10.48 -2.45
N LYS F 20 -34.14 -10.15 -3.33
CA LYS F 20 -34.25 -10.87 -4.61
C LYS F 20 -34.00 -9.89 -5.76
N LEU F 21 -32.91 -10.12 -6.48
CA LEU F 21 -32.52 -9.20 -7.55
C LEU F 21 -33.08 -9.64 -8.91
N SER F 22 -33.51 -8.65 -9.68
CA SER F 22 -34.17 -8.93 -10.94
C SER F 22 -33.27 -8.49 -12.08
N CYS F 23 -33.24 -9.29 -13.13
CA CYS F 23 -32.49 -9.00 -14.36
C CYS F 23 -33.44 -9.19 -15.52
N LYS F 24 -33.73 -8.11 -16.23
CA LYS F 24 -34.76 -8.12 -17.26
C LYS F 24 -34.07 -8.12 -18.62
N ALA F 25 -34.46 -9.06 -19.47
CA ALA F 25 -33.75 -9.35 -20.71
C ALA F 25 -34.65 -8.97 -21.87
N SER F 26 -34.07 -8.24 -22.82
CA SER F 26 -34.77 -7.84 -24.02
C SER F 26 -33.79 -7.88 -25.20
N GLY F 27 -34.35 -7.99 -26.41
CA GLY F 27 -33.55 -7.90 -27.63
C GLY F 27 -32.91 -9.18 -28.09
N TYR F 28 -33.24 -10.33 -27.51
CA TYR F 28 -32.69 -11.62 -27.90
C TYR F 28 -33.65 -12.67 -27.33
N THR F 29 -33.40 -13.93 -27.67
CA THR F 29 -34.30 -14.99 -27.24
C THR F 29 -33.83 -15.47 -25.87
N PHE F 30 -34.59 -15.10 -24.83
CA PHE F 30 -34.14 -15.26 -23.46
C PHE F 30 -34.02 -16.73 -23.05
N THR F 31 -34.86 -17.58 -23.61
CA THR F 31 -34.90 -18.98 -23.22
C THR F 31 -33.66 -19.77 -23.63
N ASN F 32 -32.85 -19.27 -24.59
CA ASN F 32 -31.78 -20.04 -25.20
C ASN F 32 -30.36 -19.61 -24.80
N SER F 33 -30.21 -18.67 -23.87
CA SER F 33 -28.89 -18.20 -23.48
C SER F 33 -28.66 -18.40 -21.99
N TRP F 34 -27.57 -19.10 -21.66
CA TRP F 34 -27.12 -19.23 -20.28
C TRP F 34 -26.96 -17.85 -19.66
N MET F 35 -27.40 -17.71 -18.40
CA MET F 35 -27.31 -16.45 -17.68
C MET F 35 -26.50 -16.63 -16.40
N HIS F 36 -25.43 -15.85 -16.25
CA HIS F 36 -24.58 -15.87 -15.07
C HIS F 36 -24.89 -14.71 -14.13
N TRP F 37 -24.46 -14.85 -12.88
CA TRP F 37 -24.43 -13.75 -11.92
C TRP F 37 -23.02 -13.61 -11.34
N VAL F 38 -22.56 -12.37 -11.24
CA VAL F 38 -21.20 -12.06 -10.80
C VAL F 38 -21.25 -11.01 -9.71
N LYS F 39 -20.42 -11.18 -8.68
CA LYS F 39 -20.30 -10.21 -7.61
C LYS F 39 -19.04 -9.38 -7.76
N GLN F 40 -19.16 -8.07 -7.55
CA GLN F 40 -18.00 -7.18 -7.55
C GLN F 40 -18.04 -6.18 -6.40
N ARG F 41 -17.08 -6.27 -5.46
CA ARG F 41 -17.05 -5.23 -4.45
C ARG F 41 -16.31 -4.00 -4.97
N PRO F 42 -16.68 -2.81 -4.52
CA PRO F 42 -16.13 -1.57 -5.07
C PRO F 42 -14.60 -1.57 -5.10
N GLY F 43 -14.05 -1.28 -6.27
CA GLY F 43 -12.62 -1.18 -6.41
C GLY F 43 -11.88 -2.49 -6.57
N GLN F 44 -12.61 -3.61 -6.57
CA GLN F 44 -11.94 -4.91 -6.59
C GLN F 44 -12.36 -5.81 -7.75
N GLY F 45 -12.11 -7.12 -7.60
CA GLY F 45 -12.32 -8.06 -8.68
C GLY F 45 -13.73 -8.61 -8.74
N LEU F 46 -13.89 -9.57 -9.65
CA LEU F 46 -15.17 -10.21 -9.94
C LEU F 46 -15.16 -11.67 -9.54
N GLU F 47 -16.27 -12.12 -8.95
CA GLU F 47 -16.45 -13.53 -8.62
C GLU F 47 -17.71 -14.08 -9.26
N TRP F 48 -17.58 -15.25 -9.85
CA TRP F 48 -18.74 -15.93 -10.38
C TRP F 48 -19.57 -16.50 -9.23
N ILE F 49 -20.86 -16.19 -9.23
CA ILE F 49 -21.77 -16.75 -8.24
C ILE F 49 -22.38 -18.05 -8.73
N GLY F 50 -22.91 -18.01 -9.95
CA GLY F 50 -23.56 -19.18 -10.54
C GLY F 50 -24.25 -18.80 -11.84
N ASN F 51 -24.94 -19.80 -12.41
CA ASN F 51 -25.61 -19.58 -13.68
C ASN F 51 -26.86 -20.45 -13.76
N ILE F 52 -27.76 -20.00 -14.63
CA ILE F 52 -29.06 -20.60 -14.88
C ILE F 52 -29.25 -20.73 -16.39
N PHE F 53 -29.71 -21.89 -16.87
CA PHE F 53 -30.19 -21.98 -18.26
C PHE F 53 -31.69 -21.78 -18.29
N PRO F 54 -32.21 -20.62 -18.71
CA PRO F 54 -33.64 -20.34 -18.54
C PRO F 54 -34.58 -21.30 -19.26
N GLY F 55 -34.13 -21.97 -20.33
CA GLY F 55 -35.03 -22.83 -21.09
C GLY F 55 -35.48 -24.06 -20.32
N ASN F 56 -34.67 -24.52 -19.35
CA ASN F 56 -35.05 -25.65 -18.52
C ASN F 56 -34.73 -25.46 -17.04
N GLY F 57 -34.16 -24.33 -16.63
CA GLY F 57 -33.96 -24.07 -15.24
C GLY F 57 -32.78 -24.73 -14.58
N ASN F 58 -31.93 -25.43 -15.31
CA ASN F 58 -30.74 -26.01 -14.70
C ASN F 58 -29.81 -24.91 -14.20
N THR F 59 -29.16 -25.18 -13.06
CA THR F 59 -28.33 -24.20 -12.37
C THR F 59 -26.98 -24.80 -12.03
N ASN F 60 -26.00 -23.93 -11.85
CA ASN F 60 -24.73 -24.31 -11.26
C ASN F 60 -24.32 -23.20 -10.31
N TYR F 61 -23.82 -23.58 -9.13
CA TYR F 61 -23.47 -22.61 -8.09
C TYR F 61 -21.99 -22.72 -7.77
N ASP F 62 -21.32 -21.57 -7.70
CA ASP F 62 -19.98 -21.53 -7.11
C ASP F 62 -20.03 -21.92 -5.63
N GLU F 63 -18.91 -22.46 -5.13
CA GLU F 63 -18.93 -23.08 -3.82
C GLU F 63 -19.06 -22.05 -2.73
N ASN F 64 -18.52 -20.86 -2.94
CA ASN F 64 -18.68 -19.78 -1.97
C ASN F 64 -20.05 -19.12 -2.02
N PHE F 65 -20.97 -19.62 -2.83
CA PHE F 65 -22.31 -19.04 -2.83
C PHE F 65 -23.39 -20.09 -2.72
N LYS F 66 -23.03 -21.36 -2.64
CA LYS F 66 -24.01 -22.39 -2.33
C LYS F 66 -24.69 -22.12 -0.98
N SER F 67 -26.02 -22.27 -0.96
CA SER F 67 -26.90 -22.00 0.16
C SER F 67 -26.83 -20.54 0.60
N LYS F 68 -26.31 -19.68 -0.28
CA LYS F 68 -26.29 -18.24 -0.08
C LYS F 68 -26.95 -17.56 -1.26
N ALA F 69 -26.80 -18.14 -2.46
CA ALA F 69 -27.47 -17.67 -3.66
C ALA F 69 -28.45 -18.74 -4.13
N THR F 70 -29.61 -18.29 -4.60
CA THR F 70 -30.56 -19.16 -5.28
C THR F 70 -31.02 -18.47 -6.56
N LEU F 71 -30.85 -19.15 -7.71
CA LEU F 71 -31.15 -18.55 -9.00
C LEU F 71 -32.44 -19.11 -9.57
N THR F 72 -33.25 -18.21 -10.12
CA THR F 72 -34.57 -18.56 -10.64
C THR F 72 -34.84 -17.74 -11.89
N VAL F 73 -35.85 -18.14 -12.64
CA VAL F 73 -36.14 -17.37 -13.82
C VAL F 73 -37.67 -17.41 -13.92
N ASP F 74 -38.30 -16.36 -14.42
CA ASP F 74 -39.66 -16.54 -14.94
C ASP F 74 -39.67 -16.30 -16.45
N THR F 75 -39.69 -17.39 -17.22
CA THR F 75 -39.65 -17.32 -18.68
C THR F 75 -40.64 -16.32 -19.28
N SER F 76 -41.87 -16.24 -18.74
CA SER F 76 -42.91 -15.47 -19.41
C SER F 76 -42.60 -13.98 -19.47
N SER F 77 -41.88 -13.44 -18.48
CA SER F 77 -41.50 -12.03 -18.46
C SER F 77 -40.04 -11.78 -18.86
N ASN F 78 -39.29 -12.84 -19.18
CA ASN F 78 -37.89 -12.72 -19.61
C ASN F 78 -37.00 -12.18 -18.49
N THR F 79 -37.25 -12.62 -17.26
CA THR F 79 -36.57 -12.07 -16.08
C THR F 79 -35.79 -13.16 -15.39
N ALA F 80 -34.51 -12.89 -15.13
CA ALA F 80 -33.68 -13.73 -14.30
C ALA F 80 -33.67 -13.18 -12.88
N TYR F 81 -33.63 -14.08 -11.89
CA TYR F 81 -33.65 -13.68 -10.49
C TYR F 81 -32.50 -14.32 -9.75
N MET F 82 -31.88 -13.53 -8.87
CA MET F 82 -30.96 -14.04 -7.86
C MET F 82 -31.44 -13.58 -6.50
N GLN F 83 -31.68 -14.54 -5.60
CA GLN F 83 -32.08 -14.29 -4.23
C GLN F 83 -30.88 -14.57 -3.34
N LEU F 84 -30.45 -13.57 -2.57
CA LEU F 84 -29.43 -13.71 -1.54
C LEU F 84 -30.09 -13.71 -0.17
N SER F 85 -29.88 -14.78 0.60
CA SER F 85 -30.39 -14.94 1.96
C SER F 85 -29.41 -14.36 2.99
N SER F 86 -29.86 -14.29 4.26
CA SER F 86 -29.06 -13.91 5.43
C SER F 86 -28.00 -12.85 5.15
N LEU F 87 -28.44 -11.67 4.77
CA LEU F 87 -27.47 -10.68 4.31
C LEU F 87 -26.63 -10.17 5.48
N THR F 88 -25.37 -9.88 5.19
CA THR F 88 -24.42 -9.33 6.15
C THR F 88 -23.56 -8.31 5.43
N SER F 89 -22.74 -7.60 6.21
CA SER F 89 -21.93 -6.52 5.66
C SER F 89 -21.13 -6.98 4.45
N GLU F 90 -20.74 -8.24 4.45
CA GLU F 90 -19.89 -8.79 3.41
C GLU F 90 -20.62 -8.97 2.06
N ASP F 91 -21.95 -8.94 2.06
CA ASP F 91 -22.71 -9.07 0.82
C ASP F 91 -22.92 -7.74 0.12
N SER F 92 -22.46 -6.64 0.71
CA SER F 92 -22.55 -5.36 0.02
C SER F 92 -21.58 -5.35 -1.14
N ALA F 93 -22.12 -5.34 -2.35
CA ALA F 93 -21.33 -5.32 -3.56
C ALA F 93 -22.28 -5.01 -4.70
N VAL F 94 -21.70 -4.74 -5.86
CA VAL F 94 -22.49 -4.69 -7.08
C VAL F 94 -22.65 -6.12 -7.60
N TYR F 95 -23.89 -6.47 -7.97
CA TYR F 95 -24.22 -7.78 -8.48
C TYR F 95 -24.64 -7.67 -9.96
N TYR F 96 -23.98 -8.43 -10.82
CA TYR F 96 -24.19 -8.37 -12.26
C TYR F 96 -24.87 -9.62 -12.74
N CYS F 97 -25.76 -9.48 -13.73
CA CYS F 97 -26.18 -10.62 -14.56
C CYS F 97 -25.54 -10.47 -15.93
N THR F 98 -25.05 -11.58 -16.46
CA THR F 98 -24.33 -11.57 -17.72
C THR F 98 -24.70 -12.82 -18.54
N ARG F 99 -24.92 -12.61 -19.84
CA ARG F 99 -25.48 -13.65 -20.69
C ARG F 99 -24.41 -14.37 -21.52
N GLY F 100 -24.62 -15.68 -21.70
CA GLY F 100 -23.71 -16.45 -22.53
C GLY F 100 -22.40 -16.74 -21.83
N LEU F 101 -21.31 -16.64 -22.59
CA LEU F 101 -20.00 -16.69 -21.95
C LEU F 101 -19.57 -15.26 -21.62
N PHE F 102 -20.30 -14.72 -20.62
CA PHE F 102 -20.05 -13.41 -20.05
C PHE F 102 -19.90 -12.37 -21.15
N ALA F 103 -20.79 -12.44 -22.15
CA ALA F 103 -20.69 -11.70 -23.39
C ALA F 103 -21.31 -10.31 -23.28
N TYR F 104 -22.50 -10.23 -22.69
CA TYR F 104 -23.16 -8.96 -22.44
C TYR F 104 -23.58 -8.85 -20.97
N TRP F 105 -23.34 -7.67 -20.37
CA TRP F 105 -23.51 -7.45 -18.93
C TRP F 105 -24.57 -6.40 -18.63
N GLY F 106 -25.42 -6.72 -17.66
CA GLY F 106 -26.29 -5.73 -17.06
C GLY F 106 -25.48 -4.65 -16.34
N GLN F 107 -26.20 -3.61 -15.89
CA GLN F 107 -25.51 -2.51 -15.22
C GLN F 107 -25.17 -2.87 -13.77
N GLY F 108 -25.70 -3.98 -13.26
CA GLY F 108 -25.39 -4.37 -11.91
C GLY F 108 -26.24 -3.61 -10.90
N THR F 109 -26.70 -4.31 -9.88
CA THR F 109 -27.43 -3.69 -8.78
C THR F 109 -26.48 -3.54 -7.59
N LEU F 110 -26.38 -2.34 -7.05
CA LEU F 110 -25.57 -2.13 -5.86
C LEU F 110 -26.44 -2.46 -4.65
N VAL F 111 -26.08 -3.52 -3.93
CA VAL F 111 -26.77 -3.91 -2.71
C VAL F 111 -25.96 -3.37 -1.54
N THR F 112 -26.62 -2.56 -0.70
CA THR F 112 -26.02 -1.95 0.49
C THR F 112 -26.71 -2.57 1.69
N VAL F 113 -25.95 -3.28 2.51
CA VAL F 113 -26.56 -3.97 3.63
C VAL F 113 -26.27 -3.04 4.81
N SER F 114 -27.26 -2.33 5.33
CA SER F 114 -27.09 -1.90 6.75
C SER F 114 -28.39 -2.05 7.46
N ASP F 131 -10.61 -23.22 -8.55
CA ASP F 131 -9.46 -24.11 -8.64
C ASP F 131 -8.39 -23.58 -9.63
N ILE F 132 -8.82 -22.93 -10.72
CA ILE F 132 -7.90 -22.34 -11.70
C ILE F 132 -7.57 -20.91 -11.27
N VAL F 133 -6.29 -20.53 -11.40
CA VAL F 133 -5.79 -19.22 -11.00
C VAL F 133 -5.35 -18.43 -12.23
N MET F 134 -5.83 -17.19 -12.34
CA MET F 134 -5.54 -16.32 -13.47
C MET F 134 -4.67 -15.17 -12.99
N THR F 135 -3.43 -15.10 -13.51
CA THR F 135 -2.45 -14.11 -13.06
C THR F 135 -2.25 -13.03 -14.11
N GLN F 136 -2.72 -11.84 -13.79
CA GLN F 136 -2.68 -10.69 -14.65
C GLN F 136 -1.61 -9.72 -14.19
N SER F 137 -0.93 -9.07 -15.13
CA SER F 137 0.10 -8.11 -14.80
C SER F 137 0.28 -7.16 -15.96
N PRO F 138 0.68 -5.90 -15.72
CA PRO F 138 0.87 -5.28 -14.40
C PRO F 138 -0.48 -4.93 -13.79
N SER F 139 -0.53 -4.78 -12.47
CA SER F 139 -1.81 -4.47 -11.86
C SER F 139 -2.23 -3.03 -12.13
N SER F 140 -1.28 -2.14 -12.41
CA SER F 140 -1.63 -0.79 -12.76
C SER F 140 -0.53 -0.26 -13.66
N LEU F 141 -0.86 0.74 -14.46
CA LEU F 141 0.13 1.26 -15.40
C LEU F 141 -0.34 2.61 -15.90
N ALA F 142 0.62 3.51 -16.15
CA ALA F 142 0.33 4.85 -16.65
C ALA F 142 1.11 5.10 -17.94
N MET F 143 0.38 5.30 -19.05
CA MET F 143 0.99 5.59 -20.36
C MET F 143 0.43 6.89 -20.93
N SER F 144 1.15 7.43 -21.91
CA SER F 144 0.76 8.63 -22.63
C SER F 144 0.03 8.27 -23.91
N VAL F 145 -0.78 9.21 -24.41
CA VAL F 145 -1.53 8.96 -25.63
C VAL F 145 -0.55 8.64 -26.75
N GLY F 146 -0.87 7.62 -27.51
CA GLY F 146 -0.07 7.19 -28.61
C GLY F 146 0.84 6.03 -28.29
N GLN F 147 1.11 5.74 -27.01
CA GLN F 147 2.04 4.63 -26.87
C GLN F 147 1.36 3.29 -26.83
N LYS F 148 2.19 2.27 -26.92
CA LYS F 148 1.78 0.88 -26.94
C LYS F 148 1.69 0.33 -25.52
N VAL F 149 0.58 -0.34 -25.22
CA VAL F 149 0.36 -0.97 -23.92
C VAL F 149 0.23 -2.46 -24.10
N THR F 150 0.93 -3.21 -23.26
CA THR F 150 0.93 -4.67 -23.29
C THR F 150 0.52 -5.21 -21.92
N MET F 151 -0.58 -5.96 -21.88
CA MET F 151 -1.07 -6.55 -20.64
C MET F 151 -1.07 -8.07 -20.75
N SER F 152 -0.47 -8.73 -19.77
CA SER F 152 -0.37 -10.18 -19.83
C SER F 152 -1.28 -10.85 -18.81
N CYS F 153 -1.62 -12.09 -19.13
CA CYS F 153 -2.53 -12.90 -18.34
C CYS F 153 -2.10 -14.34 -18.46
N LYS F 154 -1.74 -14.92 -17.34
CA LYS F 154 -1.27 -16.29 -17.23
C LYS F 154 -2.14 -17.18 -16.38
N SER F 155 -2.43 -18.36 -16.95
CA SER F 155 -3.38 -19.33 -16.47
C SER F 155 -2.65 -20.50 -15.83
N SER F 156 -3.23 -21.03 -14.75
CA SER F 156 -2.62 -22.19 -14.11
C SER F 156 -2.84 -23.47 -14.91
N GLN F 157 -3.74 -23.48 -15.86
CA GLN F 157 -3.99 -24.64 -16.73
C GLN F 157 -4.24 -24.17 -18.15
N SER F 158 -3.91 -25.04 -19.09
CA SER F 158 -4.21 -24.77 -20.48
C SER F 158 -5.71 -24.62 -20.65
N LEU F 159 -6.10 -23.66 -21.47
CA LEU F 159 -7.50 -23.38 -21.74
C LEU F 159 -7.85 -23.70 -23.19
N LEU F 160 -7.12 -24.60 -23.84
CA LEU F 160 -7.28 -24.79 -25.27
C LEU F 160 -7.88 -26.18 -25.53
N ILE F 161 -8.73 -26.31 -26.56
CA ILE F 161 -9.33 -27.60 -26.93
C ILE F 161 -8.84 -28.10 -28.29
N ASN F 162 -8.83 -29.43 -28.45
CA ASN F 162 -8.54 -30.09 -29.73
C ASN F 162 -9.83 -30.62 -30.37
N LYS F 166 -9.01 -23.69 -30.32
CA LYS F 166 -9.89 -22.71 -29.65
C LYS F 166 -9.48 -22.47 -28.17
N ASN F 167 -9.09 -21.24 -27.80
CA ASN F 167 -8.71 -20.92 -26.42
C ASN F 167 -9.86 -20.25 -25.67
N TYR F 168 -10.26 -20.82 -24.54
CA TYR F 168 -11.37 -20.28 -23.75
C TYR F 168 -10.84 -19.18 -22.83
N LEU F 169 -10.65 -17.99 -23.43
CA LEU F 169 -10.09 -16.88 -22.69
C LEU F 169 -10.61 -15.57 -23.27
N ALA F 170 -11.06 -14.65 -22.41
CA ALA F 170 -11.62 -13.41 -22.91
C ALA F 170 -11.02 -12.21 -22.18
N TRP F 171 -11.24 -11.03 -22.77
CA TRP F 171 -10.73 -9.78 -22.27
C TRP F 171 -11.89 -8.82 -22.11
N TYR F 172 -11.89 -8.08 -21.00
CA TYR F 172 -12.96 -7.17 -20.68
C TYR F 172 -12.39 -5.81 -20.35
N GLN F 173 -13.14 -4.79 -20.68
CA GLN F 173 -12.81 -3.42 -20.35
C GLN F 173 -13.91 -2.89 -19.44
N GLN F 174 -13.53 -2.31 -18.31
CA GLN F 174 -14.49 -1.74 -17.38
C GLN F 174 -14.13 -0.29 -17.13
N LYS F 175 -14.85 0.63 -17.78
CA LYS F 175 -14.64 2.04 -17.47
C LYS F 175 -15.24 2.39 -16.10
N PRO F 176 -14.70 3.41 -15.43
CA PRO F 176 -15.14 3.68 -14.04
C PRO F 176 -16.64 3.95 -14.03
N GLY F 177 -17.35 3.28 -13.12
CA GLY F 177 -18.79 3.46 -13.04
C GLY F 177 -19.61 2.71 -14.08
N GLN F 178 -18.99 1.89 -14.94
CA GLN F 178 -19.72 1.09 -15.91
C GLN F 178 -19.49 -0.39 -15.64
N SER F 179 -20.30 -1.21 -16.28
CA SER F 179 -20.15 -2.65 -16.20
C SER F 179 -19.03 -3.10 -17.14
N PRO F 180 -18.55 -4.33 -17.01
CA PRO F 180 -17.53 -4.80 -17.97
C PRO F 180 -18.10 -4.98 -19.37
N LYS F 181 -17.23 -4.74 -20.35
CA LYS F 181 -17.60 -4.75 -21.77
C LYS F 181 -16.64 -5.68 -22.51
N LEU F 182 -17.19 -6.69 -23.17
CA LEU F 182 -16.35 -7.68 -23.84
C LEU F 182 -15.59 -7.02 -24.98
N LEU F 183 -14.26 -7.12 -24.95
CA LEU F 183 -13.37 -6.62 -25.99
C LEU F 183 -12.94 -7.72 -26.94
N VAL F 184 -12.44 -8.83 -26.39
CA VAL F 184 -11.87 -9.90 -27.18
C VAL F 184 -12.34 -11.21 -26.59
N TYR F 185 -12.82 -12.12 -27.43
CA TYR F 185 -13.17 -13.45 -26.96
C TYR F 185 -12.43 -14.50 -27.77
N PHE F 186 -12.37 -15.69 -27.20
CA PHE F 186 -11.60 -16.79 -27.74
C PHE F 186 -10.18 -16.33 -28.06
N ALA F 187 -9.59 -15.64 -27.09
CA ALA F 187 -8.21 -15.18 -27.11
C ALA F 187 -7.96 -14.11 -28.17
N SER F 188 -8.43 -14.32 -29.40
CA SER F 188 -8.01 -13.48 -30.53
C SER F 188 -9.14 -12.79 -31.29
N THR F 189 -10.39 -13.21 -31.13
CA THR F 189 -11.49 -12.68 -31.92
C THR F 189 -12.00 -11.38 -31.29
N ARG F 190 -11.79 -10.26 -31.97
CA ARG F 190 -12.33 -8.98 -31.52
C ARG F 190 -13.85 -9.02 -31.60
N GLU F 191 -14.49 -8.51 -30.56
CA GLU F 191 -15.95 -8.40 -30.57
C GLU F 191 -16.36 -7.27 -31.51
N SER F 192 -17.58 -7.35 -32.05
CA SER F 192 -18.08 -6.32 -32.95
C SER F 192 -18.06 -4.96 -32.25
N GLY F 193 -17.49 -3.95 -32.92
CA GLY F 193 -17.44 -2.61 -32.40
C GLY F 193 -16.15 -2.23 -31.70
N VAL F 194 -15.36 -3.19 -31.25
CA VAL F 194 -14.09 -2.86 -30.58
C VAL F 194 -13.10 -2.32 -31.61
N PRO F 195 -12.53 -1.11 -31.39
CA PRO F 195 -11.50 -0.56 -32.29
C PRO F 195 -10.36 -1.53 -32.61
N ASP F 196 -9.66 -1.31 -33.74
CA ASP F 196 -8.57 -2.21 -34.14
C ASP F 196 -7.36 -2.11 -33.24
N ARG F 197 -7.29 -1.08 -32.40
CA ARG F 197 -6.21 -0.95 -31.43
C ARG F 197 -6.08 -2.16 -30.51
N PHE F 198 -7.19 -2.83 -30.20
CA PHE F 198 -7.16 -3.93 -29.26
C PHE F 198 -6.87 -5.23 -30.00
N ILE F 199 -5.79 -5.90 -29.63
CA ILE F 199 -5.39 -7.17 -30.21
C ILE F 199 -5.12 -8.13 -29.06
N GLY F 200 -5.96 -9.15 -28.92
CA GLY F 200 -5.66 -10.24 -28.02
C GLY F 200 -4.90 -11.31 -28.78
N SER F 201 -3.94 -11.92 -28.07
CA SER F 201 -3.11 -12.95 -28.66
C SER F 201 -2.67 -13.90 -27.55
N GLY F 202 -1.99 -14.96 -27.97
CA GLY F 202 -1.54 -15.99 -27.07
C GLY F 202 -2.33 -17.27 -27.27
N SER F 203 -1.93 -18.29 -26.54
CA SER F 203 -2.56 -19.59 -26.69
C SER F 203 -2.20 -20.49 -25.52
N GLY F 204 -3.12 -21.40 -25.25
CA GLY F 204 -2.92 -22.40 -24.23
C GLY F 204 -2.94 -21.76 -22.87
N THR F 205 -1.81 -21.23 -22.47
CA THR F 205 -1.70 -20.83 -21.09
C THR F 205 -1.17 -19.38 -20.88
N ASP F 206 -0.44 -18.78 -21.83
CA ASP F 206 0.09 -17.40 -21.76
C ASP F 206 -0.70 -16.53 -22.73
N PHE F 207 -1.30 -15.45 -22.24
CA PHE F 207 -2.14 -14.60 -23.08
C PHE F 207 -1.76 -13.13 -22.95
N THR F 208 -2.05 -12.37 -24.00
CA THR F 208 -1.72 -10.96 -24.10
C THR F 208 -2.86 -10.17 -24.73
N LEU F 209 -3.12 -8.99 -24.17
CA LEU F 209 -3.98 -8.00 -24.78
C LEU F 209 -3.13 -6.77 -25.02
N THR F 210 -3.04 -6.36 -26.29
CA THR F 210 -2.20 -5.25 -26.70
C THR F 210 -3.09 -4.13 -27.19
N ILE F 211 -2.79 -2.91 -26.77
CA ILE F 211 -3.36 -1.72 -27.40
C ILE F 211 -2.23 -1.12 -28.23
N SER F 212 -2.34 -1.21 -29.58
CA SER F 212 -1.24 -0.79 -30.42
C SER F 212 -0.97 0.70 -30.25
N SER F 213 -2.03 1.49 -30.07
CA SER F 213 -1.87 2.92 -29.81
C SER F 213 -2.99 3.38 -28.89
N VAL F 214 -2.69 3.43 -27.60
CA VAL F 214 -3.69 3.84 -26.63
C VAL F 214 -4.12 5.29 -26.83
N GLN F 215 -5.40 5.54 -26.53
CA GLN F 215 -6.04 6.84 -26.62
C GLN F 215 -6.67 7.18 -25.27
N ALA F 216 -7.12 8.43 -25.15
CA ALA F 216 -7.57 8.95 -23.86
C ALA F 216 -8.80 8.21 -23.34
N GLU F 217 -9.77 7.97 -24.22
CA GLU F 217 -10.94 7.13 -23.97
C GLU F 217 -10.64 5.78 -23.36
N ASP F 218 -9.41 5.28 -23.46
CA ASP F 218 -9.10 3.91 -23.08
C ASP F 218 -8.80 3.74 -21.58
N LEU F 219 -8.86 4.81 -20.79
CA LEU F 219 -8.71 4.67 -19.34
C LEU F 219 -9.77 3.72 -18.79
N ALA F 220 -9.31 2.62 -18.22
CA ALA F 220 -10.23 1.60 -17.72
C ALA F 220 -9.45 0.55 -16.96
N ASP F 221 -10.18 -0.39 -16.38
CA ASP F 221 -9.63 -1.57 -15.73
C ASP F 221 -9.88 -2.75 -16.67
N TYR F 222 -8.84 -3.52 -16.96
CA TYR F 222 -8.92 -4.60 -17.94
C TYR F 222 -8.75 -5.92 -17.21
N PHE F 223 -9.76 -6.78 -17.30
CA PHE F 223 -9.72 -8.11 -16.72
C PHE F 223 -9.62 -9.14 -17.83
N CYS F 224 -8.81 -10.16 -17.61
CA CYS F 224 -8.92 -11.38 -18.39
C CYS F 224 -9.80 -12.35 -17.62
N GLN F 225 -10.48 -13.23 -18.36
CA GLN F 225 -11.32 -14.23 -17.72
C GLN F 225 -11.23 -15.54 -18.49
N GLN F 226 -11.08 -16.64 -17.75
CA GLN F 226 -11.14 -17.94 -18.39
C GLN F 226 -12.59 -18.37 -18.50
N HIS F 227 -12.93 -18.97 -19.65
CA HIS F 227 -14.27 -19.48 -19.91
C HIS F 227 -14.25 -21.00 -20.04
N PHE F 228 -13.16 -21.61 -19.58
CA PHE F 228 -12.92 -23.04 -19.73
C PHE F 228 -13.87 -23.85 -18.85
N THR F 229 -13.79 -23.65 -17.55
CA THR F 229 -14.61 -24.41 -16.64
C THR F 229 -14.94 -23.54 -15.42
N ALA F 230 -15.99 -23.94 -14.71
CA ALA F 230 -16.30 -23.28 -13.46
C ALA F 230 -15.07 -23.28 -12.57
N PRO F 231 -14.82 -22.21 -11.78
CA PRO F 231 -15.71 -21.07 -11.58
C PRO F 231 -15.46 -19.87 -12.51
N TYR F 232 -14.97 -20.09 -13.73
CA TYR F 232 -14.86 -19.02 -14.73
C TYR F 232 -14.04 -17.85 -14.21
N THR F 233 -12.81 -18.16 -13.81
CA THR F 233 -12.00 -17.27 -13.01
C THR F 233 -11.61 -15.99 -13.74
N PHE F 234 -11.76 -14.86 -13.06
CA PHE F 234 -11.28 -13.58 -13.55
C PHE F 234 -9.87 -13.32 -13.08
N GLY F 235 -9.13 -12.54 -13.85
CA GLY F 235 -7.87 -12.05 -13.36
C GLY F 235 -8.08 -10.81 -12.51
N GLY F 236 -7.01 -10.44 -11.79
CA GLY F 236 -7.02 -9.30 -10.88
C GLY F 236 -7.11 -7.94 -11.54
N GLY F 237 -6.98 -7.86 -12.86
CA GLY F 237 -7.19 -6.58 -13.51
C GLY F 237 -5.91 -5.79 -13.69
N THR F 238 -5.92 -4.95 -14.71
CA THR F 238 -4.88 -3.96 -14.97
C THR F 238 -5.54 -2.58 -14.97
N LYS F 239 -5.22 -1.76 -13.99
CA LYS F 239 -5.73 -0.38 -13.97
C LYS F 239 -4.85 0.47 -14.86
N LEU F 240 -5.37 0.82 -16.04
CA LEU F 240 -4.68 1.59 -17.05
C LEU F 240 -5.16 3.03 -16.99
N GLU F 241 -4.23 3.96 -16.82
CA GLU F 241 -4.52 5.38 -16.76
C GLU F 241 -3.75 6.09 -17.87
N ILE F 242 -4.26 7.22 -18.33
CA ILE F 242 -3.66 7.93 -19.46
C ILE F 242 -3.19 9.29 -18.93
N LYS F 243 -1.90 9.56 -19.05
CA LYS F 243 -1.32 10.81 -18.55
C LYS F 243 -1.21 11.86 -19.65
N ARG F 244 -0.80 13.07 -19.26
CA ARG F 244 -0.85 14.25 -20.10
C ARG F 244 0.53 14.67 -20.63
N LYS G 1 -41.43 -7.59 42.36
CA LYS G 1 -40.75 -6.94 43.46
C LYS G 1 -39.32 -6.70 43.07
N ILE G 2 -38.48 -7.67 43.39
CA ILE G 2 -37.07 -7.61 43.13
C ILE G 2 -36.77 -8.17 41.78
N GLU G 3 -35.94 -7.46 41.02
CA GLU G 3 -35.57 -7.85 39.69
C GLU G 3 -34.86 -9.15 39.70
N GLU G 4 -35.12 -9.99 38.72
CA GLU G 4 -34.43 -11.25 38.64
C GLU G 4 -33.24 -11.01 37.76
N GLY G 5 -32.09 -11.54 38.13
CA GLY G 5 -30.91 -11.38 37.32
C GLY G 5 -29.91 -10.37 37.80
N LYS G 6 -30.20 -9.77 38.94
CA LYS G 6 -29.30 -8.82 39.52
C LYS G 6 -29.31 -8.98 41.00
N LEU G 7 -28.30 -8.43 41.62
CA LEU G 7 -28.16 -8.44 43.06
C LEU G 7 -28.16 -6.98 43.48
N VAL G 8 -29.09 -6.59 44.33
CA VAL G 8 -29.04 -5.30 45.00
C VAL G 8 -28.71 -5.55 46.47
N ILE G 9 -27.69 -4.87 46.99
CA ILE G 9 -27.16 -5.13 48.31
C ILE G 9 -27.30 -3.87 49.16
N TRP G 10 -27.75 -4.06 50.40
CA TRP G 10 -27.80 -3.01 51.40
C TRP G 10 -26.72 -3.24 52.44
N ILE G 11 -25.96 -2.20 52.72
CA ILE G 11 -24.95 -2.20 53.76
C ILE G 11 -24.86 -0.79 54.33
N ASN G 12 -24.53 -0.70 55.62
CA ASN G 12 -24.55 0.56 56.32
C ASN G 12 -23.44 1.49 55.84
N GLY G 13 -23.70 2.80 55.94
CA GLY G 13 -22.78 3.81 55.45
C GLY G 13 -21.47 3.97 56.23
N ASP G 14 -21.35 3.37 57.42
CA ASP G 14 -20.05 3.47 58.09
C ASP G 14 -19.11 2.32 57.75
N LYS G 15 -19.62 1.31 57.06
CA LYS G 15 -18.83 0.17 56.62
C LYS G 15 -18.18 0.45 55.26
N GLY G 16 -17.34 -0.48 54.83
CA GLY G 16 -16.63 -0.30 53.58
C GLY G 16 -17.44 -0.65 52.36
N TYR G 17 -18.46 0.15 52.03
CA TYR G 17 -19.35 -0.22 50.94
C TYR G 17 -18.67 -0.07 49.58
N ASN G 18 -17.75 0.88 49.43
CA ASN G 18 -16.99 0.98 48.20
C ASN G 18 -16.17 -0.27 47.95
N GLY G 19 -15.43 -0.73 48.97
CA GLY G 19 -14.68 -1.98 48.82
C GLY G 19 -15.60 -3.16 48.54
N LEU G 20 -16.80 -3.17 49.14
CA LEU G 20 -17.77 -4.20 48.82
C LEU G 20 -18.19 -4.13 47.36
N ALA G 21 -18.33 -2.90 46.83
CA ALA G 21 -18.66 -2.77 45.42
C ALA G 21 -17.56 -3.28 44.49
N GLU G 22 -16.31 -3.36 44.96
CA GLU G 22 -15.23 -3.91 44.13
C GLU G 22 -15.36 -5.42 44.03
N VAL G 23 -15.87 -6.06 45.07
CA VAL G 23 -16.15 -7.50 44.96
C VAL G 23 -17.32 -7.72 44.00
N GLY G 24 -18.30 -6.83 44.00
CA GLY G 24 -19.42 -6.96 43.09
C GLY G 24 -19.05 -6.69 41.66
N LYS G 25 -18.00 -5.89 41.42
CA LYS G 25 -17.57 -5.70 40.05
C LYS G 25 -16.69 -6.83 39.58
N LYS G 26 -15.94 -7.45 40.48
CA LYS G 26 -15.32 -8.73 40.13
C LYS G 26 -16.39 -9.76 39.83
N PHE G 27 -17.47 -9.75 40.61
CA PHE G 27 -18.55 -10.71 40.45
C PHE G 27 -19.28 -10.50 39.13
N GLU G 28 -19.48 -9.23 38.75
CA GLU G 28 -20.21 -8.93 37.52
C GLU G 28 -19.40 -9.32 36.30
N LYS G 29 -18.11 -8.95 36.28
CA LYS G 29 -17.22 -9.41 35.22
C LYS G 29 -17.29 -10.91 35.03
N ASP G 30 -17.30 -11.67 36.12
CA ASP G 30 -17.24 -13.12 36.02
C ASP G 30 -18.56 -13.74 35.59
N THR G 31 -19.68 -13.12 35.95
CA THR G 31 -20.99 -13.74 35.79
C THR G 31 -21.92 -13.01 34.84
N GLY G 32 -21.65 -11.75 34.53
CA GLY G 32 -22.61 -10.96 33.80
C GLY G 32 -23.72 -10.41 34.67
N ILE G 33 -23.67 -10.64 35.97
CA ILE G 33 -24.75 -10.26 36.86
C ILE G 33 -24.39 -8.92 37.49
N LYS G 34 -25.29 -7.96 37.34
CA LYS G 34 -25.06 -6.60 37.81
C LYS G 34 -25.32 -6.55 39.31
N VAL G 35 -24.40 -5.91 40.03
CA VAL G 35 -24.47 -5.81 41.49
C VAL G 35 -24.52 -4.34 41.82
N THR G 36 -25.54 -3.94 42.58
CA THR G 36 -25.64 -2.57 43.07
C THR G 36 -25.65 -2.57 44.61
N VAL G 37 -24.60 -2.04 45.21
CA VAL G 37 -24.52 -1.93 46.66
C VAL G 37 -24.88 -0.49 47.02
N GLU G 38 -25.82 -0.31 47.95
CA GLU G 38 -26.17 1.02 48.42
C GLU G 38 -26.25 1.05 49.93
N HIS G 39 -26.21 2.26 50.47
CA HIS G 39 -26.21 2.46 51.91
C HIS G 39 -27.29 3.46 52.28
N PRO G 40 -28.55 3.03 52.23
CA PRO G 40 -29.65 3.94 52.61
C PRO G 40 -29.63 4.22 54.11
N ASP G 41 -30.15 5.38 54.48
CA ASP G 41 -30.28 5.76 55.87
C ASP G 41 -31.29 4.86 56.59
N LYS G 42 -31.07 4.63 57.88
CA LYS G 42 -31.99 3.85 58.72
C LYS G 42 -32.37 2.52 58.07
N LEU G 43 -31.39 1.90 57.40
CA LEU G 43 -31.67 0.70 56.61
C LEU G 43 -32.14 -0.47 57.47
N GLU G 44 -31.75 -0.51 58.76
CA GLU G 44 -32.24 -1.57 59.63
C GLU G 44 -33.76 -1.52 59.78
N GLU G 45 -34.33 -0.31 59.67
CA GLU G 45 -35.76 -0.12 59.80
C GLU G 45 -36.50 -0.14 58.47
N LYS G 46 -35.84 0.27 57.38
CA LYS G 46 -36.53 0.23 56.10
C LYS G 46 -36.70 -1.21 55.62
N PHE G 47 -35.76 -2.11 55.97
CA PHE G 47 -35.87 -3.50 55.53
C PHE G 47 -37.15 -4.19 55.97
N PRO G 48 -37.57 -4.15 57.25
CA PRO G 48 -38.80 -4.87 57.61
C PRO G 48 -40.05 -4.36 56.90
N GLN G 49 -40.12 -3.06 56.63
CA GLN G 49 -41.23 -2.52 55.87
C GLN G 49 -41.21 -3.06 54.45
N VAL G 50 -40.07 -2.88 53.75
CA VAL G 50 -40.04 -3.12 52.32
C VAL G 50 -40.20 -4.62 52.09
N ALA G 51 -39.44 -5.45 52.85
CA ALA G 51 -39.37 -6.92 52.68
C ALA G 51 -40.68 -7.59 53.05
N ALA G 52 -41.54 -6.93 53.85
CA ALA G 52 -42.82 -7.52 54.19
C ALA G 52 -43.74 -7.55 52.98
N THR G 53 -43.74 -6.48 52.18
CA THR G 53 -44.47 -6.42 50.91
C THR G 53 -43.79 -7.23 49.83
N GLY G 54 -42.73 -7.92 50.24
CA GLY G 54 -41.91 -8.76 49.39
C GLY G 54 -40.75 -8.08 48.69
N ASP G 55 -40.38 -6.86 49.07
CA ASP G 55 -39.40 -6.13 48.28
C ASP G 55 -38.09 -5.98 49.07
N GLY G 56 -37.32 -4.93 48.77
CA GLY G 56 -36.04 -4.68 49.38
C GLY G 56 -34.92 -5.35 48.62
N PRO G 57 -33.72 -5.37 49.20
CA PRO G 57 -32.55 -5.90 48.49
C PRO G 57 -32.50 -7.42 48.51
N ASP G 58 -31.60 -7.96 47.70
CA ASP G 58 -31.36 -9.40 47.75
C ASP G 58 -30.53 -9.77 48.97
N ILE G 59 -29.62 -8.90 49.39
CA ILE G 59 -28.71 -9.15 50.50
C ILE G 59 -28.77 -7.98 51.47
N ILE G 60 -28.90 -8.30 52.76
CA ILE G 60 -28.93 -7.29 53.81
C ILE G 60 -27.75 -7.51 54.75
N PHE G 61 -26.96 -6.46 54.97
CA PHE G 61 -25.84 -6.48 55.92
C PHE G 61 -26.25 -5.73 57.19
N TRP G 62 -26.09 -6.38 58.33
CA TRP G 62 -26.26 -5.73 59.63
C TRP G 62 -25.65 -6.64 60.68
N ALA G 63 -25.50 -6.09 61.90
CA ALA G 63 -25.09 -6.93 63.01
C ALA G 63 -26.19 -7.94 63.31
N HIS G 64 -25.78 -9.13 63.76
CA HIS G 64 -26.70 -10.24 63.89
C HIS G 64 -27.89 -9.96 64.79
N ASP G 65 -27.84 -8.95 65.64
CA ASP G 65 -28.90 -8.81 66.64
C ASP G 65 -30.27 -8.58 66.01
N ARG G 66 -30.33 -7.92 64.85
CA ARG G 66 -31.64 -7.63 64.28
C ARG G 66 -32.13 -8.71 63.31
N PHE G 67 -31.37 -9.78 63.10
CA PHE G 67 -31.78 -10.80 62.15
C PHE G 67 -32.74 -11.81 62.76
N GLY G 68 -32.84 -11.86 64.09
CA GLY G 68 -33.82 -12.76 64.70
C GLY G 68 -35.24 -12.28 64.47
N GLY G 69 -35.48 -10.97 64.63
CA GLY G 69 -36.78 -10.41 64.31
C GLY G 69 -37.11 -10.49 62.83
N TYR G 70 -36.10 -10.37 61.98
CA TYR G 70 -36.29 -10.58 60.56
C TYR G 70 -36.70 -12.02 60.27
N ALA G 71 -36.00 -12.97 60.87
CA ALA G 71 -36.33 -14.38 60.66
C ALA G 71 -37.68 -14.73 61.26
N GLN G 72 -37.97 -14.25 62.47
CA GLN G 72 -39.28 -14.51 63.06
C GLN G 72 -40.38 -13.91 62.20
N SER G 73 -40.17 -12.69 61.69
CA SER G 73 -41.12 -12.17 60.73
C SER G 73 -41.07 -12.93 59.40
N GLY G 74 -40.17 -13.90 59.27
CA GLY G 74 -40.07 -14.69 58.05
C GLY G 74 -39.58 -13.95 56.80
N LEU G 75 -38.70 -12.96 56.95
CA LEU G 75 -38.22 -12.19 55.81
C LEU G 75 -36.85 -12.64 55.30
N LEU G 76 -36.23 -13.64 55.92
CA LEU G 76 -34.91 -14.10 55.51
C LEU G 76 -34.97 -15.56 55.11
N ALA G 77 -34.20 -15.91 54.09
CA ALA G 77 -34.13 -17.28 53.63
C ALA G 77 -33.10 -18.06 54.43
N GLU G 78 -33.31 -19.36 54.55
CA GLU G 78 -32.32 -20.23 55.15
C GLU G 78 -31.17 -20.42 54.18
N ILE G 79 -29.97 -20.06 54.62
CA ILE G 79 -28.79 -20.30 53.81
C ILE G 79 -28.42 -21.78 53.84
N THR G 80 -27.66 -22.21 52.83
CA THR G 80 -27.40 -23.64 52.62
C THR G 80 -25.92 -23.95 52.38
N PRO G 81 -25.02 -23.52 53.25
CA PRO G 81 -23.61 -23.87 53.06
C PRO G 81 -23.36 -25.31 53.48
N ASP G 82 -22.59 -26.02 52.67
CA ASP G 82 -22.24 -27.39 53.01
C ASP G 82 -21.27 -27.41 54.18
N LYS G 83 -21.01 -28.62 54.68
CA LYS G 83 -20.20 -28.77 55.88
C LYS G 83 -18.78 -28.27 55.64
N ALA G 84 -18.28 -28.40 54.41
CA ALA G 84 -16.95 -27.91 54.07
C ALA G 84 -16.87 -26.39 54.14
N PHE G 85 -17.94 -25.69 53.74
CA PHE G 85 -17.88 -24.24 53.84
C PHE G 85 -18.01 -23.78 55.28
N GLN G 86 -18.85 -24.44 56.08
CA GLN G 86 -19.03 -24.01 57.45
C GLN G 86 -17.72 -24.08 58.24
N ASP G 87 -16.88 -25.06 57.92
CA ASP G 87 -15.63 -25.25 58.66
C ASP G 87 -14.63 -24.14 58.41
N LYS G 88 -14.82 -23.33 57.36
CA LYS G 88 -13.91 -22.22 57.14
C LYS G 88 -14.25 -21.02 58.01
N LEU G 89 -15.34 -21.07 58.76
CA LEU G 89 -15.76 -19.95 59.58
C LEU G 89 -15.78 -20.36 61.07
N TYR G 90 -15.54 -19.39 61.94
CA TYR G 90 -15.42 -19.72 63.34
C TYR G 90 -16.76 -20.24 63.84
N PRO G 91 -16.78 -21.35 64.59
CA PRO G 91 -18.07 -21.93 64.98
C PRO G 91 -18.95 -21.00 65.79
N PHE G 92 -18.37 -20.14 66.65
CA PHE G 92 -19.20 -19.24 67.45
C PHE G 92 -19.87 -18.18 66.59
N THR G 93 -19.29 -17.85 65.43
CA THR G 93 -19.94 -16.90 64.53
C THR G 93 -21.16 -17.52 63.84
N TRP G 94 -21.12 -18.82 63.54
CA TRP G 94 -22.35 -19.49 63.07
C TRP G 94 -23.43 -19.44 64.13
N ASP G 95 -23.03 -19.61 65.41
CA ASP G 95 -23.98 -19.59 66.52
C ASP G 95 -24.76 -18.29 66.55
N ALA G 96 -24.09 -17.17 66.25
CA ALA G 96 -24.75 -15.87 66.33
C ALA G 96 -25.84 -15.67 65.29
N VAL G 97 -25.78 -16.41 64.18
CA VAL G 97 -26.78 -16.29 63.11
C VAL G 97 -27.69 -17.50 63.06
N ARG G 98 -27.75 -18.29 64.13
CA ARG G 98 -28.70 -19.40 64.21
C ARG G 98 -29.97 -18.94 64.91
N TYR G 99 -31.13 -19.29 64.33
CA TYR G 99 -32.43 -18.93 64.88
C TYR G 99 -33.41 -20.07 64.62
N ASN G 100 -33.98 -20.63 65.70
CA ASN G 100 -34.86 -21.81 65.61
C ASN G 100 -34.17 -22.95 64.88
N GLY G 101 -32.89 -23.19 65.22
CA GLY G 101 -32.13 -24.25 64.59
C GLY G 101 -31.73 -23.99 63.16
N LYS G 102 -32.07 -22.81 62.62
CA LYS G 102 -31.87 -22.46 61.24
C LYS G 102 -30.82 -21.36 61.08
N LEU G 103 -29.80 -21.62 60.24
CA LEU G 103 -28.88 -20.57 59.85
C LEU G 103 -29.62 -19.61 58.92
N ILE G 104 -29.58 -18.33 59.24
CA ILE G 104 -30.37 -17.29 58.59
C ILE G 104 -29.48 -16.17 58.03
N ALA G 105 -28.17 -16.38 57.93
CA ALA G 105 -27.26 -15.31 57.54
C ALA G 105 -25.84 -15.83 57.40
N TYR G 106 -25.02 -15.11 56.63
CA TYR G 106 -23.59 -15.36 56.57
C TYR G 106 -22.84 -14.44 57.52
N PRO G 107 -22.10 -14.96 58.50
CA PRO G 107 -21.31 -14.09 59.39
C PRO G 107 -20.04 -13.60 58.72
N ILE G 108 -19.73 -12.32 58.90
CA ILE G 108 -18.61 -11.68 58.22
C ILE G 108 -17.49 -11.29 59.21
N ALA G 109 -17.80 -10.47 60.20
CA ALA G 109 -16.79 -9.93 61.09
C ALA G 109 -17.37 -9.76 62.48
N VAL G 110 -16.51 -9.87 63.49
CA VAL G 110 -16.92 -9.75 64.90
C VAL G 110 -16.50 -8.39 65.41
N GLU G 111 -17.49 -7.59 65.83
CA GLU G 111 -17.28 -6.18 66.14
C GLU G 111 -17.49 -5.93 67.63
N ALA G 112 -16.51 -5.25 68.24
CA ALA G 112 -16.63 -4.71 69.58
C ALA G 112 -16.00 -3.33 69.62
N LEU G 113 -16.63 -2.41 70.36
CA LEU G 113 -16.07 -1.09 70.54
C LEU G 113 -14.76 -1.17 71.33
N SER G 114 -13.89 -0.19 71.10
CA SER G 114 -12.64 -0.05 71.81
C SER G 114 -12.46 1.41 72.18
N LEU G 115 -11.48 1.67 73.06
CA LEU G 115 -11.10 3.04 73.40
C LEU G 115 -9.98 3.44 72.47
N ILE G 116 -10.18 4.54 71.74
CA ILE G 116 -9.18 5.05 70.82
C ILE G 116 -8.60 6.31 71.44
N TYR G 117 -7.28 6.43 71.45
CA TYR G 117 -6.69 7.62 72.07
C TYR G 117 -5.60 8.19 71.20
N ASN G 118 -5.47 9.52 71.27
CA ASN G 118 -4.43 10.27 70.59
C ASN G 118 -3.18 10.27 71.44
N LYS G 119 -2.12 9.59 70.98
CA LYS G 119 -0.89 9.50 71.77
C LYS G 119 -0.11 10.79 71.79
N ASP G 120 -0.36 11.71 70.85
CA ASP G 120 0.24 13.03 70.95
C ASP G 120 -0.29 13.77 72.19
N LEU G 121 -1.61 13.75 72.38
CA LEU G 121 -2.23 14.44 73.50
C LEU G 121 -2.18 13.63 74.79
N LEU G 122 -2.05 12.32 74.70
CA LEU G 122 -2.26 11.48 75.87
C LEU G 122 -1.52 10.16 75.73
N PRO G 123 -0.24 10.11 76.08
CA PRO G 123 0.54 8.89 75.90
C PRO G 123 0.09 7.73 76.79
N ASN G 124 -0.58 8.00 77.90
CA ASN G 124 -1.04 6.94 78.80
C ASN G 124 -2.55 6.99 78.91
N PRO G 125 -3.28 6.12 78.24
CA PRO G 125 -4.74 6.18 78.33
C PRO G 125 -5.21 5.83 79.73
N PRO G 126 -6.31 6.43 80.19
CA PRO G 126 -6.79 6.14 81.55
C PRO G 126 -7.43 4.77 81.66
N LYS G 127 -7.18 4.10 82.79
CA LYS G 127 -7.80 2.80 83.00
C LYS G 127 -9.16 2.84 83.65
N THR G 128 -9.63 4.00 84.09
CA THR G 128 -10.95 4.05 84.71
C THR G 128 -11.75 5.19 84.11
N TRP G 129 -13.07 5.00 84.11
CA TRP G 129 -13.95 6.08 83.73
C TRP G 129 -13.82 7.24 84.72
N GLU G 130 -13.61 6.92 86.00
CA GLU G 130 -13.62 7.95 87.02
C GLU G 130 -12.47 8.94 86.87
N GLU G 131 -11.36 8.55 86.23
CA GLU G 131 -10.26 9.51 86.11
C GLU G 131 -10.41 10.43 84.91
N ILE G 132 -11.52 10.36 84.18
CA ILE G 132 -11.69 11.15 82.97
C ILE G 132 -12.08 12.59 83.29
N PRO G 133 -12.95 12.87 84.27
CA PRO G 133 -13.17 14.28 84.64
C PRO G 133 -11.88 15.07 84.86
N ALA G 134 -10.96 14.54 85.67
CA ALA G 134 -9.69 15.24 85.90
C ALA G 134 -8.91 15.42 84.59
N LEU G 135 -8.84 14.37 83.76
CA LEU G 135 -8.12 14.49 82.50
C LEU G 135 -8.69 15.64 81.66
N ASP G 136 -10.00 15.81 81.66
CA ASP G 136 -10.61 16.86 80.86
C ASP G 136 -10.27 18.22 81.44
N LYS G 137 -10.21 18.33 82.76
CA LYS G 137 -9.81 19.58 83.36
C LYS G 137 -8.42 19.96 82.89
N GLU G 138 -7.51 19.00 82.87
CA GLU G 138 -6.17 19.24 82.35
C GLU G 138 -6.21 19.65 80.88
N LEU G 139 -6.89 18.87 80.02
CA LEU G 139 -6.85 19.12 78.57
C LEU G 139 -7.54 20.42 78.17
N LYS G 140 -8.62 20.81 78.89
CA LYS G 140 -9.31 22.06 78.60
C LYS G 140 -8.40 23.26 78.83
N ALA G 141 -7.44 23.15 79.76
CA ALA G 141 -6.46 24.22 79.92
C ALA G 141 -5.51 24.34 78.73
N LYS G 142 -5.58 23.41 77.77
CA LYS G 142 -4.75 23.43 76.57
C LYS G 142 -5.58 23.64 75.31
N GLY G 143 -6.85 24.00 75.46
CA GLY G 143 -7.73 24.13 74.32
C GLY G 143 -8.21 22.83 73.74
N LYS G 144 -8.05 21.72 74.47
CA LYS G 144 -8.45 20.39 74.02
C LYS G 144 -9.50 19.83 74.97
N SER G 145 -9.93 18.59 74.71
CA SER G 145 -10.89 17.90 75.55
C SER G 145 -10.52 16.42 75.68
N ALA G 146 -11.09 15.77 76.69
CA ALA G 146 -10.67 14.41 77.02
C ALA G 146 -11.37 13.38 76.15
N LEU G 147 -12.69 13.48 76.00
CA LEU G 147 -13.42 12.38 75.39
C LEU G 147 -14.60 12.91 74.58
N MET G 148 -14.76 12.40 73.36
CA MET G 148 -15.87 12.75 72.47
C MET G 148 -16.28 11.47 71.76
N PHE G 149 -17.49 10.98 72.04
CA PHE G 149 -18.02 9.82 71.34
C PHE G 149 -19.52 10.00 71.12
N ASN G 150 -20.09 9.10 70.31
CA ASN G 150 -21.46 9.22 69.84
C ASN G 150 -22.45 8.89 70.94
N LEU G 151 -23.13 9.90 71.45
CA LEU G 151 -24.06 9.71 72.55
C LEU G 151 -25.49 9.50 72.09
N GLN G 152 -25.76 9.60 70.78
CA GLN G 152 -27.12 9.43 70.28
C GLN G 152 -27.50 7.99 70.01
N GLU G 153 -26.52 7.07 69.97
CA GLU G 153 -26.81 5.66 69.73
C GLU G 153 -26.46 4.85 70.96
N PRO G 154 -27.42 4.12 71.53
CA PRO G 154 -27.16 3.39 72.79
C PRO G 154 -26.03 2.39 72.70
N TYR G 155 -25.68 1.95 71.49
CA TYR G 155 -24.55 1.04 71.28
C TYR G 155 -23.27 1.54 71.96
N PHE G 156 -23.07 2.86 71.96
CA PHE G 156 -21.81 3.46 72.39
C PHE G 156 -21.77 3.72 73.88
N THR G 157 -22.91 3.98 74.52
CA THR G 157 -22.94 4.17 75.97
C THR G 157 -23.32 2.90 76.72
N TRP G 158 -23.80 1.87 76.01
CA TRP G 158 -24.10 0.60 76.66
C TRP G 158 -22.92 0.01 77.42
N PRO G 159 -21.70 -0.02 76.88
CA PRO G 159 -20.60 -0.62 77.66
C PRO G 159 -20.51 -0.05 79.06
N LEU G 160 -20.75 1.26 79.22
CA LEU G 160 -20.68 1.91 80.53
C LEU G 160 -21.89 1.56 81.39
N ILE G 161 -23.08 1.55 80.78
CA ILE G 161 -24.33 1.25 81.47
C ILE G 161 -24.31 -0.16 82.05
N ALA G 162 -23.66 -1.09 81.36
CA ALA G 162 -23.63 -2.50 81.75
C ALA G 162 -22.49 -2.84 82.69
N ALA G 163 -21.48 -1.95 82.78
CA ALA G 163 -20.27 -2.24 83.53
C ALA G 163 -20.59 -2.59 84.97
N ASP G 164 -21.43 -1.78 85.60
CA ASP G 164 -21.79 -1.96 86.98
C ASP G 164 -22.96 -2.92 87.17
N GLY G 165 -23.39 -3.61 86.13
CA GLY G 165 -24.43 -4.61 86.29
C GLY G 165 -25.70 -4.38 85.50
N GLY G 166 -25.83 -3.32 84.69
CA GLY G 166 -26.93 -3.27 83.75
C GLY G 166 -26.81 -4.37 82.71
N TYR G 167 -27.95 -4.90 82.28
CA TYR G 167 -27.97 -5.94 81.26
C TYR G 167 -29.27 -5.84 80.48
N ALA G 168 -29.29 -6.53 79.33
CA ALA G 168 -30.45 -6.53 78.43
C ALA G 168 -31.53 -7.51 78.87
N PHE G 169 -31.33 -8.79 78.58
CA PHE G 169 -32.25 -9.85 78.95
C PHE G 169 -31.47 -10.92 79.70
N LYS G 170 -31.98 -11.34 80.87
CA LYS G 170 -31.25 -12.35 81.64
C LYS G 170 -31.15 -13.65 80.87
N TYR G 171 -29.92 -14.11 80.70
CA TYR G 171 -29.55 -15.34 80.01
C TYR G 171 -29.14 -16.41 81.01
N GLU G 172 -29.96 -17.42 81.22
CA GLU G 172 -29.52 -18.55 82.01
C GLU G 172 -30.03 -19.87 81.44
N ASN G 173 -29.14 -20.86 81.47
CA ASN G 173 -29.36 -22.19 80.89
C ASN G 173 -29.62 -22.10 79.39
N GLY G 174 -28.85 -21.24 78.72
CA GLY G 174 -28.94 -21.19 77.28
C GLY G 174 -30.24 -20.63 76.75
N LYS G 175 -30.99 -19.87 77.53
CA LYS G 175 -32.21 -19.26 77.04
C LYS G 175 -32.34 -17.85 77.62
N TYR G 176 -33.07 -16.98 76.90
CA TYR G 176 -33.24 -15.58 77.26
C TYR G 176 -34.62 -15.31 77.86
N ASP G 177 -34.66 -15.00 79.14
CA ASP G 177 -35.91 -14.69 79.82
C ASP G 177 -36.29 -13.25 79.48
N ILE G 178 -37.40 -13.06 78.75
CA ILE G 178 -37.77 -11.74 78.23
C ILE G 178 -38.61 -10.92 79.20
N LYS G 179 -38.99 -11.50 80.33
CA LYS G 179 -39.61 -10.76 81.43
C LYS G 179 -38.60 -10.32 82.48
N ASP G 180 -37.32 -10.65 82.31
CA ASP G 180 -36.28 -10.30 83.26
C ASP G 180 -35.31 -9.38 82.52
N VAL G 181 -35.54 -8.07 82.63
CA VAL G 181 -34.77 -7.03 81.96
C VAL G 181 -33.99 -6.23 83.00
N GLY G 182 -32.72 -5.96 82.71
CA GLY G 182 -31.90 -5.20 83.64
C GLY G 182 -31.49 -3.80 83.23
N VAL G 183 -32.40 -2.98 82.67
CA VAL G 183 -32.04 -1.62 82.33
C VAL G 183 -32.34 -0.63 83.45
N ASP G 184 -32.87 -1.08 84.58
CA ASP G 184 -33.22 -0.16 85.65
C ASP G 184 -32.76 -0.71 87.02
N ASN G 185 -31.68 -1.49 87.05
CA ASN G 185 -31.12 -1.90 88.32
C ASN G 185 -30.08 -0.85 88.77
N ALA G 186 -29.39 -1.11 89.87
CA ALA G 186 -28.43 -0.13 90.37
C ALA G 186 -27.26 0.03 89.42
N GLY G 187 -26.88 -1.04 88.71
CA GLY G 187 -25.78 -0.95 87.77
C GLY G 187 -26.08 0.01 86.64
N ALA G 188 -27.28 -0.11 86.05
CA ALA G 188 -27.64 0.75 84.92
C ALA G 188 -27.77 2.20 85.36
N LYS G 189 -28.41 2.45 86.50
CA LYS G 189 -28.57 3.82 86.98
C LYS G 189 -27.22 4.44 87.27
N ALA G 190 -26.35 3.70 87.98
CA ALA G 190 -25.02 4.22 88.30
C ALA G 190 -24.24 4.55 87.03
N GLY G 191 -24.26 3.65 86.05
CA GLY G 191 -23.49 3.85 84.83
C GLY G 191 -23.99 5.05 84.03
N LEU G 192 -25.30 5.14 83.88
CA LEU G 192 -25.85 6.27 83.13
C LEU G 192 -25.69 7.57 83.92
N THR G 193 -25.74 7.51 85.25
CA THR G 193 -25.53 8.70 86.07
C THR G 193 -24.14 9.30 85.86
N PHE G 194 -23.12 8.44 85.78
CA PHE G 194 -21.79 8.94 85.47
C PHE G 194 -21.79 9.71 84.15
N LEU G 195 -22.48 9.17 83.14
CA LEU G 195 -22.51 9.83 81.83
C LEU G 195 -23.20 11.18 81.92
N VAL G 196 -24.38 11.23 82.56
CA VAL G 196 -25.05 12.50 82.78
C VAL G 196 -24.16 13.47 83.55
N ASP G 197 -23.44 12.97 84.57
CA ASP G 197 -22.58 13.85 85.33
C ASP G 197 -21.44 14.43 84.47
N LEU G 198 -20.91 13.65 83.51
CA LEU G 198 -19.85 14.15 82.63
C LEU G 198 -20.34 15.27 81.75
N ILE G 199 -21.55 15.13 81.22
CA ILE G 199 -22.13 16.22 80.46
C ILE G 199 -22.32 17.41 81.39
N LYS G 200 -22.85 17.13 82.57
CA LYS G 200 -23.33 18.20 83.43
C LYS G 200 -22.14 19.04 83.92
N ASN G 201 -21.01 18.37 84.17
CA ASN G 201 -19.73 19.00 84.51
C ASN G 201 -18.96 19.50 83.30
N LYS G 202 -19.60 19.53 82.13
CA LYS G 202 -19.05 20.15 80.94
C LYS G 202 -17.87 19.38 80.36
N HIS G 203 -17.78 18.08 80.65
CA HIS G 203 -16.68 17.30 80.09
C HIS G 203 -16.97 16.81 78.66
N MET G 204 -18.22 16.47 78.35
CA MET G 204 -18.69 16.30 76.98
C MET G 204 -20.04 16.99 76.91
N ASN G 205 -20.56 17.26 75.72
CA ASN G 205 -21.86 17.91 75.76
C ASN G 205 -22.86 16.94 75.10
N ALA G 206 -24.12 16.97 75.55
CA ALA G 206 -25.07 15.90 75.22
C ALA G 206 -25.43 15.79 73.74
N ASP G 207 -25.17 16.81 72.91
CA ASP G 207 -25.50 16.76 71.49
C ASP G 207 -24.57 15.86 70.68
N THR G 208 -23.43 15.44 71.24
CA THR G 208 -22.36 14.86 70.46
C THR G 208 -22.81 13.57 69.79
N ASP G 209 -22.70 13.51 68.46
CA ASP G 209 -23.09 12.33 67.67
C ASP G 209 -21.88 11.76 66.92
N TYR G 210 -22.16 10.86 65.97
CA TYR G 210 -21.05 10.16 65.31
C TYR G 210 -20.19 11.13 64.50
N SER G 211 -20.83 12.01 63.74
CA SER G 211 -20.07 12.93 62.89
C SER G 211 -19.23 13.88 63.73
N ILE G 212 -19.84 14.45 64.77
CA ILE G 212 -19.13 15.39 65.64
C ILE G 212 -17.90 14.72 66.27
N ALA G 213 -18.09 13.52 66.83
CA ALA G 213 -17.00 12.86 67.55
C ALA G 213 -15.87 12.46 66.63
N GLU G 214 -16.19 11.92 65.45
CA GLU G 214 -15.14 11.50 64.53
C GLU G 214 -14.28 12.68 64.09
N ALA G 215 -14.90 13.83 63.82
CA ALA G 215 -14.13 15.00 63.41
C ALA G 215 -13.25 15.52 64.53
N ALA G 216 -13.78 15.58 65.75
CA ALA G 216 -13.00 16.06 66.89
C ALA G 216 -11.75 15.21 67.08
N PHE G 217 -11.90 13.88 67.02
CA PHE G 217 -10.74 13.04 67.21
C PHE G 217 -9.77 13.15 66.04
N ASN G 218 -10.28 13.18 64.82
CA ASN G 218 -9.38 13.11 63.67
C ASN G 218 -8.67 14.43 63.38
N LYS G 219 -9.17 15.56 63.90
CA LYS G 219 -8.47 16.83 63.83
C LYS G 219 -7.66 17.17 65.09
N GLY G 220 -7.43 16.19 65.97
CA GLY G 220 -6.56 16.41 67.10
C GLY G 220 -7.10 17.36 68.15
N GLU G 221 -8.43 17.47 68.27
CA GLU G 221 -9.04 18.35 69.26
C GLU G 221 -9.42 17.62 70.54
N THR G 222 -9.74 16.33 70.47
CA THR G 222 -10.09 15.52 71.63
C THR G 222 -9.08 14.39 71.79
N ALA G 223 -8.82 13.99 73.04
CA ALA G 223 -7.77 13.00 73.28
C ALA G 223 -8.23 11.57 73.12
N MET G 224 -9.53 11.29 73.26
CA MET G 224 -10.02 9.93 73.23
C MET G 224 -11.36 9.89 72.54
N THR G 225 -11.66 8.74 71.94
CA THR G 225 -12.98 8.49 71.42
C THR G 225 -13.31 7.02 71.64
N ILE G 226 -14.57 6.66 71.38
CA ILE G 226 -15.02 5.29 71.50
C ILE G 226 -15.55 4.86 70.13
N ASN G 227 -14.96 3.83 69.54
CA ASN G 227 -15.46 3.47 68.23
C ASN G 227 -14.97 2.10 67.80
N GLY G 228 -15.63 1.57 66.78
CA GLY G 228 -15.30 0.28 66.24
C GLY G 228 -14.23 0.35 65.16
N PRO G 229 -13.79 -0.82 64.69
CA PRO G 229 -12.68 -0.85 63.72
C PRO G 229 -12.99 -0.21 62.37
N TRP G 230 -14.26 -0.02 62.00
CA TRP G 230 -14.57 0.71 60.79
C TRP G 230 -14.03 2.13 60.84
N ALA G 231 -13.78 2.65 62.03
CA ALA G 231 -13.33 4.03 62.17
C ALA G 231 -11.82 4.18 62.00
N TRP G 232 -11.06 3.07 61.97
CA TRP G 232 -9.60 3.19 61.96
C TRP G 232 -9.11 3.77 60.65
N SER G 233 -9.90 3.62 59.59
CA SER G 233 -9.47 4.01 58.24
C SER G 233 -9.28 5.52 58.14
N ASN G 234 -10.24 6.29 58.65
CA ASN G 234 -10.13 7.75 58.61
C ASN G 234 -9.08 8.28 59.59
N ILE G 235 -8.80 7.56 60.67
CA ILE G 235 -7.73 7.98 61.56
C ILE G 235 -6.37 7.77 60.90
N ASP G 236 -6.21 6.66 60.19
CA ASP G 236 -4.95 6.37 59.51
C ASP G 236 -4.60 7.45 58.49
N THR G 237 -5.57 7.89 57.69
CA THR G 237 -5.28 8.93 56.71
C THR G 237 -5.04 10.29 57.36
N SER G 238 -5.38 10.45 58.63
CA SER G 238 -5.46 11.79 59.20
C SER G 238 -4.49 12.05 60.33
N LYS G 239 -3.20 11.75 60.13
CA LYS G 239 -2.14 12.32 60.97
C LYS G 239 -2.05 11.89 62.44
N VAL G 240 -3.12 11.39 63.05
CA VAL G 240 -3.10 11.16 64.48
C VAL G 240 -2.34 9.88 64.81
N ASN G 241 -1.31 10.01 65.64
CA ASN G 241 -0.68 8.83 66.21
C ASN G 241 -1.62 8.29 67.28
N TYR G 242 -2.29 7.17 67.00
CA TYR G 242 -3.36 6.72 67.86
C TYR G 242 -3.12 5.28 68.33
N GLY G 243 -3.78 4.96 69.45
CA GLY G 243 -3.80 3.61 69.98
C GLY G 243 -5.22 3.12 70.10
N VAL G 244 -5.38 1.80 70.20
CA VAL G 244 -6.67 1.16 70.36
C VAL G 244 -6.50 0.22 71.54
N THR G 245 -7.28 0.42 72.60
CA THR G 245 -7.01 -0.24 73.87
C THR G 245 -8.32 -0.62 74.57
N VAL G 246 -8.18 -1.19 75.77
CA VAL G 246 -9.32 -1.67 76.56
C VAL G 246 -10.18 -0.50 76.97
N LEU G 247 -11.48 -0.72 77.02
CA LEU G 247 -12.34 0.34 77.50
C LEU G 247 -12.10 0.52 78.99
N PRO G 248 -12.14 1.76 79.49
CA PRO G 248 -11.85 1.99 80.91
C PRO G 248 -12.88 1.32 81.79
N THR G 249 -12.44 0.90 82.97
CA THR G 249 -13.33 0.30 83.97
C THR G 249 -14.25 1.36 84.59
N PHE G 250 -15.34 0.88 85.18
CA PHE G 250 -16.25 1.70 85.98
C PHE G 250 -16.49 0.97 87.29
N LYS G 251 -16.20 1.68 88.41
CA LYS G 251 -16.35 1.12 89.75
C LYS G 251 -15.55 -0.19 89.85
N GLY G 252 -14.35 -0.17 89.25
CA GLY G 252 -13.49 -1.33 89.15
C GLY G 252 -13.91 -2.36 88.11
N GLN G 253 -15.13 -2.21 87.51
CA GLN G 253 -15.51 -3.34 86.69
C GLN G 253 -15.30 -3.05 85.19
N PRO G 254 -14.94 -4.04 84.39
CA PRO G 254 -14.74 -3.79 82.96
C PRO G 254 -15.98 -3.25 82.27
N SER G 255 -15.76 -2.33 81.34
CA SER G 255 -16.81 -1.97 80.40
C SER G 255 -17.22 -3.19 79.59
N LYS G 256 -18.52 -3.30 79.33
CA LYS G 256 -19.14 -4.49 78.73
C LYS G 256 -19.82 -4.11 77.41
N PRO G 257 -19.07 -4.01 76.32
CA PRO G 257 -19.70 -3.68 75.04
C PRO G 257 -20.55 -4.82 74.52
N PHE G 258 -21.69 -4.48 73.92
CA PHE G 258 -22.42 -5.46 73.12
C PHE G 258 -21.62 -5.81 71.86
N VAL G 259 -21.36 -7.11 71.68
CA VAL G 259 -20.58 -7.59 70.56
C VAL G 259 -21.51 -7.99 69.42
N GLY G 260 -21.31 -7.40 68.26
CA GLY G 260 -22.11 -7.67 67.08
C GLY G 260 -21.27 -8.39 66.03
N VAL G 261 -21.86 -9.41 65.42
CA VAL G 261 -21.23 -10.07 64.28
C VAL G 261 -21.94 -9.57 63.02
N LEU G 262 -21.23 -8.75 62.24
CA LEU G 262 -21.75 -8.27 60.95
C LEU G 262 -22.07 -9.45 60.06
N SER G 263 -23.30 -9.46 59.53
CA SER G 263 -23.79 -10.63 58.83
C SER G 263 -24.55 -10.24 57.57
N ALA G 264 -24.57 -11.16 56.62
CA ALA G 264 -25.23 -10.99 55.33
C ALA G 264 -26.45 -11.90 55.27
N GLY G 265 -27.64 -11.30 55.21
CA GLY G 265 -28.87 -12.04 55.07
C GLY G 265 -29.39 -12.03 53.64
N ILE G 266 -30.14 -13.06 53.29
CA ILE G 266 -30.74 -13.20 51.96
C ILE G 266 -32.24 -13.00 52.09
N ASN G 267 -32.76 -12.09 51.28
CA ASN G 267 -34.19 -11.77 51.29
C ASN G 267 -35.01 -13.00 50.94
N ALA G 268 -36.02 -13.29 51.76
CA ALA G 268 -36.85 -14.46 51.51
C ALA G 268 -37.64 -14.31 50.21
N ALA G 269 -37.99 -13.08 49.86
CA ALA G 269 -38.69 -12.76 48.63
C ALA G 269 -37.71 -12.53 47.45
N SER G 270 -36.46 -12.92 47.60
CA SER G 270 -35.59 -12.66 46.45
C SER G 270 -35.70 -13.79 45.44
N PRO G 271 -35.76 -13.46 44.14
CA PRO G 271 -35.66 -14.49 43.10
C PRO G 271 -34.24 -14.92 42.78
N ASN G 272 -33.24 -14.28 43.39
CA ASN G 272 -31.84 -14.49 43.08
C ASN G 272 -31.08 -15.20 44.19
N LYS G 273 -31.81 -15.99 45.00
CA LYS G 273 -31.21 -16.63 46.17
C LYS G 273 -29.95 -17.42 45.80
N GLU G 274 -29.95 -18.07 44.63
CA GLU G 274 -28.80 -18.89 44.24
C GLU G 274 -27.63 -18.03 43.79
N LEU G 275 -27.90 -16.85 43.27
CA LEU G 275 -26.83 -15.91 42.91
C LEU G 275 -26.24 -15.24 44.14
N ALA G 276 -27.10 -14.81 45.08
CA ALA G 276 -26.61 -14.21 46.32
C ALA G 276 -25.75 -15.19 47.11
N LYS G 277 -26.11 -16.49 47.08
CA LYS G 277 -25.25 -17.47 47.72
C LYS G 277 -23.87 -17.47 47.09
N GLU G 278 -23.83 -17.43 45.75
CA GLU G 278 -22.58 -17.49 45.01
C GLU G 278 -21.71 -16.27 45.27
N PHE G 279 -22.34 -15.10 45.37
CA PHE G 279 -21.60 -13.89 45.71
C PHE G 279 -21.00 -14.01 47.10
N LEU G 280 -21.85 -14.32 48.10
CA LEU G 280 -21.39 -14.31 49.49
C LEU G 280 -20.38 -15.42 49.74
N GLU G 281 -20.61 -16.62 49.19
CA GLU G 281 -19.73 -17.75 49.51
C GLU G 281 -18.41 -17.71 48.76
N ASN G 282 -18.45 -17.44 47.44
CA ASN G 282 -17.28 -17.58 46.58
C ASN G 282 -16.58 -16.27 46.24
N TYR G 283 -17.18 -15.14 46.59
CA TYR G 283 -16.52 -13.86 46.34
C TYR G 283 -16.30 -13.06 47.62
N LEU G 284 -17.33 -12.84 48.42
CA LEU G 284 -17.15 -12.02 49.61
C LEU G 284 -16.36 -12.77 50.69
N LEU G 285 -16.86 -13.94 51.10
CA LEU G 285 -16.21 -14.68 52.17
C LEU G 285 -15.02 -15.46 51.63
N THR G 286 -14.13 -14.75 50.96
CA THR G 286 -12.80 -15.22 50.58
C THR G 286 -11.77 -14.28 51.19
N ASP G 287 -10.51 -14.72 51.22
CA ASP G 287 -9.44 -13.82 51.63
C ASP G 287 -9.53 -12.50 50.86
N GLU G 288 -9.70 -12.59 49.53
CA GLU G 288 -9.65 -11.40 48.67
C GLU G 288 -10.92 -10.55 48.76
N GLY G 289 -12.09 -11.15 48.88
CA GLY G 289 -13.28 -10.35 49.10
C GLY G 289 -13.25 -9.59 50.44
N LEU G 290 -12.86 -10.29 51.51
CA LEU G 290 -12.78 -9.60 52.79
C LEU G 290 -11.69 -8.52 52.80
N GLU G 291 -10.54 -8.77 52.15
CA GLU G 291 -9.52 -7.72 52.08
C GLU G 291 -10.02 -6.50 51.33
N ALA G 292 -10.75 -6.71 50.24
CA ALA G 292 -11.27 -5.58 49.48
C ALA G 292 -12.17 -4.71 50.33
N VAL G 293 -13.06 -5.33 51.09
CA VAL G 293 -13.90 -4.56 52.01
C VAL G 293 -13.05 -4.00 53.14
N ASN G 294 -12.07 -4.77 53.60
CA ASN G 294 -11.25 -4.36 54.73
C ASN G 294 -10.42 -3.12 54.42
N LYS G 295 -9.88 -3.01 53.21
CA LYS G 295 -9.03 -1.85 52.91
C LYS G 295 -9.86 -0.57 52.76
N ASP G 296 -11.15 -0.68 52.45
CA ASP G 296 -11.99 0.52 52.42
C ASP G 296 -12.23 1.02 53.84
N LYS G 297 -12.89 0.20 54.67
CA LYS G 297 -13.09 0.44 56.11
C LYS G 297 -12.85 -0.91 56.79
N PRO G 298 -11.97 -0.96 57.80
CA PRO G 298 -11.58 -2.25 58.38
C PRO G 298 -12.79 -2.98 58.95
N LEU G 299 -12.74 -4.30 58.87
CA LEU G 299 -13.83 -5.14 59.34
C LEU G 299 -13.74 -5.47 60.82
N GLY G 300 -12.56 -5.40 61.41
CA GLY G 300 -12.34 -5.88 62.76
C GLY G 300 -11.83 -7.30 62.79
N ALA G 301 -12.31 -8.08 63.75
CA ALA G 301 -12.01 -9.50 63.78
C ALA G 301 -12.92 -10.18 62.77
N VAL G 302 -12.34 -11.05 61.96
CA VAL G 302 -13.00 -11.61 60.79
C VAL G 302 -13.55 -12.99 61.11
N ALA G 303 -14.72 -13.32 60.52
CA ALA G 303 -15.31 -14.63 60.72
C ALA G 303 -14.63 -15.74 59.94
N LEU G 304 -13.84 -15.40 58.91
CA LEU G 304 -13.19 -16.39 58.07
C LEU G 304 -11.85 -16.74 58.70
N LYS G 305 -11.64 -18.03 59.00
CA LYS G 305 -10.46 -18.42 59.76
C LYS G 305 -9.19 -18.01 59.03
N SER G 306 -9.10 -18.31 57.74
CA SER G 306 -7.88 -18.09 56.99
C SER G 306 -7.46 -16.62 56.99
N TYR G 307 -8.44 -15.72 56.91
CA TYR G 307 -8.10 -14.29 56.88
C TYR G 307 -7.85 -13.77 58.31
N GLU G 308 -8.67 -14.21 59.27
CA GLU G 308 -8.44 -13.83 60.66
C GLU G 308 -7.07 -14.28 61.16
N GLU G 309 -6.51 -15.36 60.60
CA GLU G 309 -5.22 -15.84 61.07
C GLU G 309 -4.08 -14.93 60.64
N GLU G 310 -4.30 -14.08 59.63
CA GLU G 310 -3.33 -13.06 59.32
C GLU G 310 -3.69 -11.72 59.95
N LEU G 311 -4.91 -11.57 60.45
CA LEU G 311 -5.33 -10.33 61.07
C LEU G 311 -5.00 -10.23 62.56
N VAL G 312 -4.75 -11.35 63.26
CA VAL G 312 -4.60 -11.26 64.70
C VAL G 312 -3.20 -10.83 65.10
N LYS G 313 -2.25 -10.79 64.16
CA LYS G 313 -0.97 -10.21 64.51
C LYS G 313 -1.07 -8.70 64.68
N ASP G 314 -2.23 -8.11 64.40
CA ASP G 314 -2.43 -6.67 64.52
C ASP G 314 -2.82 -6.32 65.95
N PRO G 315 -2.06 -5.47 66.64
CA PRO G 315 -2.42 -5.11 68.03
C PRO G 315 -3.83 -4.58 68.17
N ARG G 316 -4.31 -3.79 67.19
CA ARG G 316 -5.62 -3.18 67.34
C ARG G 316 -6.73 -4.23 67.30
N ILE G 317 -6.54 -5.31 66.52
CA ILE G 317 -7.51 -6.40 66.50
C ILE G 317 -7.54 -7.12 67.85
N ALA G 318 -6.37 -7.33 68.44
CA ALA G 318 -6.29 -7.91 69.78
C ALA G 318 -7.08 -7.10 70.80
N ALA G 319 -6.95 -5.77 70.76
CA ALA G 319 -7.75 -4.92 71.64
C ALA G 319 -9.24 -5.09 71.38
N THR G 320 -9.62 -5.15 70.10
CA THR G 320 -11.02 -5.40 69.72
C THR G 320 -11.51 -6.72 70.31
N MET G 321 -10.69 -7.76 70.18
CA MET G 321 -11.09 -9.06 70.70
C MET G 321 -11.17 -9.06 72.22
N GLU G 322 -10.27 -8.34 72.89
CA GLU G 322 -10.30 -8.30 74.36
C GLU G 322 -11.53 -7.56 74.89
N ASN G 323 -11.84 -6.39 74.32
CA ASN G 323 -13.07 -5.72 74.70
C ASN G 323 -14.27 -6.63 74.46
N ALA G 324 -14.22 -7.48 73.41
CA ALA G 324 -15.32 -8.40 73.12
C ALA G 324 -15.47 -9.49 74.20
N GLN G 325 -14.36 -10.00 74.73
CA GLN G 325 -14.34 -11.00 75.80
C GLN G 325 -14.84 -10.43 77.13
N LYS G 326 -14.67 -9.14 77.36
CA LYS G 326 -15.25 -8.49 78.51
C LYS G 326 -16.71 -8.12 78.30
N GLY G 327 -17.21 -8.19 77.06
CA GLY G 327 -18.58 -7.86 76.76
C GLY G 327 -19.43 -9.09 76.53
N GLU G 328 -20.57 -8.88 75.88
CA GLU G 328 -21.54 -9.93 75.68
C GLU G 328 -21.88 -9.99 74.20
N ILE G 329 -22.01 -11.20 73.66
CA ILE G 329 -22.51 -11.30 72.30
C ILE G 329 -23.99 -10.94 72.31
N MET G 330 -24.42 -10.10 71.38
CA MET G 330 -25.80 -9.66 71.42
C MET G 330 -26.74 -10.83 71.16
N PRO G 331 -27.84 -10.92 71.89
CA PRO G 331 -28.90 -11.85 71.52
C PRO G 331 -29.59 -11.40 70.25
N ASN G 332 -30.12 -12.36 69.50
CA ASN G 332 -30.86 -12.04 68.29
C ASN G 332 -32.38 -12.14 68.47
N ILE G 333 -32.85 -12.38 69.69
CA ILE G 333 -34.28 -12.52 69.95
C ILE G 333 -35.04 -11.35 69.36
N PRO G 334 -36.33 -11.53 69.00
CA PRO G 334 -37.04 -10.46 68.27
C PRO G 334 -37.24 -9.21 69.09
N GLN G 335 -37.31 -9.35 70.42
CA GLN G 335 -37.48 -8.22 71.33
C GLN G 335 -36.28 -7.30 71.33
N MET G 336 -35.17 -7.67 70.68
CA MET G 336 -33.99 -6.81 70.67
C MET G 336 -34.24 -5.42 70.12
N SER G 337 -35.17 -5.26 69.18
CA SER G 337 -35.44 -3.95 68.62
C SER G 337 -36.10 -3.04 69.65
N ALA G 338 -37.05 -3.57 70.41
CA ALA G 338 -37.66 -2.80 71.49
C ALA G 338 -36.65 -2.47 72.58
N PHE G 339 -35.82 -3.46 72.98
CA PHE G 339 -34.82 -3.26 74.03
C PHE G 339 -34.00 -2.04 73.75
N TRP G 340 -33.42 -2.06 72.57
CA TRP G 340 -32.46 -1.03 72.20
C TRP G 340 -33.13 0.35 72.01
N TYR G 341 -34.35 0.36 71.52
CA TYR G 341 -34.74 1.70 71.18
C TYR G 341 -35.44 2.36 72.35
N ALA G 342 -35.85 1.56 73.34
CA ALA G 342 -36.23 2.14 74.65
C ALA G 342 -35.00 2.68 75.38
N VAL G 343 -33.87 1.97 75.28
CA VAL G 343 -32.62 2.44 75.89
C VAL G 343 -32.10 3.69 75.18
N ARG G 344 -32.29 3.81 73.86
CA ARG G 344 -31.86 5.02 73.17
C ARG G 344 -32.59 6.24 73.71
N THR G 345 -33.92 6.13 73.80
CA THR G 345 -34.73 7.25 74.22
C THR G 345 -34.44 7.62 75.67
N ALA G 346 -34.10 6.63 76.50
CA ALA G 346 -33.76 6.92 77.89
C ALA G 346 -32.43 7.65 78.01
N VAL G 347 -31.44 7.29 77.19
CA VAL G 347 -30.12 7.93 77.31
C VAL G 347 -30.17 9.36 76.77
N ILE G 348 -30.90 9.59 75.67
CA ILE G 348 -31.04 10.95 75.13
C ILE G 348 -31.81 11.83 76.12
N ASN G 349 -32.81 11.26 76.76
CA ASN G 349 -33.63 12.05 77.68
C ASN G 349 -32.86 12.37 78.96
N ALA G 350 -32.16 11.38 79.53
CA ALA G 350 -31.32 11.67 80.69
C ALA G 350 -30.21 12.65 80.33
N ALA G 351 -29.57 12.46 79.18
CA ALA G 351 -28.46 13.33 78.79
C ALA G 351 -28.92 14.77 78.60
N SER G 352 -30.06 14.96 77.95
CA SER G 352 -30.53 16.29 77.62
C SER G 352 -31.11 17.02 78.83
N GLY G 353 -31.41 16.28 79.90
CA GLY G 353 -32.02 16.86 81.08
C GLY G 353 -33.52 16.75 81.10
N ARG G 354 -34.14 16.38 79.97
CA ARG G 354 -35.55 16.05 80.00
C ARG G 354 -35.85 15.01 81.03
N GLN G 355 -34.89 14.14 81.32
CA GLN G 355 -35.19 13.05 82.26
C GLN G 355 -34.04 12.85 83.23
N THR G 356 -34.41 12.51 84.46
CA THR G 356 -33.43 12.01 85.40
C THR G 356 -33.11 10.60 84.95
N VAL G 357 -31.95 10.08 85.39
CA VAL G 357 -31.67 8.72 84.96
C VAL G 357 -32.69 7.79 85.56
N ASP G 358 -33.23 8.14 86.73
CA ASP G 358 -34.17 7.26 87.41
C ASP G 358 -35.54 7.25 86.74
N GLU G 359 -35.99 8.36 86.12
CA GLU G 359 -37.26 8.24 85.38
C GLU G 359 -37.00 7.56 84.04
N ALA G 360 -35.94 7.98 83.35
CA ALA G 360 -35.66 7.48 82.01
C ALA G 360 -35.47 5.98 82.00
N LEU G 361 -34.77 5.44 83.00
CA LEU G 361 -34.50 4.01 82.96
C LEU G 361 -35.67 3.19 83.45
N LYS G 362 -36.60 3.77 84.23
CA LYS G 362 -37.80 3.03 84.53
C LYS G 362 -38.80 3.15 83.39
N ASP G 363 -38.82 4.30 82.70
CA ASP G 363 -39.62 4.37 81.50
C ASP G 363 -39.11 3.36 80.48
N ALA G 364 -37.80 3.27 80.30
CA ALA G 364 -37.26 2.27 79.39
C ALA G 364 -37.52 0.84 79.87
N GLN G 365 -37.58 0.62 81.19
CA GLN G 365 -37.70 -0.77 81.63
C GLN G 365 -39.14 -1.29 81.58
N THR G 366 -40.13 -0.44 81.93
CA THR G 366 -41.53 -0.82 81.78
C THR G 366 -41.84 -1.12 80.33
N ARG G 367 -41.13 -0.42 79.48
CA ARG G 367 -41.45 -0.25 78.11
C ARG G 367 -40.91 -1.40 77.26
N ILE G 368 -39.87 -2.11 77.75
CA ILE G 368 -39.41 -3.41 77.20
C ILE G 368 -40.20 -4.63 77.74
N THR G 369 -40.94 -4.49 78.84
CA THR G 369 -41.62 -5.67 79.43
C THR G 369 -43.16 -5.54 79.31
N GLN H 2 -9.02 -23.23 38.50
CA GLN H 2 -8.73 -22.84 37.13
C GLN H 2 -9.96 -22.97 36.23
N VAL H 3 -10.41 -21.84 35.70
CA VAL H 3 -11.55 -21.80 34.78
C VAL H 3 -11.09 -22.25 33.40
N GLN H 4 -11.88 -23.12 32.76
CA GLN H 4 -11.59 -23.62 31.42
C GLN H 4 -12.87 -23.68 30.62
N LEU H 5 -12.76 -23.37 29.32
CA LEU H 5 -13.87 -23.45 28.37
C LEU H 5 -13.39 -24.30 27.19
N GLN H 6 -13.60 -25.61 27.27
CA GLN H 6 -13.11 -26.53 26.26
C GLN H 6 -14.01 -26.52 25.03
N GLN H 7 -13.43 -26.16 23.88
CA GLN H 7 -14.04 -26.17 22.57
C GLN H 7 -13.28 -27.13 21.67
N PRO H 8 -13.94 -27.80 20.72
CA PRO H 8 -13.21 -28.57 19.72
C PRO H 8 -12.36 -27.67 18.83
N GLY H 9 -11.22 -28.21 18.40
CA GLY H 9 -10.26 -27.41 17.65
C GLY H 9 -10.82 -26.84 16.35
N SER H 10 -11.49 -27.67 15.57
CA SER H 10 -12.00 -27.27 14.27
C SER H 10 -13.07 -28.25 13.81
N GLU H 11 -14.01 -27.76 13.01
CA GLU H 11 -14.96 -28.64 12.36
C GLU H 11 -15.08 -28.25 10.89
N LEU H 12 -15.11 -29.26 10.03
CA LEU H 12 -15.14 -29.06 8.58
C LEU H 12 -16.50 -29.46 8.08
N VAL H 13 -17.16 -28.57 7.36
CA VAL H 13 -18.56 -28.73 7.03
C VAL H 13 -18.80 -28.20 5.61
N ARG H 14 -19.94 -28.57 5.03
CA ARG H 14 -20.23 -28.18 3.66
C ARG H 14 -21.53 -27.39 3.53
N PRO H 15 -21.65 -26.58 2.47
CA PRO H 15 -22.74 -25.60 2.42
C PRO H 15 -24.11 -26.24 2.53
N GLY H 16 -25.03 -25.50 3.14
CA GLY H 16 -26.35 -26.00 3.41
C GLY H 16 -26.44 -26.93 4.59
N ALA H 17 -25.33 -27.43 5.11
CA ALA H 17 -25.37 -28.38 6.22
C ALA H 17 -25.65 -27.65 7.54
N SER H 18 -25.50 -28.38 8.64
CA SER H 18 -25.66 -27.84 9.96
C SER H 18 -24.43 -28.21 10.76
N VAL H 19 -24.13 -27.42 11.79
CA VAL H 19 -23.05 -27.73 12.73
C VAL H 19 -23.46 -27.30 14.12
N LYS H 20 -23.13 -28.13 15.10
CA LYS H 20 -23.45 -27.88 16.50
C LYS H 20 -22.13 -27.78 17.25
N LEU H 21 -21.81 -26.59 17.74
CA LEU H 21 -20.54 -26.41 18.43
C LEU H 21 -20.74 -26.46 19.93
N SER H 22 -19.78 -27.10 20.59
CA SER H 22 -19.82 -27.41 22.00
C SER H 22 -18.78 -26.57 22.71
N CYS H 23 -19.17 -26.07 23.87
CA CYS H 23 -18.31 -25.33 24.79
C CYS H 23 -18.48 -25.93 26.17
N LYS H 24 -17.37 -26.46 26.70
CA LYS H 24 -17.28 -27.28 27.91
C LYS H 24 -16.72 -26.42 29.03
N ALA H 25 -17.47 -26.25 30.13
CA ALA H 25 -17.04 -25.31 31.18
C ALA H 25 -16.68 -26.10 32.45
N SER H 26 -15.55 -25.75 33.07
CA SER H 26 -15.13 -26.33 34.34
C SER H 26 -14.48 -25.26 35.22
N GLY H 27 -14.39 -25.54 36.53
CA GLY H 27 -13.65 -24.65 37.43
C GLY H 27 -14.43 -23.47 37.98
N TYR H 28 -15.74 -23.44 37.82
CA TYR H 28 -16.60 -22.38 38.34
C TYR H 28 -18.02 -22.92 38.33
N THR H 29 -18.94 -22.12 38.85
CA THR H 29 -20.32 -22.57 38.95
C THR H 29 -21.04 -22.22 37.67
N PHE H 30 -21.29 -23.25 36.86
CA PHE H 30 -21.73 -23.06 35.49
C PHE H 30 -23.14 -22.48 35.38
N THR H 31 -24.01 -22.77 36.35
CA THR H 31 -25.40 -22.31 36.24
C THR H 31 -25.54 -20.81 36.50
N ASN H 32 -24.55 -20.16 37.10
CA ASN H 32 -24.66 -18.78 37.57
C ASN H 32 -23.89 -17.77 36.70
N SER H 33 -23.36 -18.18 35.54
CA SER H 33 -22.61 -17.28 34.65
C SER H 33 -23.21 -17.25 33.26
N TRP H 34 -23.53 -16.03 32.79
CA TRP H 34 -23.91 -15.82 31.41
C TRP H 34 -22.81 -16.34 30.49
N MET H 35 -23.23 -17.01 29.41
CA MET H 35 -22.29 -17.52 28.41
C MET H 35 -22.63 -16.90 27.05
N HIS H 36 -21.65 -16.23 26.45
CA HIS H 36 -21.77 -15.63 25.13
C HIS H 36 -21.08 -16.48 24.07
N TRP H 37 -21.47 -16.25 22.82
CA TRP H 37 -20.79 -16.80 21.64
C TRP H 37 -20.39 -15.66 20.72
N VAL H 38 -19.15 -15.70 20.25
CA VAL H 38 -18.58 -14.64 19.41
C VAL H 38 -17.99 -15.26 18.14
N LYS H 39 -18.27 -14.61 17.01
CA LYS H 39 -17.70 -15.00 15.72
C LYS H 39 -16.55 -14.07 15.38
N GLN H 40 -15.45 -14.62 14.92
CA GLN H 40 -14.31 -13.82 14.49
C GLN H 40 -13.92 -14.34 13.13
N ARG H 41 -14.29 -13.57 12.12
CA ARG H 41 -13.90 -13.93 10.78
C ARG H 41 -12.79 -13.03 10.27
N PRO H 42 -11.78 -13.54 9.58
CA PRO H 42 -10.77 -12.63 9.02
C PRO H 42 -11.43 -11.56 8.15
N GLY H 43 -11.13 -10.31 8.46
CA GLY H 43 -11.74 -9.19 7.77
C GLY H 43 -13.03 -8.67 8.37
N GLN H 44 -13.54 -9.31 9.43
CA GLN H 44 -14.76 -8.84 10.09
C GLN H 44 -14.61 -8.57 11.58
N GLY H 45 -13.39 -8.60 12.14
CA GLY H 45 -13.46 -8.28 13.56
C GLY H 45 -14.16 -9.34 14.39
N LEU H 46 -14.49 -8.95 15.62
CA LEU H 46 -15.21 -9.83 16.53
C LEU H 46 -16.65 -9.38 16.57
N GLU H 47 -17.56 -10.34 16.45
CA GLU H 47 -18.98 -10.05 16.40
C GLU H 47 -19.71 -10.91 17.42
N TRP H 48 -20.59 -10.27 18.18
CA TRP H 48 -21.40 -10.98 19.15
C TRP H 48 -22.52 -11.74 18.44
N ILE H 49 -22.65 -13.02 18.73
CA ILE H 49 -23.75 -13.85 18.21
C ILE H 49 -24.93 -13.87 19.15
N GLY H 50 -24.70 -14.16 20.42
CA GLY H 50 -25.79 -14.25 21.39
C GLY H 50 -25.30 -14.76 22.72
N ASN H 51 -26.26 -14.93 23.64
CA ASN H 51 -25.89 -15.40 24.97
C ASN H 51 -27.03 -16.20 25.60
N ILE H 52 -26.64 -17.07 26.53
CA ILE H 52 -27.56 -17.93 27.26
C ILE H 52 -27.17 -17.87 28.73
N PHE H 53 -28.17 -17.76 29.61
CA PHE H 53 -27.93 -17.95 31.04
C PHE H 53 -28.21 -19.41 31.36
N PRO H 54 -27.18 -20.21 31.63
CA PRO H 54 -27.40 -21.67 31.76
C PRO H 54 -28.39 -22.06 32.85
N GLY H 55 -28.56 -21.21 33.88
CA GLY H 55 -29.43 -21.57 34.99
C GLY H 55 -30.90 -21.62 34.63
N ASN H 56 -31.33 -20.83 33.65
CA ASN H 56 -32.73 -20.88 33.20
C ASN H 56 -32.92 -20.94 31.69
N GLY H 57 -31.84 -20.96 30.90
CA GLY H 57 -31.98 -21.13 29.47
C GLY H 57 -32.40 -19.88 28.73
N ASN H 58 -32.49 -18.75 29.42
CA ASN H 58 -32.82 -17.49 28.77
C ASN H 58 -31.75 -17.14 27.74
N THR H 59 -32.18 -16.55 26.63
CA THR H 59 -31.28 -16.23 25.56
C THR H 59 -31.53 -14.81 25.06
N ASN H 60 -30.49 -14.29 24.44
CA ASN H 60 -30.57 -13.12 23.59
C ASN H 60 -29.67 -13.39 22.41
N TYR H 61 -30.15 -12.98 21.23
CA TYR H 61 -29.46 -13.24 19.97
C TYR H 61 -28.94 -11.93 19.42
N ASP H 62 -27.78 -11.98 18.77
CA ASP H 62 -27.45 -10.93 17.85
C ASP H 62 -28.44 -10.98 16.70
N GLU H 63 -28.63 -9.84 16.05
CA GLU H 63 -29.80 -9.79 15.22
C GLU H 63 -29.51 -10.21 13.79
N ASN H 64 -28.24 -10.22 13.39
CA ASN H 64 -27.76 -10.89 12.19
C ASN H 64 -27.62 -12.40 12.40
N PHE H 65 -28.00 -12.92 13.58
CA PHE H 65 -27.89 -14.35 13.87
C PHE H 65 -29.18 -14.97 14.38
N LYS H 66 -30.24 -14.19 14.47
CA LYS H 66 -31.58 -14.72 14.63
C LYS H 66 -31.89 -15.71 13.52
N SER H 67 -32.63 -16.76 13.85
CA SER H 67 -33.08 -17.76 12.88
C SER H 67 -31.93 -18.50 12.18
N LYS H 68 -30.71 -18.35 12.65
CA LYS H 68 -29.66 -19.15 12.03
C LYS H 68 -28.67 -19.70 13.05
N ALA H 69 -28.62 -19.11 14.24
CA ALA H 69 -27.90 -19.62 15.40
C ALA H 69 -28.93 -19.98 16.46
N THR H 70 -28.71 -21.11 17.11
CA THR H 70 -29.54 -21.52 18.24
C THR H 70 -28.61 -21.93 19.37
N LEU H 71 -28.83 -21.33 20.54
CA LEU H 71 -28.02 -21.59 21.72
C LEU H 71 -28.82 -22.40 22.73
N THR H 72 -28.16 -23.39 23.31
CA THR H 72 -28.73 -24.34 24.25
C THR H 72 -27.68 -24.68 25.28
N VAL H 73 -28.13 -25.36 26.32
CA VAL H 73 -27.30 -25.72 27.45
C VAL H 73 -27.67 -27.12 27.90
N ASP H 74 -26.69 -27.90 28.33
CA ASP H 74 -26.95 -29.13 29.06
C ASP H 74 -26.49 -28.89 30.50
N THR H 75 -27.46 -28.55 31.37
CA THR H 75 -27.16 -28.22 32.77
C THR H 75 -26.32 -29.30 33.44
N SER H 76 -26.71 -30.57 33.28
CA SER H 76 -26.08 -31.64 34.03
C SER H 76 -24.64 -31.90 33.60
N SER H 77 -24.29 -31.67 32.34
CA SER H 77 -22.93 -31.86 31.88
C SER H 77 -22.14 -30.57 31.77
N ASN H 78 -22.76 -29.42 32.09
CA ASN H 78 -22.10 -28.11 32.16
C ASN H 78 -21.61 -27.65 30.80
N THR H 79 -22.42 -27.86 29.76
CA THR H 79 -22.01 -27.58 28.39
C THR H 79 -22.96 -26.61 27.72
N ALA H 80 -22.38 -25.61 27.05
CA ALA H 80 -23.11 -24.73 26.17
C ALA H 80 -22.98 -25.23 24.74
N TYR H 81 -24.05 -25.10 23.97
CA TYR H 81 -24.10 -25.55 22.58
C TYR H 81 -24.54 -24.41 21.69
N MET H 82 -23.89 -24.28 20.55
CA MET H 82 -24.39 -23.41 19.50
C MET H 82 -24.56 -24.23 18.24
N GLN H 83 -25.78 -24.25 17.72
CA GLN H 83 -26.06 -24.91 16.46
C GLN H 83 -26.24 -23.83 15.39
N LEU H 84 -25.42 -23.90 14.35
CA LEU H 84 -25.59 -23.06 13.16
C LEU H 84 -26.16 -23.94 12.05
N SER H 85 -27.33 -23.59 11.57
CA SER H 85 -28.00 -24.33 10.51
C SER H 85 -27.52 -23.80 9.14
N SER H 86 -27.97 -24.46 8.05
CA SER H 86 -27.82 -23.99 6.66
C SER H 86 -26.62 -23.07 6.39
N LEU H 87 -25.43 -23.60 6.58
CA LEU H 87 -24.17 -22.87 6.53
C LEU H 87 -23.82 -22.45 5.10
N THR H 88 -22.98 -21.42 5.01
CA THR H 88 -22.43 -20.92 3.75
C THR H 88 -20.95 -20.64 3.98
N SER H 89 -20.24 -20.36 2.90
CA SER H 89 -18.82 -20.06 2.99
C SER H 89 -18.55 -18.88 3.92
N GLU H 90 -19.48 -17.92 3.94
CA GLU H 90 -19.32 -16.70 4.72
C GLU H 90 -19.42 -16.93 6.22
N ASP H 91 -19.91 -18.09 6.65
CA ASP H 91 -19.94 -18.42 8.07
C ASP H 91 -18.62 -18.98 8.54
N SER H 92 -17.66 -19.16 7.64
CA SER H 92 -16.35 -19.68 8.00
C SER H 92 -15.67 -18.72 8.95
N ALA H 93 -15.46 -19.13 10.20
CA ALA H 93 -14.83 -18.25 11.16
C ALA H 93 -14.32 -19.06 12.32
N VAL H 94 -13.54 -18.40 13.16
CA VAL H 94 -13.30 -18.93 14.50
C VAL H 94 -14.48 -18.52 15.36
N TYR H 95 -15.09 -19.49 16.04
CA TYR H 95 -16.24 -19.25 16.90
C TYR H 95 -15.83 -19.50 18.35
N TYR H 96 -16.04 -18.49 19.20
CA TYR H 96 -15.65 -18.50 20.60
C TYR H 96 -16.87 -18.54 21.50
N CYS H 97 -16.73 -19.24 22.63
CA CYS H 97 -17.62 -19.03 23.77
C CYS H 97 -16.85 -18.29 24.85
N THR H 98 -17.53 -17.35 25.49
CA THR H 98 -16.88 -16.53 26.49
C THR H 98 -17.86 -16.27 27.63
N ARG H 99 -17.35 -16.37 28.86
CA ARG H 99 -18.14 -16.37 30.09
C ARG H 99 -18.15 -15.00 30.79
N GLY H 100 -19.29 -14.68 31.40
CA GLY H 100 -19.48 -13.45 32.15
C GLY H 100 -19.64 -12.30 31.19
N LEU H 101 -19.07 -11.16 31.52
CA LEU H 101 -18.99 -10.08 30.53
C LEU H 101 -17.70 -10.25 29.73
N PHE H 102 -17.72 -11.28 28.89
CA PHE H 102 -16.62 -11.58 27.98
C PHE H 102 -15.30 -11.63 28.75
N ALA H 103 -15.32 -12.30 29.91
CA ALA H 103 -14.23 -12.27 30.87
C ALA H 103 -13.18 -13.36 30.61
N TYR H 104 -13.61 -14.59 30.36
CA TYR H 104 -12.71 -15.68 29.98
C TYR H 104 -13.19 -16.35 28.69
N TRP H 105 -12.24 -16.67 27.81
CA TRP H 105 -12.57 -17.16 26.47
C TRP H 105 -12.03 -18.58 26.29
N GLY H 106 -12.87 -19.44 25.72
CA GLY H 106 -12.39 -20.71 25.21
C GLY H 106 -11.44 -20.54 24.05
N GLN H 107 -10.92 -21.70 23.62
CA GLN H 107 -9.93 -21.81 22.56
C GLN H 107 -10.52 -21.64 21.19
N GLY H 108 -11.85 -21.63 21.06
CA GLY H 108 -12.44 -21.31 19.77
C GLY H 108 -12.43 -22.49 18.81
N THR H 109 -13.53 -22.67 18.11
CA THR H 109 -13.63 -23.68 17.07
C THR H 109 -13.53 -23.01 15.70
N LEU H 110 -12.59 -23.45 14.89
CA LEU H 110 -12.46 -22.93 13.53
C LEU H 110 -13.42 -23.74 12.67
N VAL H 111 -14.47 -23.09 12.17
CA VAL H 111 -15.43 -23.74 11.28
C VAL H 111 -15.08 -23.35 9.85
N THR H 112 -14.85 -24.35 9.00
CA THR H 112 -14.53 -24.11 7.60
C THR H 112 -15.66 -24.69 6.75
N VAL H 113 -16.39 -23.81 6.06
CA VAL H 113 -17.45 -24.22 5.12
C VAL H 113 -16.84 -24.11 3.73
N SER H 114 -16.18 -25.17 3.28
CA SER H 114 -15.35 -25.05 2.10
C SER H 114 -16.03 -25.75 0.95
N ASP H 131 -26.00 -1.34 17.32
CA ASP H 131 -26.35 0.08 17.24
C ASP H 131 -25.23 1.02 17.81
N ILE H 132 -24.47 0.60 18.81
CA ILE H 132 -23.35 1.42 19.29
C ILE H 132 -22.11 1.10 18.47
N VAL H 133 -21.37 2.14 18.09
CA VAL H 133 -20.18 2.03 17.25
C VAL H 133 -18.95 2.39 18.06
N MET H 134 -17.93 1.53 17.99
CA MET H 134 -16.68 1.72 18.74
C MET H 134 -15.53 1.98 17.77
N THR H 135 -14.94 3.16 17.86
CA THR H 135 -13.87 3.56 16.95
C THR H 135 -12.53 3.44 17.69
N GLN H 136 -11.71 2.50 17.26
CA GLN H 136 -10.40 2.26 17.82
C GLN H 136 -9.35 2.83 16.90
N SER H 137 -8.27 3.34 17.48
CA SER H 137 -7.21 3.92 16.66
C SER H 137 -5.92 3.92 17.45
N PRO H 138 -4.76 3.82 16.77
CA PRO H 138 -4.62 3.61 15.33
C PRO H 138 -4.93 2.17 14.95
N SER H 139 -5.25 1.89 13.68
CA SER H 139 -5.59 0.53 13.33
C SER H 139 -4.36 -0.38 13.37
N SER H 140 -3.17 0.19 13.21
CA SER H 140 -1.94 -0.56 13.39
C SER H 140 -0.84 0.38 13.85
N LEU H 141 0.16 -0.18 14.53
CA LEU H 141 1.23 0.65 15.08
C LEU H 141 2.45 -0.20 15.35
N ALA H 142 3.63 0.37 15.12
CA ALA H 142 4.91 -0.33 15.29
C ALA H 142 5.83 0.47 16.21
N MET H 143 6.16 -0.08 17.38
CA MET H 143 7.00 0.61 18.37
C MET H 143 8.20 -0.25 18.75
N SER H 144 9.20 0.39 19.36
CA SER H 144 10.37 -0.32 19.84
C SER H 144 10.20 -0.68 21.32
N VAL H 145 10.95 -1.68 21.77
CA VAL H 145 10.90 -2.04 23.19
C VAL H 145 11.27 -0.84 24.07
N GLY H 146 10.51 -0.65 25.17
CA GLY H 146 10.75 0.41 26.14
C GLY H 146 9.90 1.65 25.96
N GLN H 147 9.26 1.78 24.81
CA GLN H 147 8.53 2.94 24.31
C GLN H 147 7.13 2.94 24.95
N LYS H 148 6.52 4.11 25.02
CA LYS H 148 5.16 4.23 25.56
C LYS H 148 4.18 4.09 24.41
N VAL H 149 3.13 3.29 24.59
CA VAL H 149 2.13 3.02 23.56
C VAL H 149 0.77 3.53 24.04
N THR H 150 0.05 4.27 23.19
CA THR H 150 -1.27 4.80 23.51
C THR H 150 -2.30 4.34 22.48
N MET H 151 -3.33 3.63 22.93
CA MET H 151 -4.41 3.17 22.06
C MET H 151 -5.72 3.81 22.49
N SER H 152 -6.45 4.35 21.53
CA SER H 152 -7.68 5.07 21.81
C SER H 152 -8.90 4.25 21.40
N CYS H 153 -10.00 4.51 22.09
CA CYS H 153 -11.26 3.84 21.82
C CYS H 153 -12.34 4.83 22.16
N LYS H 154 -13.15 5.21 21.18
CA LYS H 154 -14.19 6.21 21.34
C LYS H 154 -15.53 5.60 20.98
N SER H 155 -16.52 5.88 21.82
CA SER H 155 -17.84 5.27 21.76
C SER H 155 -18.83 6.26 21.15
N SER H 156 -19.80 5.73 20.42
CA SER H 156 -20.84 6.58 19.86
C SER H 156 -21.86 7.04 20.90
N GLN H 157 -21.89 6.41 22.08
CA GLN H 157 -22.79 6.80 23.16
C GLN H 157 -22.04 6.62 24.48
N SER H 158 -22.43 7.39 25.49
CA SER H 158 -21.82 7.23 26.79
C SER H 158 -22.07 5.84 27.36
N LEU H 159 -21.07 5.32 28.07
CA LEU H 159 -21.13 4.02 28.74
C LEU H 159 -21.05 4.16 30.26
N LEU H 160 -21.55 5.27 30.82
CA LEU H 160 -21.44 5.60 32.24
C LEU H 160 -22.78 5.49 32.97
N ILE H 161 -22.70 5.18 34.26
CA ILE H 161 -23.85 5.12 35.20
C ILE H 161 -23.86 6.31 36.16
N ASN H 162 -23.02 7.32 35.91
CA ASN H 162 -23.01 8.56 36.68
C ASN H 162 -22.82 8.30 38.18
N LYS H 166 -19.44 4.13 37.01
CA LYS H 166 -19.02 2.85 36.41
C LYS H 166 -19.11 2.81 34.85
N ASN H 167 -17.97 2.62 34.20
CA ASN H 167 -17.90 2.59 32.74
C ASN H 167 -17.85 1.14 32.25
N TYR H 168 -18.84 0.76 31.43
CA TYR H 168 -18.95 -0.60 30.88
C TYR H 168 -18.07 -0.70 29.63
N LEU H 169 -16.77 -0.84 29.85
CA LEU H 169 -15.79 -0.91 28.79
C LEU H 169 -14.60 -1.75 29.26
N ALA H 170 -14.14 -2.66 28.40
CA ALA H 170 -13.01 -3.51 28.71
C ALA H 170 -12.03 -3.51 27.55
N TRP H 171 -10.83 -4.00 27.82
CA TRP H 171 -9.75 -4.10 26.85
C TRP H 171 -9.26 -5.52 26.80
N TYR H 172 -8.95 -6.00 25.59
CA TYR H 172 -8.53 -7.38 25.34
C TYR H 172 -7.23 -7.41 24.58
N GLN H 173 -6.44 -8.45 24.84
CA GLN H 173 -5.20 -8.69 24.13
C GLN H 173 -5.32 -10.05 23.45
N GLN H 174 -5.02 -10.09 22.16
CA GLN H 174 -5.04 -11.32 21.38
C GLN H 174 -3.69 -11.47 20.69
N LYS H 175 -2.85 -12.33 21.25
CA LYS H 175 -1.60 -12.70 20.62
C LYS H 175 -1.84 -13.67 19.48
N PRO H 176 -0.91 -13.78 18.53
CA PRO H 176 -1.18 -14.55 17.31
C PRO H 176 -1.53 -16.00 17.61
N GLY H 177 -2.61 -16.47 16.98
CA GLY H 177 -3.06 -17.84 17.13
C GLY H 177 -3.75 -18.18 18.42
N GLN H 178 -3.94 -17.22 19.32
CA GLN H 178 -4.60 -17.47 20.60
C GLN H 178 -5.90 -16.70 20.72
N SER H 179 -6.67 -17.07 21.73
CA SER H 179 -7.95 -16.44 22.02
C SER H 179 -7.75 -15.10 22.73
N PRO H 180 -8.78 -14.25 22.78
CA PRO H 180 -8.66 -12.97 23.50
C PRO H 180 -8.49 -13.13 25.01
N LYS H 181 -7.76 -12.19 25.60
CA LYS H 181 -7.32 -12.15 27.01
C LYS H 181 -7.66 -10.80 27.63
N LEU H 182 -8.57 -10.78 28.61
CA LEU H 182 -9.00 -9.53 29.23
C LEU H 182 -7.82 -8.87 29.95
N LEU H 183 -7.53 -7.61 29.60
CA LEU H 183 -6.47 -6.87 30.26
C LEU H 183 -7.02 -6.00 31.38
N VAL H 184 -8.04 -5.22 31.09
CA VAL H 184 -8.67 -4.33 32.05
C VAL H 184 -10.17 -4.33 31.76
N TYR H 185 -10.97 -4.40 32.81
CA TYR H 185 -12.42 -4.30 32.70
C TYR H 185 -12.93 -3.15 33.54
N PHE H 186 -14.17 -2.76 33.29
CA PHE H 186 -14.77 -1.57 33.90
C PHE H 186 -13.83 -0.38 33.74
N ALA H 187 -13.34 -0.23 32.51
CA ALA H 187 -12.51 0.87 32.04
C ALA H 187 -11.14 0.91 32.69
N SER H 188 -11.07 0.80 34.02
CA SER H 188 -9.83 1.08 34.73
C SER H 188 -9.32 -0.07 35.60
N THR H 189 -10.16 -1.04 35.94
CA THR H 189 -9.77 -2.10 36.87
C THR H 189 -8.96 -3.13 36.09
N ARG H 190 -7.67 -3.21 36.39
CA ARG H 190 -6.82 -4.21 35.77
C ARG H 190 -7.16 -5.61 36.26
N GLU H 191 -7.25 -6.56 35.32
CA GLU H 191 -7.54 -7.94 35.66
C GLU H 191 -6.32 -8.61 36.28
N SER H 192 -6.58 -9.64 37.09
CA SER H 192 -5.55 -10.35 37.85
C SER H 192 -4.49 -10.98 36.95
N GLY H 193 -3.23 -10.74 37.27
CA GLY H 193 -2.15 -11.39 36.55
C GLY H 193 -1.58 -10.60 35.40
N VAL H 194 -2.31 -9.67 34.82
CA VAL H 194 -1.74 -8.86 33.73
C VAL H 194 -0.77 -7.84 34.31
N PRO H 195 0.45 -7.72 33.77
CA PRO H 195 1.42 -6.73 34.26
C PRO H 195 0.85 -5.33 34.41
N ASP H 196 1.44 -4.55 35.31
CA ASP H 196 1.01 -3.16 35.55
C ASP H 196 1.47 -2.20 34.48
N ARG H 197 2.24 -2.65 33.48
CA ARG H 197 2.53 -1.84 32.28
C ARG H 197 1.24 -1.39 31.59
N PHE H 198 0.17 -2.17 31.70
CA PHE H 198 -1.11 -1.87 31.06
C PHE H 198 -1.98 -1.03 31.98
N ILE H 199 -2.38 0.15 31.51
CA ILE H 199 -3.22 1.09 32.26
C ILE H 199 -4.37 1.56 31.39
N GLY H 200 -5.59 1.18 31.78
CA GLY H 200 -6.79 1.72 31.17
C GLY H 200 -7.27 2.96 31.92
N SER H 201 -7.74 3.93 31.15
CA SER H 201 -8.20 5.20 31.69
C SER H 201 -9.29 5.75 30.76
N GLY H 202 -9.94 6.82 31.20
CA GLY H 202 -10.98 7.45 30.43
C GLY H 202 -12.36 7.17 31.01
N SER H 203 -13.38 7.79 30.40
CA SER H 203 -14.72 7.61 30.93
C SER H 203 -15.72 8.16 29.92
N GLY H 204 -16.95 7.64 30.01
CA GLY H 204 -18.05 8.12 29.21
C GLY H 204 -17.97 7.68 27.77
N THR H 205 -17.27 8.45 26.96
CA THR H 205 -17.17 8.20 25.54
C THR H 205 -15.74 8.01 25.06
N ASP H 206 -14.75 8.57 25.74
CA ASP H 206 -13.35 8.53 25.31
C ASP H 206 -12.51 7.71 26.28
N PHE H 207 -11.87 6.66 25.75
CA PHE H 207 -11.08 5.73 26.55
C PHE H 207 -9.72 5.51 25.92
N THR H 208 -8.74 5.15 26.76
CA THR H 208 -7.36 4.94 26.33
C THR H 208 -6.81 3.71 27.02
N LEU H 209 -6.01 2.93 26.29
CA LEU H 209 -5.20 1.88 26.91
C LEU H 209 -3.75 2.22 26.68
N THR H 210 -3.00 2.35 27.78
CA THR H 210 -1.60 2.75 27.75
C THR H 210 -0.73 1.58 28.16
N ILE H 211 0.34 1.35 27.41
CA ILE H 211 1.43 0.49 27.81
C ILE H 211 2.57 1.42 28.20
N SER H 212 2.87 1.50 29.49
CA SER H 212 3.84 2.49 29.94
C SER H 212 5.22 2.22 29.35
N SER H 213 5.58 0.94 29.19
CA SER H 213 6.87 0.58 28.59
C SER H 213 6.68 -0.75 27.85
N VAL H 214 6.47 -0.67 26.54
CA VAL H 214 6.17 -1.88 25.77
C VAL H 214 7.36 -2.84 25.79
N GLN H 215 7.07 -4.14 25.77
CA GLN H 215 8.06 -5.21 25.65
C GLN H 215 7.65 -6.17 24.53
N ALA H 216 8.57 -7.10 24.19
CA ALA H 216 8.37 -7.98 23.03
C ALA H 216 7.15 -8.87 23.18
N GLU H 217 6.90 -9.37 24.40
CA GLU H 217 5.66 -10.08 24.69
C GLU H 217 4.42 -9.35 24.24
N ASP H 218 4.49 -8.03 24.07
CA ASP H 218 3.25 -7.31 23.85
C ASP H 218 2.83 -7.31 22.39
N LEU H 219 3.58 -7.98 21.51
CA LEU H 219 3.18 -8.20 20.12
C LEU H 219 1.84 -8.91 20.15
N ALA H 220 0.79 -8.22 19.68
CA ALA H 220 -0.56 -8.74 19.73
C ALA H 220 -1.53 -7.77 19.08
N ASP H 221 -2.79 -8.15 18.99
CA ASP H 221 -3.88 -7.28 18.58
C ASP H 221 -4.72 -6.91 19.80
N TYR H 222 -4.97 -5.62 19.99
CA TYR H 222 -5.65 -5.11 21.17
C TYR H 222 -7.02 -4.57 20.79
N PHE H 223 -8.08 -5.14 21.36
CA PHE H 223 -9.45 -4.71 21.10
C PHE H 223 -10.05 -4.04 22.34
N CYS H 224 -10.78 -2.97 22.13
CA CYS H 224 -11.71 -2.52 23.16
C CYS H 224 -13.08 -3.11 22.86
N GLN H 225 -13.88 -3.26 23.92
CA GLN H 225 -15.26 -3.73 23.73
C GLN H 225 -16.16 -3.04 24.75
N GLN H 226 -17.32 -2.55 24.28
CA GLN H 226 -18.30 -2.02 25.20
C GLN H 226 -19.14 -3.16 25.76
N HIS H 227 -19.48 -3.08 27.06
CA HIS H 227 -20.27 -4.08 27.74
C HIS H 227 -21.61 -3.50 28.21
N PHE H 228 -22.04 -2.39 27.61
CA PHE H 228 -23.23 -1.67 28.03
C PHE H 228 -24.51 -2.41 27.61
N THR H 229 -24.70 -2.58 26.31
CA THR H 229 -25.90 -3.19 25.74
C THR H 229 -25.51 -4.02 24.53
N ALA H 230 -26.39 -4.95 24.17
CA ALA H 230 -26.21 -5.67 22.93
C ALA H 230 -26.07 -4.65 21.79
N PRO H 231 -25.23 -4.92 20.79
CA PRO H 231 -24.53 -6.19 20.56
C PRO H 231 -23.13 -6.22 21.15
N TYR H 232 -22.88 -5.50 22.25
CA TYR H 232 -21.61 -5.59 22.95
C TYR H 232 -20.45 -5.38 21.99
N THR H 233 -20.49 -4.23 21.34
CA THR H 233 -19.67 -3.97 20.14
C THR H 233 -18.17 -4.01 20.44
N PHE H 234 -17.42 -4.65 19.56
CA PHE H 234 -15.98 -4.59 19.61
C PHE H 234 -15.49 -3.44 18.74
N GLY H 235 -14.33 -2.89 19.11
CA GLY H 235 -13.63 -1.97 18.25
C GLY H 235 -12.79 -2.69 17.22
N GLY H 236 -12.33 -1.93 16.22
CA GLY H 236 -11.60 -2.51 15.12
C GLY H 236 -10.23 -3.06 15.47
N GLY H 237 -9.71 -2.74 16.65
CA GLY H 237 -8.43 -3.29 17.06
C GLY H 237 -7.28 -2.37 16.73
N THR H 238 -6.20 -2.55 17.49
CA THR H 238 -4.91 -1.94 17.22
C THR H 238 -3.95 -3.10 17.04
N LYS H 239 -3.44 -3.28 15.83
CA LYS H 239 -2.45 -4.33 15.60
C LYS H 239 -1.12 -3.77 16.04
N LEU H 240 -0.63 -4.24 17.19
CA LEU H 240 0.62 -3.71 17.74
C LEU H 240 1.77 -4.66 17.41
N GLU H 241 2.80 -4.13 16.77
CA GLU H 241 3.99 -4.89 16.44
C GLU H 241 5.20 -4.24 17.11
N ILE H 242 6.18 -5.08 17.45
CA ILE H 242 7.34 -4.68 18.23
C ILE H 242 8.58 -4.93 17.39
N LYS H 243 9.50 -3.98 17.39
CA LYS H 243 10.73 -4.09 16.62
C LYS H 243 11.76 -4.91 17.40
N ARG H 244 12.82 -5.34 16.71
CA ARG H 244 13.73 -6.35 17.28
C ARG H 244 15.11 -5.82 17.70
#